data_4KSG
# 
_entry.id   4KSG 
# 
_audit_conform.dict_name       mmcif_pdbx.dic 
_audit_conform.dict_version    5.387 
_audit_conform.dict_location   http://mmcif.pdb.org/dictionaries/ascii/mmcif_pdbx.dic 
# 
loop_
_database_2.database_id 
_database_2.database_code 
_database_2.pdbx_database_accession 
_database_2.pdbx_DOI 
PDB   4KSG         pdb_00004ksg 10.2210/pdb4ksg/pdb 
RCSB  RCSB079737   ?            ?                   
WWPDB D_1000079737 ?            ?                   
# 
loop_
_pdbx_audit_revision_history.ordinal 
_pdbx_audit_revision_history.data_content_type 
_pdbx_audit_revision_history.major_revision 
_pdbx_audit_revision_history.minor_revision 
_pdbx_audit_revision_history.revision_date 
1 'Structure model' 1 0 2014-01-15 
2 'Structure model' 1 1 2014-12-10 
3 'Structure model' 1 2 2024-02-28 
# 
_pdbx_audit_revision_details.ordinal             1 
_pdbx_audit_revision_details.revision_ordinal    1 
_pdbx_audit_revision_details.data_content_type   'Structure model' 
_pdbx_audit_revision_details.provider            repository 
_pdbx_audit_revision_details.type                'Initial release' 
_pdbx_audit_revision_details.description         ? 
_pdbx_audit_revision_details.details             ? 
# 
loop_
_pdbx_audit_revision_group.ordinal 
_pdbx_audit_revision_group.revision_ordinal 
_pdbx_audit_revision_group.data_content_type 
_pdbx_audit_revision_group.group 
1 2 'Structure model' 'Structure summary'    
2 3 'Structure model' 'Data collection'      
3 3 'Structure model' 'Database references'  
4 3 'Structure model' 'Derived calculations' 
# 
loop_
_pdbx_audit_revision_category.ordinal 
_pdbx_audit_revision_category.revision_ordinal 
_pdbx_audit_revision_category.data_content_type 
_pdbx_audit_revision_category.category 
1 3 'Structure model' chem_comp_atom     
2 3 'Structure model' chem_comp_bond     
3 3 'Structure model' database_2         
4 3 'Structure model' struct_ref_seq_dif 
5 3 'Structure model' struct_site        
# 
loop_
_pdbx_audit_revision_item.ordinal 
_pdbx_audit_revision_item.revision_ordinal 
_pdbx_audit_revision_item.data_content_type 
_pdbx_audit_revision_item.item 
1 3 'Structure model' '_database_2.pdbx_DOI'                
2 3 'Structure model' '_database_2.pdbx_database_accession' 
3 3 'Structure model' '_struct_ref_seq_dif.details'         
4 3 'Structure model' '_struct_site.pdbx_auth_asym_id'      
5 3 'Structure model' '_struct_site.pdbx_auth_comp_id'      
6 3 'Structure model' '_struct_site.pdbx_auth_seq_id'       
# 
_pdbx_database_status.status_code                     REL 
_pdbx_database_status.entry_id                        4KSG 
_pdbx_database_status.recvd_initial_deposition_date   2013-05-17 
_pdbx_database_status.deposit_site                    RCSB 
_pdbx_database_status.process_site                    RCSB 
_pdbx_database_status.status_code_sf                  REL 
_pdbx_database_status.status_code_mr                  ? 
_pdbx_database_status.SG_entry                        ? 
_pdbx_database_status.status_code_cs                  ? 
_pdbx_database_status.methods_development_category    ? 
_pdbx_database_status.pdb_format_compatible           Y 
_pdbx_database_status.status_code_nmr_data            ? 
# 
loop_
_pdbx_database_related.db_name 
_pdbx_database_related.db_id 
_pdbx_database_related.details 
_pdbx_database_related.content_type 
PDB 4GEE . unspecified 
PDB 4K40 . unspecified 
PDB 4KQV . unspecified 
PDB 4KFG . unspecified 
PDB 4K4O . unspecified 
# 
loop_
_audit_author.name 
_audit_author.pdbx_ordinal 
'Bensen, D.C.'        1 
'Akers-Rodriguez, S.' 2 
'Tari, L.W.'          3 
# 
_citation.id                        primary 
_citation.title                     
;A new class of type iia topoisomerase inhibitors with
         broad-spectrum antibacterial activity
;
_citation.journal_abbrev            'To be Published' 
_citation.journal_volume            ? 
_citation.page_first                ? 
_citation.page_last                 ? 
_citation.year                      ? 
_citation.journal_id_ASTM           ? 
_citation.country                   ? 
_citation.journal_id_ISSN           ? 
_citation.journal_id_CSD            0353 
_citation.book_publisher            ? 
_citation.pdbx_database_id_PubMed   ? 
_citation.pdbx_database_id_DOI      ? 
# 
loop_
_citation_author.citation_id 
_citation_author.name 
_citation_author.ordinal 
_citation_author.identifier_ORCID 
primary 'Tari, L.W.'   1 ? 
primary 'Bensen, D.C.' 2 ? 
primary 'Finn, J.'     3 ? 
# 
loop_
_entity.id 
_entity.type 
_entity.src_method 
_entity.pdbx_description 
_entity.formula_weight 
_entity.pdbx_number_of_molecules 
_entity.pdbx_ec 
_entity.pdbx_mutation 
_entity.pdbx_fragment 
_entity.details 
1 polymer     man 'DNA gyrase subunit B' 23835.613 1   5.99.1.3 ? 'unp residues 18-224' ? 
2 non-polymer syn 
;4-[(1S,5R,6R)-6-amino-1-methyl-3-azabicyclo[3.2.0]hept-3-yl]-6-fluoro-N-methyl-2-[(2-methylpyrimidin-5-yl)oxy]-9H-pyrimido[4,5-b]indol-8-amine
;
448.496   1   ?        ? ?                     ? 
3 non-polymer syn 'TERTIARY-BUTYL ALCOHOL' 74.122    1   ?        ? ?                     ? 
4 water       nat water 18.015    162 ?        ? ?                     ? 
# 
_entity_poly.entity_id                      1 
_entity_poly.type                           'polypeptide(L)' 
_entity_poly.nstd_linkage                   no 
_entity_poly.nstd_monomer                   no 
_entity_poly.pdbx_seq_one_letter_code       
;GLEAVRKRPGMYIGSTSGEGLHHLVWEIVDNSIDEALAGFAKSIQVIIEPDDSITVIDDGRGIPVGIQAKTGRPAVETVF
TVLHAGGKFGGGGYKVSGGLHGVGSSVVNALSTSLDVRVYKDGKVYYQEYRRGAVVDDLKVIEETDRHGTTVHFIPDPEI
FTETTVYDFDKLATRVRELAFLNRGLHISIEDRREGQEDKKEYHYEGLEHHHHHH
;
_entity_poly.pdbx_seq_one_letter_code_can   
;GLEAVRKRPGMYIGSTSGEGLHHLVWEIVDNSIDEALAGFAKSIQVIIEPDDSITVIDDGRGIPVGIQAKTGRPAVETVF
TVLHAGGKFGGGGYKVSGGLHGVGSSVVNALSTSLDVRVYKDGKVYYQEYRRGAVVDDLKVIEETDRHGTTVHFIPDPEI
FTETTVYDFDKLATRVRELAFLNRGLHISIEDRREGQEDKKEYHYEGLEHHHHHH
;
_entity_poly.pdbx_strand_id                 A 
_entity_poly.pdbx_target_identifier         ? 
# 
loop_
_pdbx_entity_nonpoly.entity_id 
_pdbx_entity_nonpoly.name 
_pdbx_entity_nonpoly.comp_id 
2 
;4-[(1S,5R,6R)-6-amino-1-methyl-3-azabicyclo[3.2.0]hept-3-yl]-6-fluoro-N-methyl-2-[(2-methylpyrimidin-5-yl)oxy]-9H-pyrimido[4,5-b]indol-8-amine
;
920 
3 'TERTIARY-BUTYL ALCOHOL' TBU 
4 water HOH 
# 
loop_
_entity_poly_seq.entity_id 
_entity_poly_seq.num 
_entity_poly_seq.mon_id 
_entity_poly_seq.hetero 
1 1   GLY n 
1 2   LEU n 
1 3   GLU n 
1 4   ALA n 
1 5   VAL n 
1 6   ARG n 
1 7   LYS n 
1 8   ARG n 
1 9   PRO n 
1 10  GLY n 
1 11  MET n 
1 12  TYR n 
1 13  ILE n 
1 14  GLY n 
1 15  SER n 
1 16  THR n 
1 17  SER n 
1 18  GLY n 
1 19  GLU n 
1 20  GLY n 
1 21  LEU n 
1 22  HIS n 
1 23  HIS n 
1 24  LEU n 
1 25  VAL n 
1 26  TRP n 
1 27  GLU n 
1 28  ILE n 
1 29  VAL n 
1 30  ASP n 
1 31  ASN n 
1 32  SER n 
1 33  ILE n 
1 34  ASP n 
1 35  GLU n 
1 36  ALA n 
1 37  LEU n 
1 38  ALA n 
1 39  GLY n 
1 40  PHE n 
1 41  ALA n 
1 42  LYS n 
1 43  SER n 
1 44  ILE n 
1 45  GLN n 
1 46  VAL n 
1 47  ILE n 
1 48  ILE n 
1 49  GLU n 
1 50  PRO n 
1 51  ASP n 
1 52  ASP n 
1 53  SER n 
1 54  ILE n 
1 55  THR n 
1 56  VAL n 
1 57  ILE n 
1 58  ASP n 
1 59  ASP n 
1 60  GLY n 
1 61  ARG n 
1 62  GLY n 
1 63  ILE n 
1 64  PRO n 
1 65  VAL n 
1 66  GLY n 
1 67  ILE n 
1 68  GLN n 
1 69  ALA n 
1 70  LYS n 
1 71  THR n 
1 72  GLY n 
1 73  ARG n 
1 74  PRO n 
1 75  ALA n 
1 76  VAL n 
1 77  GLU n 
1 78  THR n 
1 79  VAL n 
1 80  PHE n 
1 81  THR n 
1 82  VAL n 
1 83  LEU n 
1 84  HIS n 
1 85  ALA n 
1 86  GLY n 
1 87  GLY n 
1 88  LYS n 
1 89  PHE n 
1 90  GLY n 
1 91  GLY n 
1 92  GLY n 
1 93  GLY n 
1 94  TYR n 
1 95  LYS n 
1 96  VAL n 
1 97  SER n 
1 98  GLY n 
1 99  GLY n 
1 100 LEU n 
1 101 HIS n 
1 102 GLY n 
1 103 VAL n 
1 104 GLY n 
1 105 SER n 
1 106 SER n 
1 107 VAL n 
1 108 VAL n 
1 109 ASN n 
1 110 ALA n 
1 111 LEU n 
1 112 SER n 
1 113 THR n 
1 114 SER n 
1 115 LEU n 
1 116 ASP n 
1 117 VAL n 
1 118 ARG n 
1 119 VAL n 
1 120 TYR n 
1 121 LYS n 
1 122 ASP n 
1 123 GLY n 
1 124 LYS n 
1 125 VAL n 
1 126 TYR n 
1 127 TYR n 
1 128 GLN n 
1 129 GLU n 
1 130 TYR n 
1 131 ARG n 
1 132 ARG n 
1 133 GLY n 
1 134 ALA n 
1 135 VAL n 
1 136 VAL n 
1 137 ASP n 
1 138 ASP n 
1 139 LEU n 
1 140 LYS n 
1 141 VAL n 
1 142 ILE n 
1 143 GLU n 
1 144 GLU n 
1 145 THR n 
1 146 ASP n 
1 147 ARG n 
1 148 HIS n 
1 149 GLY n 
1 150 THR n 
1 151 THR n 
1 152 VAL n 
1 153 HIS n 
1 154 PHE n 
1 155 ILE n 
1 156 PRO n 
1 157 ASP n 
1 158 PRO n 
1 159 GLU n 
1 160 ILE n 
1 161 PHE n 
1 162 THR n 
1 163 GLU n 
1 164 THR n 
1 165 THR n 
1 166 VAL n 
1 167 TYR n 
1 168 ASP n 
1 169 PHE n 
1 170 ASP n 
1 171 LYS n 
1 172 LEU n 
1 173 ALA n 
1 174 THR n 
1 175 ARG n 
1 176 VAL n 
1 177 ARG n 
1 178 GLU n 
1 179 LEU n 
1 180 ALA n 
1 181 PHE n 
1 182 LEU n 
1 183 ASN n 
1 184 ARG n 
1 185 GLY n 
1 186 LEU n 
1 187 HIS n 
1 188 ILE n 
1 189 SER n 
1 190 ILE n 
1 191 GLU n 
1 192 ASP n 
1 193 ARG n 
1 194 ARG n 
1 195 GLU n 
1 196 GLY n 
1 197 GLN n 
1 198 GLU n 
1 199 ASP n 
1 200 LYS n 
1 201 LYS n 
1 202 GLU n 
1 203 TYR n 
1 204 HIS n 
1 205 TYR n 
1 206 GLU n 
1 207 GLY n 
1 208 LEU n 
1 209 GLU n 
1 210 HIS n 
1 211 HIS n 
1 212 HIS n 
1 213 HIS n 
1 214 HIS n 
1 215 HIS n 
# 
_entity_src_gen.entity_id                          1 
_entity_src_gen.pdbx_src_id                        1 
_entity_src_gen.pdbx_alt_source_flag               sample 
_entity_src_gen.pdbx_seq_type                      ? 
_entity_src_gen.pdbx_beg_seq_num                   ? 
_entity_src_gen.pdbx_end_seq_num                   ? 
_entity_src_gen.gene_src_common_name               ? 
_entity_src_gen.gene_src_genus                     ? 
_entity_src_gen.pdbx_gene_src_gene                 'EF_0005, gyrB' 
_entity_src_gen.gene_src_species                   ? 
_entity_src_gen.gene_src_strain                    'ATCC 700802 / V583' 
_entity_src_gen.gene_src_tissue                    ? 
_entity_src_gen.gene_src_tissue_fraction           ? 
_entity_src_gen.gene_src_details                   ? 
_entity_src_gen.pdbx_gene_src_fragment             ? 
_entity_src_gen.pdbx_gene_src_scientific_name      'Enterococcus faecalis' 
_entity_src_gen.pdbx_gene_src_ncbi_taxonomy_id     226185 
_entity_src_gen.pdbx_gene_src_variant              ? 
_entity_src_gen.pdbx_gene_src_cell_line            ? 
_entity_src_gen.pdbx_gene_src_atcc                 ? 
_entity_src_gen.pdbx_gene_src_organ                ? 
_entity_src_gen.pdbx_gene_src_organelle            ? 
_entity_src_gen.pdbx_gene_src_cell                 ? 
_entity_src_gen.pdbx_gene_src_cellular_location    ? 
_entity_src_gen.host_org_common_name               ? 
_entity_src_gen.pdbx_host_org_scientific_name      'Escherichia coli' 
_entity_src_gen.pdbx_host_org_ncbi_taxonomy_id     469008 
_entity_src_gen.host_org_genus                     ? 
_entity_src_gen.pdbx_host_org_gene                 ? 
_entity_src_gen.pdbx_host_org_organ                ? 
_entity_src_gen.host_org_species                   ? 
_entity_src_gen.pdbx_host_org_tissue               ? 
_entity_src_gen.pdbx_host_org_tissue_fraction      ? 
_entity_src_gen.pdbx_host_org_strain               'BL21(DE3)' 
_entity_src_gen.pdbx_host_org_variant              ? 
_entity_src_gen.pdbx_host_org_cell_line            ? 
_entity_src_gen.pdbx_host_org_atcc                 ? 
_entity_src_gen.pdbx_host_org_culture_collection   ? 
_entity_src_gen.pdbx_host_org_cell                 ? 
_entity_src_gen.pdbx_host_org_organelle            ? 
_entity_src_gen.pdbx_host_org_cellular_location    ? 
_entity_src_gen.pdbx_host_org_vector_type          plasmid 
_entity_src_gen.pdbx_host_org_vector               ? 
_entity_src_gen.host_org_details                   ? 
_entity_src_gen.expression_system_id               ? 
_entity_src_gen.plasmid_name                       pET28a 
_entity_src_gen.plasmid_details                    ? 
_entity_src_gen.pdbx_description                   ? 
# 
loop_
_chem_comp.id 
_chem_comp.type 
_chem_comp.mon_nstd_flag 
_chem_comp.name 
_chem_comp.pdbx_synonyms 
_chem_comp.formula 
_chem_comp.formula_weight 
920 non-polymer         . 
;4-[(1S,5R,6R)-6-amino-1-methyl-3-azabicyclo[3.2.0]hept-3-yl]-6-fluoro-N-methyl-2-[(2-methylpyrimidin-5-yl)oxy]-9H-pyrimido[4,5-b]indol-8-amine
;
?                   'C23 H25 F N8 O' 448.496 
ALA 'L-peptide linking' y ALANINE ?                   'C3 H7 N O2'     89.093  
ARG 'L-peptide linking' y ARGININE ?                   'C6 H15 N4 O2 1' 175.209 
ASN 'L-peptide linking' y ASPARAGINE ?                   'C4 H8 N2 O3'    132.118 
ASP 'L-peptide linking' y 'ASPARTIC ACID' ?                   'C4 H7 N O4'     133.103 
GLN 'L-peptide linking' y GLUTAMINE ?                   'C5 H10 N2 O3'   146.144 
GLU 'L-peptide linking' y 'GLUTAMIC ACID' ?                   'C5 H9 N O4'     147.129 
GLY 'peptide linking'   y GLYCINE ?                   'C2 H5 N O2'     75.067  
HIS 'L-peptide linking' y HISTIDINE ?                   'C6 H10 N3 O2 1' 156.162 
HOH non-polymer         . WATER ?                   'H2 O'           18.015  
ILE 'L-peptide linking' y ISOLEUCINE ?                   'C6 H13 N O2'    131.173 
LEU 'L-peptide linking' y LEUCINE ?                   'C6 H13 N O2'    131.173 
LYS 'L-peptide linking' y LYSINE ?                   'C6 H15 N2 O2 1' 147.195 
MET 'L-peptide linking' y METHIONINE ?                   'C5 H11 N O2 S'  149.211 
PHE 'L-peptide linking' y PHENYLALANINE ?                   'C9 H11 N O2'    165.189 
PRO 'L-peptide linking' y PROLINE ?                   'C5 H9 N O2'     115.130 
SER 'L-peptide linking' y SERINE ?                   'C3 H7 N O3'     105.093 
TBU non-polymer         . 'TERTIARY-BUTYL ALCOHOL' 2-METHYL-2-PROPANOL 'C4 H10 O'       74.122  
THR 'L-peptide linking' y THREONINE ?                   'C4 H9 N O3'     119.119 
TRP 'L-peptide linking' y TRYPTOPHAN ?                   'C11 H12 N2 O2'  204.225 
TYR 'L-peptide linking' y TYROSINE ?                   'C9 H11 N O3'    181.189 
VAL 'L-peptide linking' y VALINE ?                   'C5 H11 N O2'    117.146 
# 
loop_
_pdbx_poly_seq_scheme.asym_id 
_pdbx_poly_seq_scheme.entity_id 
_pdbx_poly_seq_scheme.seq_id 
_pdbx_poly_seq_scheme.mon_id 
_pdbx_poly_seq_scheme.ndb_seq_num 
_pdbx_poly_seq_scheme.pdb_seq_num 
_pdbx_poly_seq_scheme.auth_seq_num 
_pdbx_poly_seq_scheme.pdb_mon_id 
_pdbx_poly_seq_scheme.auth_mon_id 
_pdbx_poly_seq_scheme.pdb_strand_id 
_pdbx_poly_seq_scheme.pdb_ins_code 
_pdbx_poly_seq_scheme.hetero 
A 1 1   GLY 1   18  18  GLY GLY A . n 
A 1 2   LEU 2   19  19  LEU LEU A . n 
A 1 3   GLU 3   20  20  GLU GLU A . n 
A 1 4   ALA 4   21  21  ALA ALA A . n 
A 1 5   VAL 5   22  22  VAL VAL A . n 
A 1 6   ARG 6   23  23  ARG ARG A . n 
A 1 7   LYS 7   24  24  LYS LYS A . n 
A 1 8   ARG 8   25  25  ARG ARG A . n 
A 1 9   PRO 9   26  26  PRO PRO A . n 
A 1 10  GLY 10  27  27  GLY GLY A . n 
A 1 11  MET 11  28  28  MET MET A . n 
A 1 12  TYR 12  29  29  TYR TYR A . n 
A 1 13  ILE 13  30  30  ILE ILE A . n 
A 1 14  GLY 14  31  31  GLY GLY A . n 
A 1 15  SER 15  32  32  SER SER A . n 
A 1 16  THR 16  33  33  THR THR A . n 
A 1 17  SER 17  34  34  SER SER A . n 
A 1 18  GLY 18  35  35  GLY GLY A . n 
A 1 19  GLU 19  36  36  GLU GLU A . n 
A 1 20  GLY 20  37  37  GLY GLY A . n 
A 1 21  LEU 21  38  38  LEU LEU A . n 
A 1 22  HIS 22  39  39  HIS HIS A . n 
A 1 23  HIS 23  40  40  HIS HIS A . n 
A 1 24  LEU 24  41  41  LEU LEU A . n 
A 1 25  VAL 25  42  42  VAL VAL A . n 
A 1 26  TRP 26  43  43  TRP TRP A . n 
A 1 27  GLU 27  44  44  GLU GLU A . n 
A 1 28  ILE 28  45  45  ILE ILE A . n 
A 1 29  VAL 29  46  46  VAL VAL A . n 
A 1 30  ASP 30  47  47  ASP ASP A . n 
A 1 31  ASN 31  48  48  ASN ASN A . n 
A 1 32  SER 32  49  49  SER SER A . n 
A 1 33  ILE 33  50  50  ILE ILE A . n 
A 1 34  ASP 34  51  51  ASP ASP A . n 
A 1 35  GLU 35  52  52  GLU GLU A . n 
A 1 36  ALA 36  53  53  ALA ALA A . n 
A 1 37  LEU 37  54  54  LEU LEU A . n 
A 1 38  ALA 38  55  55  ALA ALA A . n 
A 1 39  GLY 39  56  56  GLY GLY A . n 
A 1 40  PHE 40  57  57  PHE PHE A . n 
A 1 41  ALA 41  58  58  ALA ALA A . n 
A 1 42  LYS 42  59  59  LYS LYS A . n 
A 1 43  SER 43  60  60  SER SER A . n 
A 1 44  ILE 44  61  61  ILE ILE A . n 
A 1 45  GLN 45  62  62  GLN GLN A . n 
A 1 46  VAL 46  63  63  VAL VAL A . n 
A 1 47  ILE 47  64  64  ILE ILE A . n 
A 1 48  ILE 48  65  65  ILE ILE A . n 
A 1 49  GLU 49  66  66  GLU GLU A . n 
A 1 50  PRO 50  67  67  PRO PRO A . n 
A 1 51  ASP 51  68  68  ASP ASP A . n 
A 1 52  ASP 52  69  69  ASP ASP A . n 
A 1 53  SER 53  70  70  SER SER A . n 
A 1 54  ILE 54  71  71  ILE ILE A . n 
A 1 55  THR 55  72  72  THR THR A . n 
A 1 56  VAL 56  73  73  VAL VAL A . n 
A 1 57  ILE 57  74  74  ILE ILE A . n 
A 1 58  ASP 58  75  75  ASP ASP A . n 
A 1 59  ASP 59  76  76  ASP ASP A . n 
A 1 60  GLY 60  77  77  GLY GLY A . n 
A 1 61  ARG 61  78  78  ARG ARG A . n 
A 1 62  GLY 62  79  79  GLY GLY A . n 
A 1 63  ILE 63  80  80  ILE ILE A . n 
A 1 64  PRO 64  81  81  PRO PRO A . n 
A 1 65  VAL 65  82  82  VAL VAL A . n 
A 1 66  GLY 66  83  83  GLY GLY A . n 
A 1 67  ILE 67  84  84  ILE ILE A . n 
A 1 68  GLN 68  85  85  GLN GLN A . n 
A 1 69  ALA 69  86  86  ALA ALA A . n 
A 1 70  LYS 70  87  87  LYS LYS A . n 
A 1 71  THR 71  88  88  THR THR A . n 
A 1 72  GLY 72  89  89  GLY GLY A . n 
A 1 73  ARG 73  90  90  ARG ARG A . n 
A 1 74  PRO 74  91  91  PRO PRO A . n 
A 1 75  ALA 75  92  92  ALA ALA A . n 
A 1 76  VAL 76  93  93  VAL VAL A . n 
A 1 77  GLU 77  94  94  GLU GLU A . n 
A 1 78  THR 78  95  95  THR THR A . n 
A 1 79  VAL 79  96  96  VAL VAL A . n 
A 1 80  PHE 80  97  97  PHE PHE A . n 
A 1 81  THR 81  98  98  THR THR A . n 
A 1 82  VAL 82  99  99  VAL VAL A . n 
A 1 83  LEU 83  100 100 LEU LEU A . n 
A 1 84  HIS 84  101 ?   ?   ?   A . n 
A 1 85  ALA 85  102 ?   ?   ?   A . n 
A 1 86  GLY 86  103 ?   ?   ?   A . n 
A 1 87  GLY 87  104 ?   ?   ?   A . n 
A 1 88  LYS 88  105 ?   ?   ?   A . n 
A 1 89  PHE 89  106 ?   ?   ?   A . n 
A 1 90  GLY 90  107 ?   ?   ?   A . n 
A 1 91  GLY 91  108 ?   ?   ?   A . n 
A 1 92  GLY 92  109 ?   ?   ?   A . n 
A 1 93  GLY 93  110 ?   ?   ?   A . n 
A 1 94  TYR 94  111 ?   ?   ?   A . n 
A 1 95  LYS 95  112 ?   ?   ?   A . n 
A 1 96  VAL 96  113 ?   ?   ?   A . n 
A 1 97  SER 97  114 ?   ?   ?   A . n 
A 1 98  GLY 98  115 ?   ?   ?   A . n 
A 1 99  GLY 99  116 ?   ?   ?   A . n 
A 1 100 LEU 100 117 ?   ?   ?   A . n 
A 1 101 HIS 101 118 ?   ?   ?   A . n 
A 1 102 GLY 102 119 ?   ?   ?   A . n 
A 1 103 VAL 103 120 ?   ?   ?   A . n 
A 1 104 GLY 104 121 121 GLY GLY A . n 
A 1 105 SER 105 122 122 SER SER A . n 
A 1 106 SER 106 123 123 SER SER A . n 
A 1 107 VAL 107 124 124 VAL VAL A . n 
A 1 108 VAL 108 125 125 VAL VAL A . n 
A 1 109 ASN 109 126 126 ASN ASN A . n 
A 1 110 ALA 110 127 127 ALA ALA A . n 
A 1 111 LEU 111 128 128 LEU LEU A . n 
A 1 112 SER 112 129 129 SER SER A . n 
A 1 113 THR 113 130 130 THR THR A . n 
A 1 114 SER 114 131 131 SER SER A . n 
A 1 115 LEU 115 132 132 LEU LEU A . n 
A 1 116 ASP 116 133 133 ASP ASP A . n 
A 1 117 VAL 117 134 134 VAL VAL A . n 
A 1 118 ARG 118 135 135 ARG ARG A . n 
A 1 119 VAL 119 136 136 VAL VAL A . n 
A 1 120 TYR 120 137 137 TYR TYR A . n 
A 1 121 LYS 121 138 138 LYS LYS A . n 
A 1 122 ASP 122 139 139 ASP ASP A . n 
A 1 123 GLY 123 140 140 GLY GLY A . n 
A 1 124 LYS 124 141 141 LYS LYS A . n 
A 1 125 VAL 125 142 142 VAL VAL A . n 
A 1 126 TYR 126 143 143 TYR TYR A . n 
A 1 127 TYR 127 144 144 TYR TYR A . n 
A 1 128 GLN 128 145 145 GLN GLN A . n 
A 1 129 GLU 129 146 146 GLU GLU A . n 
A 1 130 TYR 130 147 147 TYR TYR A . n 
A 1 131 ARG 131 148 148 ARG ARG A . n 
A 1 132 ARG 132 149 149 ARG ARG A . n 
A 1 133 GLY 133 150 150 GLY GLY A . n 
A 1 134 ALA 134 151 151 ALA ALA A . n 
A 1 135 VAL 135 152 152 VAL VAL A . n 
A 1 136 VAL 136 153 153 VAL VAL A . n 
A 1 137 ASP 137 154 154 ASP ASP A . n 
A 1 138 ASP 138 155 155 ASP ASP A . n 
A 1 139 LEU 139 156 156 LEU LEU A . n 
A 1 140 LYS 140 157 157 LYS LYS A . n 
A 1 141 VAL 141 158 158 VAL VAL A . n 
A 1 142 ILE 142 159 159 ILE ILE A . n 
A 1 143 GLU 143 160 160 GLU GLU A . n 
A 1 144 GLU 144 161 161 GLU GLU A . n 
A 1 145 THR 145 162 162 THR THR A . n 
A 1 146 ASP 146 163 163 ASP ASP A . n 
A 1 147 ARG 147 164 164 ARG ARG A . n 
A 1 148 HIS 148 165 165 HIS HIS A . n 
A 1 149 GLY 149 166 166 GLY GLY A . n 
A 1 150 THR 150 167 167 THR THR A . n 
A 1 151 THR 151 168 168 THR THR A . n 
A 1 152 VAL 152 169 169 VAL VAL A . n 
A 1 153 HIS 153 170 170 HIS HIS A . n 
A 1 154 PHE 154 171 171 PHE PHE A . n 
A 1 155 ILE 155 172 172 ILE ILE A . n 
A 1 156 PRO 156 173 173 PRO PRO A . n 
A 1 157 ASP 157 174 174 ASP ASP A . n 
A 1 158 PRO 158 175 175 PRO PRO A . n 
A 1 159 GLU 159 176 176 GLU GLU A . n 
A 1 160 ILE 160 177 177 ILE ILE A . n 
A 1 161 PHE 161 178 178 PHE PHE A . n 
A 1 162 THR 162 179 179 THR THR A . n 
A 1 163 GLU 163 180 180 GLU GLU A . n 
A 1 164 THR 164 181 181 THR THR A . n 
A 1 165 THR 165 182 182 THR THR A . n 
A 1 166 VAL 166 183 183 VAL VAL A . n 
A 1 167 TYR 167 184 184 TYR TYR A . n 
A 1 168 ASP 168 185 185 ASP ASP A . n 
A 1 169 PHE 169 186 186 PHE PHE A . n 
A 1 170 ASP 170 187 187 ASP ASP A . n 
A 1 171 LYS 171 188 188 LYS LYS A . n 
A 1 172 LEU 172 189 189 LEU LEU A . n 
A 1 173 ALA 173 190 190 ALA ALA A . n 
A 1 174 THR 174 191 191 THR THR A . n 
A 1 175 ARG 175 192 192 ARG ARG A . n 
A 1 176 VAL 176 193 193 VAL VAL A . n 
A 1 177 ARG 177 194 194 ARG ARG A . n 
A 1 178 GLU 178 195 195 GLU GLU A . n 
A 1 179 LEU 179 196 196 LEU LEU A . n 
A 1 180 ALA 180 197 197 ALA ALA A . n 
A 1 181 PHE 181 198 198 PHE PHE A . n 
A 1 182 LEU 182 199 199 LEU LEU A . n 
A 1 183 ASN 183 200 200 ASN ASN A . n 
A 1 184 ARG 184 201 201 ARG ARG A . n 
A 1 185 GLY 185 202 202 GLY GLY A . n 
A 1 186 LEU 186 203 203 LEU LEU A . n 
A 1 187 HIS 187 204 204 HIS HIS A . n 
A 1 188 ILE 188 205 205 ILE ILE A . n 
A 1 189 SER 189 206 206 SER SER A . n 
A 1 190 ILE 190 207 207 ILE ILE A . n 
A 1 191 GLU 191 208 208 GLU GLU A . n 
A 1 192 ASP 192 209 209 ASP ASP A . n 
A 1 193 ARG 193 210 210 ARG ARG A . n 
A 1 194 ARG 194 211 211 ARG ARG A . n 
A 1 195 GLU 195 212 212 GLU GLU A . n 
A 1 196 GLY 196 213 213 GLY GLY A . n 
A 1 197 GLN 197 214 214 GLN GLN A . n 
A 1 198 GLU 198 215 215 GLU GLU A . n 
A 1 199 ASP 199 216 216 ASP ASP A . n 
A 1 200 LYS 200 217 217 LYS LYS A . n 
A 1 201 LYS 201 218 218 LYS LYS A . n 
A 1 202 GLU 202 219 219 GLU GLU A . n 
A 1 203 TYR 203 220 220 TYR TYR A . n 
A 1 204 HIS 204 221 221 HIS HIS A . n 
A 1 205 TYR 205 222 222 TYR TYR A . n 
A 1 206 GLU 206 223 223 GLU GLU A . n 
A 1 207 GLY 207 224 224 GLY GLY A . n 
A 1 208 LEU 208 225 225 LEU LEU A . n 
A 1 209 GLU 209 226 226 GLU GLU A . n 
A 1 210 HIS 210 227 227 HIS HIS A . n 
A 1 211 HIS 211 228 ?   ?   ?   A . n 
A 1 212 HIS 212 229 ?   ?   ?   A . n 
A 1 213 HIS 213 230 ?   ?   ?   A . n 
A 1 214 HIS 214 231 ?   ?   ?   A . n 
A 1 215 HIS 215 232 ?   ?   ?   A . n 
# 
loop_
_pdbx_nonpoly_scheme.asym_id 
_pdbx_nonpoly_scheme.entity_id 
_pdbx_nonpoly_scheme.mon_id 
_pdbx_nonpoly_scheme.ndb_seq_num 
_pdbx_nonpoly_scheme.pdb_seq_num 
_pdbx_nonpoly_scheme.auth_seq_num 
_pdbx_nonpoly_scheme.pdb_mon_id 
_pdbx_nonpoly_scheme.auth_mon_id 
_pdbx_nonpoly_scheme.pdb_strand_id 
_pdbx_nonpoly_scheme.pdb_ins_code 
B 2 920 1   301 1   920 920 A . 
C 3 TBU 1   302 1   TBU TBU A . 
D 4 HOH 1   401 1   HOH HOH A . 
D 4 HOH 2   402 2   HOH HOH A . 
D 4 HOH 3   403 3   HOH HOH A . 
D 4 HOH 4   404 4   HOH HOH A . 
D 4 HOH 5   405 5   HOH HOH A . 
D 4 HOH 6   406 6   HOH HOH A . 
D 4 HOH 7   407 7   HOH HOH A . 
D 4 HOH 8   408 8   HOH HOH A . 
D 4 HOH 9   409 9   HOH HOH A . 
D 4 HOH 10  410 10  HOH HOH A . 
D 4 HOH 11  411 11  HOH HOH A . 
D 4 HOH 12  412 12  HOH HOH A . 
D 4 HOH 13  413 13  HOH HOH A . 
D 4 HOH 14  414 14  HOH HOH A . 
D 4 HOH 15  415 15  HOH HOH A . 
D 4 HOH 16  416 16  HOH HOH A . 
D 4 HOH 17  417 17  HOH HOH A . 
D 4 HOH 18  418 18  HOH HOH A . 
D 4 HOH 19  419 19  HOH HOH A . 
D 4 HOH 20  420 20  HOH HOH A . 
D 4 HOH 21  421 21  HOH HOH A . 
D 4 HOH 22  422 22  HOH HOH A . 
D 4 HOH 23  423 23  HOH HOH A . 
D 4 HOH 24  424 24  HOH HOH A . 
D 4 HOH 25  425 25  HOH HOH A . 
D 4 HOH 26  426 26  HOH HOH A . 
D 4 HOH 27  427 27  HOH HOH A . 
D 4 HOH 28  428 28  HOH HOH A . 
D 4 HOH 29  429 29  HOH HOH A . 
D 4 HOH 30  430 30  HOH HOH A . 
D 4 HOH 31  431 31  HOH HOH A . 
D 4 HOH 32  432 32  HOH HOH A . 
D 4 HOH 33  433 33  HOH HOH A . 
D 4 HOH 34  434 34  HOH HOH A . 
D 4 HOH 35  435 35  HOH HOH A . 
D 4 HOH 36  436 36  HOH HOH A . 
D 4 HOH 37  437 37  HOH HOH A . 
D 4 HOH 38  438 38  HOH HOH A . 
D 4 HOH 39  439 39  HOH HOH A . 
D 4 HOH 40  440 40  HOH HOH A . 
D 4 HOH 41  441 41  HOH HOH A . 
D 4 HOH 42  442 42  HOH HOH A . 
D 4 HOH 43  443 43  HOH HOH A . 
D 4 HOH 44  444 44  HOH HOH A . 
D 4 HOH 45  445 45  HOH HOH A . 
D 4 HOH 46  446 46  HOH HOH A . 
D 4 HOH 47  447 47  HOH HOH A . 
D 4 HOH 48  448 48  HOH HOH A . 
D 4 HOH 49  449 49  HOH HOH A . 
D 4 HOH 50  450 50  HOH HOH A . 
D 4 HOH 51  451 51  HOH HOH A . 
D 4 HOH 52  452 52  HOH HOH A . 
D 4 HOH 53  453 53  HOH HOH A . 
D 4 HOH 54  454 54  HOH HOH A . 
D 4 HOH 55  455 55  HOH HOH A . 
D 4 HOH 56  456 56  HOH HOH A . 
D 4 HOH 57  457 57  HOH HOH A . 
D 4 HOH 58  458 58  HOH HOH A . 
D 4 HOH 59  459 59  HOH HOH A . 
D 4 HOH 60  460 60  HOH HOH A . 
D 4 HOH 61  461 61  HOH HOH A . 
D 4 HOH 62  462 62  HOH HOH A . 
D 4 HOH 63  463 63  HOH HOH A . 
D 4 HOH 64  464 64  HOH HOH A . 
D 4 HOH 65  465 65  HOH HOH A . 
D 4 HOH 66  466 66  HOH HOH A . 
D 4 HOH 67  467 67  HOH HOH A . 
D 4 HOH 68  468 68  HOH HOH A . 
D 4 HOH 69  469 69  HOH HOH A . 
D 4 HOH 70  470 70  HOH HOH A . 
D 4 HOH 71  471 71  HOH HOH A . 
D 4 HOH 72  472 72  HOH HOH A . 
D 4 HOH 73  473 73  HOH HOH A . 
D 4 HOH 74  474 74  HOH HOH A . 
D 4 HOH 75  475 75  HOH HOH A . 
D 4 HOH 76  476 76  HOH HOH A . 
D 4 HOH 77  477 77  HOH HOH A . 
D 4 HOH 78  478 78  HOH HOH A . 
D 4 HOH 79  479 79  HOH HOH A . 
D 4 HOH 80  480 80  HOH HOH A . 
D 4 HOH 81  481 81  HOH HOH A . 
D 4 HOH 82  482 82  HOH HOH A . 
D 4 HOH 83  483 83  HOH HOH A . 
D 4 HOH 84  484 84  HOH HOH A . 
D 4 HOH 85  485 85  HOH HOH A . 
D 4 HOH 86  486 86  HOH HOH A . 
D 4 HOH 87  487 87  HOH HOH A . 
D 4 HOH 88  488 88  HOH HOH A . 
D 4 HOH 89  489 89  HOH HOH A . 
D 4 HOH 90  490 90  HOH HOH A . 
D 4 HOH 91  491 91  HOH HOH A . 
D 4 HOH 92  492 92  HOH HOH A . 
D 4 HOH 93  493 93  HOH HOH A . 
D 4 HOH 94  494 94  HOH HOH A . 
D 4 HOH 95  495 95  HOH HOH A . 
D 4 HOH 96  496 96  HOH HOH A . 
D 4 HOH 97  497 97  HOH HOH A . 
D 4 HOH 98  498 98  HOH HOH A . 
D 4 HOH 99  499 99  HOH HOH A . 
D 4 HOH 100 500 100 HOH HOH A . 
D 4 HOH 101 501 101 HOH HOH A . 
D 4 HOH 102 502 102 HOH HOH A . 
D 4 HOH 103 503 103 HOH HOH A . 
D 4 HOH 104 504 104 HOH HOH A . 
D 4 HOH 105 505 105 HOH HOH A . 
D 4 HOH 106 506 106 HOH HOH A . 
D 4 HOH 107 507 107 HOH HOH A . 
D 4 HOH 108 508 108 HOH HOH A . 
D 4 HOH 109 509 109 HOH HOH A . 
D 4 HOH 110 510 110 HOH HOH A . 
D 4 HOH 111 511 111 HOH HOH A . 
D 4 HOH 112 512 112 HOH HOH A . 
D 4 HOH 113 513 113 HOH HOH A . 
D 4 HOH 114 514 114 HOH HOH A . 
D 4 HOH 115 515 115 HOH HOH A . 
D 4 HOH 116 516 116 HOH HOH A . 
D 4 HOH 117 517 117 HOH HOH A . 
D 4 HOH 118 518 118 HOH HOH A . 
D 4 HOH 119 519 119 HOH HOH A . 
D 4 HOH 120 520 120 HOH HOH A . 
D 4 HOH 121 521 121 HOH HOH A . 
D 4 HOH 122 522 122 HOH HOH A . 
D 4 HOH 123 523 123 HOH HOH A . 
D 4 HOH 124 524 124 HOH HOH A . 
D 4 HOH 125 525 125 HOH HOH A . 
D 4 HOH 126 526 126 HOH HOH A . 
D 4 HOH 127 527 127 HOH HOH A . 
D 4 HOH 128 528 128 HOH HOH A . 
D 4 HOH 129 529 129 HOH HOH A . 
D 4 HOH 130 530 130 HOH HOH A . 
D 4 HOH 131 531 131 HOH HOH A . 
D 4 HOH 132 532 132 HOH HOH A . 
D 4 HOH 133 533 133 HOH HOH A . 
D 4 HOH 134 534 134 HOH HOH A . 
D 4 HOH 135 535 135 HOH HOH A . 
D 4 HOH 136 536 136 HOH HOH A . 
D 4 HOH 137 537 137 HOH HOH A . 
D 4 HOH 138 538 138 HOH HOH A . 
D 4 HOH 139 539 139 HOH HOH A . 
D 4 HOH 140 540 140 HOH HOH A . 
D 4 HOH 141 541 141 HOH HOH A . 
D 4 HOH 142 542 142 HOH HOH A . 
D 4 HOH 143 543 143 HOH HOH A . 
D 4 HOH 144 544 144 HOH HOH A . 
D 4 HOH 145 545 145 HOH HOH A . 
D 4 HOH 146 546 146 HOH HOH A . 
D 4 HOH 147 547 147 HOH HOH A . 
D 4 HOH 148 548 148 HOH HOH A . 
D 4 HOH 149 549 149 HOH HOH A . 
D 4 HOH 150 550 150 HOH HOH A . 
D 4 HOH 151 551 151 HOH HOH A . 
D 4 HOH 152 552 152 HOH HOH A . 
D 4 HOH 153 553 153 HOH HOH A . 
D 4 HOH 154 554 154 HOH HOH A . 
D 4 HOH 155 555 155 HOH HOH A . 
D 4 HOH 156 556 156 HOH HOH A . 
D 4 HOH 157 557 157 HOH HOH A . 
D 4 HOH 158 558 158 HOH HOH A . 
D 4 HOH 159 559 159 HOH HOH A . 
D 4 HOH 160 560 160 HOH HOH A . 
D 4 HOH 161 561 161 HOH HOH A . 
D 4 HOH 162 562 162 HOH HOH A . 
# 
loop_
_pdbx_unobs_or_zero_occ_atoms.id 
_pdbx_unobs_or_zero_occ_atoms.PDB_model_num 
_pdbx_unobs_or_zero_occ_atoms.polymer_flag 
_pdbx_unobs_or_zero_occ_atoms.occupancy_flag 
_pdbx_unobs_or_zero_occ_atoms.auth_asym_id 
_pdbx_unobs_or_zero_occ_atoms.auth_comp_id 
_pdbx_unobs_or_zero_occ_atoms.auth_seq_id 
_pdbx_unobs_or_zero_occ_atoms.PDB_ins_code 
_pdbx_unobs_or_zero_occ_atoms.auth_atom_id 
_pdbx_unobs_or_zero_occ_atoms.label_alt_id 
_pdbx_unobs_or_zero_occ_atoms.label_asym_id 
_pdbx_unobs_or_zero_occ_atoms.label_comp_id 
_pdbx_unobs_or_zero_occ_atoms.label_seq_id 
_pdbx_unobs_or_zero_occ_atoms.label_atom_id 
1 1 Y 0 A LYS 87 ? CD ? A LYS 70 CD 
2 1 Y 0 A LYS 87 ? CE ? A LYS 70 CE 
3 1 Y 0 A LYS 87 ? NZ ? A LYS 70 NZ 
# 
_software.name             REFMAC 
_software.classification   refinement 
_software.version          5.6.0117 
_software.citation_id      ? 
_software.pdbx_ordinal     1 
# 
_cell.entry_id           4KSG 
_cell.length_a           54.680 
_cell.length_b           58.660 
_cell.length_c           65.990 
_cell.angle_alpha        90.00 
_cell.angle_beta         90.00 
_cell.angle_gamma        90.00 
_cell.Z_PDB              4 
_cell.pdbx_unique_axis   ? 
_cell.length_a_esd       ? 
_cell.length_b_esd       ? 
_cell.length_c_esd       ? 
_cell.angle_alpha_esd    ? 
_cell.angle_beta_esd     ? 
_cell.angle_gamma_esd    ? 
# 
_symmetry.entry_id                         4KSG 
_symmetry.space_group_name_H-M             'P 21 21 21' 
_symmetry.pdbx_full_space_group_name_H-M   ? 
_symmetry.cell_setting                     ? 
_symmetry.Int_Tables_number                19 
_symmetry.space_group_name_Hall            ? 
# 
_exptl.entry_id          4KSG 
_exptl.method            'X-RAY DIFFRACTION' 
_exptl.crystals_number   1 
# 
_exptl_crystal.id                    1 
_exptl_crystal.density_meas          ? 
_exptl_crystal.density_Matthews      2.22 
_exptl_crystal.density_percent_sol   44.60 
_exptl_crystal.description           ? 
_exptl_crystal.F_000                 ? 
_exptl_crystal.preparation           ? 
# 
_exptl_crystal_grow.crystal_id      1 
_exptl_crystal_grow.method          ? 
_exptl_crystal_grow.temp            293 
_exptl_crystal_grow.temp_details    ? 
_exptl_crystal_grow.pH              5.6 
_exptl_crystal_grow.pdbx_pH_range   ? 
_exptl_crystal_grow.pdbx_details    
'25% (W/V) PEG 1500, 3% (V/V) T-BUTANOL, 20% (W/V) GLYCEROL, 20 MM CITRATE, pH 5.6, VAPOR DIFFUSION, temperature 293K' 
# 
_diffrn.id                     1 
_diffrn.ambient_temp           100 
_diffrn.ambient_temp_details   ? 
_diffrn.crystal_id             1 
# 
_diffrn_detector.diffrn_id              1 
_diffrn_detector.detector               'IMAGE PLATE' 
_diffrn_detector.type                   'MAR scanner 345 mm plate' 
_diffrn_detector.pdbx_collection_date   2013-05-08 
_diffrn_detector.details                ? 
# 
_diffrn_radiation.diffrn_id                        1 
_diffrn_radiation.wavelength_id                    1 
_diffrn_radiation.pdbx_monochromatic_or_laue_m_l   M 
_diffrn_radiation.monochromator                    ? 
_diffrn_radiation.pdbx_diffrn_protocol             'SINGLE WAVELENGTH' 
_diffrn_radiation.pdbx_scattering_type             x-ray 
# 
_diffrn_radiation_wavelength.id           1 
_diffrn_radiation_wavelength.wavelength   . 
_diffrn_radiation_wavelength.wt           1.0 
# 
_diffrn_source.diffrn_id                   1 
_diffrn_source.source                      'ROTATING ANODE' 
_diffrn_source.type                        'RIGAKU RU200' 
_diffrn_source.pdbx_synchrotron_site       ? 
_diffrn_source.pdbx_synchrotron_beamline   ? 
_diffrn_source.pdbx_wavelength             ? 
_diffrn_source.pdbx_wavelength_list        ? 
# 
_reflns.pdbx_diffrn_id               1 
_reflns.pdbx_ordinal                 1 
_reflns.entry_id                     4KSG 
_reflns.observed_criterion_sigma_I   0.000 
_reflns.observed_criterion_sigma_F   ? 
_reflns.d_resolution_low             34.210 
_reflns.d_resolution_high            1.750 
_reflns.number_obs                   22053 
_reflns.number_all                   ? 
_reflns.percent_possible_obs         100.0 
_reflns.pdbx_Rmerge_I_obs            ? 
_reflns.pdbx_Rsym_value              ? 
_reflns.pdbx_netI_over_sigmaI        ? 
_reflns.B_iso_Wilson_estimate        ? 
_reflns.pdbx_redundancy              ? 
_reflns.R_free_details               ? 
_reflns.limit_h_max                  ? 
_reflns.limit_h_min                  ? 
_reflns.limit_k_max                  ? 
_reflns.limit_k_min                  ? 
_reflns.limit_l_max                  ? 
_reflns.limit_l_min                  ? 
_reflns.observed_criterion_F_max     ? 
_reflns.observed_criterion_F_min     ? 
_reflns.pdbx_chi_squared             ? 
_reflns.pdbx_scaling_rejects         ? 
# 
_refine.pdbx_refine_id                           'X-RAY DIFFRACTION' 
_refine.entry_id                                 4KSG 
_refine.pdbx_diffrn_id                           1 
_refine.pdbx_TLS_residual_ADP_flag               ? 
_refine.ls_number_reflns_obs                     20881 
_refine.ls_number_reflns_all                     76604 
_refine.pdbx_ls_sigma_I                          ? 
_refine.pdbx_ls_sigma_F                          ? 
_refine.pdbx_data_cutoff_high_absF               ? 
_refine.pdbx_data_cutoff_low_absF                ? 
_refine.pdbx_data_cutoff_high_rms_absF           ? 
_refine.ls_d_res_low                             28.76 
_refine.ls_d_res_high                            1.75 
_refine.ls_percent_reflns_obs                    99.9 
_refine.ls_R_factor_obs                          0.178 
_refine.ls_R_factor_all                          ? 
_refine.ls_R_factor_R_work                       0.176 
_refine.ls_R_factor_R_free                       0.209 
_refine.ls_R_factor_R_free_error                 ? 
_refine.ls_R_factor_R_free_error_details         ? 
_refine.ls_percent_reflns_R_free                 5.100 
_refine.ls_number_reflns_R_free                  1127 
_refine.ls_number_parameters                     ? 
_refine.ls_number_restraints                     ? 
_refine.occupancy_min                            ? 
_refine.occupancy_max                            ? 
_refine.correlation_coeff_Fo_to_Fc               0.949 
_refine.correlation_coeff_Fo_to_Fc_free          0.924 
_refine.B_iso_mean                               15.09 
_refine.aniso_B[1][1]                            -0.01000 
_refine.aniso_B[2][2]                            0.00000 
_refine.aniso_B[3][3]                            0.01000 
_refine.aniso_B[1][2]                            0.00000 
_refine.aniso_B[1][3]                            0.00000 
_refine.aniso_B[2][3]                            0.00000 
_refine.solvent_model_details                    'BABINET MODEL WITH MASK' 
_refine.solvent_model_param_ksol                 ? 
_refine.solvent_model_param_bsol                 ? 
_refine.pdbx_solvent_vdw_probe_radii             1.20 
_refine.pdbx_solvent_ion_probe_radii             0.80 
_refine.pdbx_solvent_shrinkage_radii             0.80 
_refine.pdbx_ls_cross_valid_method               THROUGHOUT 
_refine.details                                  ? 
_refine.pdbx_starting_model                      ? 
_refine.pdbx_method_to_determine_struct          4GEE 
_refine.pdbx_isotropic_thermal_model             ? 
_refine.pdbx_stereochemistry_target_values       'MAXIMUM LIKELIHOOD' 
_refine.pdbx_stereochem_target_val_spec_case     ? 
_refine.pdbx_R_Free_selection_details            RANDOM 
_refine.pdbx_overall_ESU_R                       0.110 
_refine.pdbx_overall_ESU_R_Free                  0.107 
_refine.overall_SU_ML                            0.059 
_refine.pdbx_overall_phase_error                 ? 
_refine.overall_SU_B                             1.791 
_refine.overall_SU_R_Cruickshank_DPI             ? 
_refine.pdbx_overall_SU_R_free_Cruickshank_DPI   ? 
_refine.pdbx_overall_SU_R_Blow_DPI               ? 
_refine.pdbx_overall_SU_R_free_Blow_DPI          ? 
_refine.ls_redundancy_reflns_obs                 ? 
_refine.B_iso_min                                ? 
_refine.B_iso_max                                ? 
_refine.overall_SU_R_free                        ? 
_refine.ls_wR_factor_R_free                      ? 
_refine.ls_wR_factor_R_work                      ? 
_refine.overall_FOM_free_R_set                   ? 
_refine.overall_FOM_work_R_set                   ? 
# 
_refine_hist.pdbx_refine_id                   'X-RAY DIFFRACTION' 
_refine_hist.cycle_id                         LAST 
_refine_hist.pdbx_number_atoms_protein        1503 
_refine_hist.pdbx_number_atoms_nucleic_acid   0 
_refine_hist.pdbx_number_atoms_ligand         38 
_refine_hist.number_atoms_solvent             162 
_refine_hist.number_atoms_total               1703 
_refine_hist.d_res_high                       1.75 
_refine_hist.d_res_low                        28.76 
# 
loop_
_refine_ls_restr.type 
_refine_ls_restr.dev_ideal 
_refine_ls_restr.dev_ideal_target 
_refine_ls_restr.weight 
_refine_ls_restr.number 
_refine_ls_restr.pdbx_refine_id 
_refine_ls_restr.pdbx_restraint_function 
r_bond_refined_d             0.007  0.020  ? 1585 'X-RAY DIFFRACTION' ? 
r_bond_other_d               ?      ?      ? ?    'X-RAY DIFFRACTION' ? 
r_angle_refined_deg          1.657  1.987  ? 2157 'X-RAY DIFFRACTION' ? 
r_angle_other_deg            ?      ?      ? ?    'X-RAY DIFFRACTION' ? 
r_dihedral_angle_1_deg       5.144  5.000  ? 192  'X-RAY DIFFRACTION' ? 
r_dihedral_angle_2_deg       32.411 23.846 ? 78   'X-RAY DIFFRACTION' ? 
r_dihedral_angle_3_deg       10.668 15.000 ? 265  'X-RAY DIFFRACTION' ? 
r_dihedral_angle_4_deg       12.042 15.000 ? 13   'X-RAY DIFFRACTION' ? 
r_chiral_restr               0.078  0.200  ? 242  'X-RAY DIFFRACTION' ? 
r_gen_planes_refined         0.006  0.021  ? 1200 'X-RAY DIFFRACTION' ? 
r_gen_planes_other           ?      ?      ? ?    'X-RAY DIFFRACTION' ? 
r_nbd_refined                ?      ?      ? ?    'X-RAY DIFFRACTION' ? 
r_nbd_other                  ?      ?      ? ?    'X-RAY DIFFRACTION' ? 
r_nbtor_refined              ?      ?      ? ?    'X-RAY DIFFRACTION' ? 
r_nbtor_other                ?      ?      ? ?    'X-RAY DIFFRACTION' ? 
r_xyhbond_nbd_refined        ?      ?      ? ?    'X-RAY DIFFRACTION' ? 
r_xyhbond_nbd_other          ?      ?      ? ?    'X-RAY DIFFRACTION' ? 
r_metal_ion_refined          ?      ?      ? ?    'X-RAY DIFFRACTION' ? 
r_metal_ion_other            ?      ?      ? ?    'X-RAY DIFFRACTION' ? 
r_symmetry_vdw_refined       ?      ?      ? ?    'X-RAY DIFFRACTION' ? 
r_symmetry_vdw_other         ?      ?      ? ?    'X-RAY DIFFRACTION' ? 
r_symmetry_hbond_refined     ?      ?      ? ?    'X-RAY DIFFRACTION' ? 
r_symmetry_hbond_other       ?      ?      ? ?    'X-RAY DIFFRACTION' ? 
r_symmetry_metal_ion_refined ?      ?      ? ?    'X-RAY DIFFRACTION' ? 
r_symmetry_metal_ion_other   ?      ?      ? ?    'X-RAY DIFFRACTION' ? 
r_mcbond_it                  ?      ?      ? ?    'X-RAY DIFFRACTION' ? 
r_mcbond_other               ?      ?      ? ?    'X-RAY DIFFRACTION' ? 
r_mcangle_it                 ?      ?      ? ?    'X-RAY DIFFRACTION' ? 
r_scbond_it                  ?      ?      ? ?    'X-RAY DIFFRACTION' ? 
r_scangle_it                 ?      ?      ? ?    'X-RAY DIFFRACTION' ? 
r_rigid_bond_restr           ?      ?      ? ?    'X-RAY DIFFRACTION' ? 
r_sphericity_free            ?      ?      ? ?    'X-RAY DIFFRACTION' ? 
r_sphericity_bonded          ?      ?      ? ?    'X-RAY DIFFRACTION' ? 
# 
_refine_ls_shell.pdbx_refine_id                   'X-RAY DIFFRACTION' 
_refine_ls_shell.pdbx_total_number_of_bins_used   20 
_refine_ls_shell.d_res_high                       1.75 
_refine_ls_shell.d_res_low                        1.79 
_refine_ls_shell.number_reflns_R_work             1392 
_refine_ls_shell.R_factor_R_work                  0.1980 
_refine_ls_shell.percent_reflns_obs               100.00 
_refine_ls_shell.R_factor_R_free                  0.2510 
_refine_ls_shell.R_factor_R_free_error            ? 
_refine_ls_shell.percent_reflns_R_free            ? 
_refine_ls_shell.number_reflns_R_free             85 
_refine_ls_shell.number_reflns_all                ? 
_refine_ls_shell.R_factor_all                     ? 
_refine_ls_shell.redundancy_reflns_obs            ? 
_refine_ls_shell.number_reflns_obs                ? 
# 
_struct.entry_id                  4KSG 
_struct.title                     
;Dna gyrase atp binding domain of enterococcus faecalis in complex with a small molecule inhibitor (4-[(1S,5R,6R)-6-AMINO-1-METHYL-3-AZABICYCLO[3.2.0]HEPT-3-YL]-6-FLUORO-N-METHYL-2-[(2-METHYLPYRIMIDIN-5-YL)OXY]-9H-PYRIMIDO[4,5-B]INDOL-8-AMINE)
;
_struct.pdbx_model_details        ? 
_struct.pdbx_CASP_flag            ? 
_struct.pdbx_model_type_details   ? 
# 
_struct_keywords.entry_id        4KSG 
_struct_keywords.pdbx_keywords   'Isomerase/isomerase inhibitor' 
_struct_keywords.text            
;ATP-binding, Nucleotide-binding, Topoisomerase, ATP-binding domain, DNA gyrase negatively supercoils closed circular double-stranded DNA, Isomerase-Isomerase inhibitor complex
;
# 
loop_
_struct_asym.id 
_struct_asym.pdbx_blank_PDB_chainid_flag 
_struct_asym.pdbx_modified 
_struct_asym.entity_id 
_struct_asym.details 
A N N 1 ? 
B N N 2 ? 
C N N 3 ? 
D N N 4 ? 
# 
_struct_ref.id                         1 
_struct_ref.db_name                    UNP 
_struct_ref.db_code                    Q839Z1_ENTFA 
_struct_ref.pdbx_db_accession          Q839Z1 
_struct_ref.entity_id                  1 
_struct_ref.pdbx_seq_one_letter_code   
;GLEAVRKRPGMYIGSTSGEGLHHLVWEIVDNSIDEALAGFAKSIQVIIEPDDSITVIDDGRGIPVGIQAKTGRPAVETVF
TVLHAGGKFGGGGYKVSGGLHGVGSSVVNALSTSLDVRVYKDGKVYYQEYRRGAVVDDLKVIEETDRHGTTVHFIPDPEI
FTETTVYDFDKLATRVRELAFLNRGLHISIEDRREGQEDKKEYHYEG
;
_struct_ref.pdbx_align_begin           18 
_struct_ref.pdbx_db_isoform            ? 
# 
_struct_ref_seq.align_id                      1 
_struct_ref_seq.ref_id                        1 
_struct_ref_seq.pdbx_PDB_id_code              4KSG 
_struct_ref_seq.pdbx_strand_id                A 
_struct_ref_seq.seq_align_beg                 1 
_struct_ref_seq.pdbx_seq_align_beg_ins_code   ? 
_struct_ref_seq.seq_align_end                 207 
_struct_ref_seq.pdbx_seq_align_end_ins_code   ? 
_struct_ref_seq.pdbx_db_accession             Q839Z1 
_struct_ref_seq.db_align_beg                  18 
_struct_ref_seq.pdbx_db_align_beg_ins_code    ? 
_struct_ref_seq.db_align_end                  224 
_struct_ref_seq.pdbx_db_align_end_ins_code    ? 
_struct_ref_seq.pdbx_auth_seq_align_beg       18 
_struct_ref_seq.pdbx_auth_seq_align_end       224 
# 
loop_
_struct_ref_seq_dif.align_id 
_struct_ref_seq_dif.pdbx_pdb_id_code 
_struct_ref_seq_dif.mon_id 
_struct_ref_seq_dif.pdbx_pdb_strand_id 
_struct_ref_seq_dif.seq_num 
_struct_ref_seq_dif.pdbx_pdb_ins_code 
_struct_ref_seq_dif.pdbx_seq_db_name 
_struct_ref_seq_dif.pdbx_seq_db_accession_code 
_struct_ref_seq_dif.db_mon_id 
_struct_ref_seq_dif.pdbx_seq_db_seq_num 
_struct_ref_seq_dif.details 
_struct_ref_seq_dif.pdbx_auth_seq_num 
_struct_ref_seq_dif.pdbx_ordinal 
1 4KSG LEU A 208 ? UNP Q839Z1 ? ? 'expression tag' 225 1 
1 4KSG GLU A 209 ? UNP Q839Z1 ? ? 'expression tag' 226 2 
1 4KSG HIS A 210 ? UNP Q839Z1 ? ? 'expression tag' 227 3 
1 4KSG HIS A 211 ? UNP Q839Z1 ? ? 'expression tag' 228 4 
1 4KSG HIS A 212 ? UNP Q839Z1 ? ? 'expression tag' 229 5 
1 4KSG HIS A 213 ? UNP Q839Z1 ? ? 'expression tag' 230 6 
1 4KSG HIS A 214 ? UNP Q839Z1 ? ? 'expression tag' 231 7 
1 4KSG HIS A 215 ? UNP Q839Z1 ? ? 'expression tag' 232 8 
# 
_pdbx_struct_assembly.id                   1 
_pdbx_struct_assembly.details              author_and_software_defined_assembly 
_pdbx_struct_assembly.method_details       PISA 
_pdbx_struct_assembly.oligomeric_details   monomeric 
_pdbx_struct_assembly.oligomeric_count     1 
# 
_pdbx_struct_assembly_gen.assembly_id       1 
_pdbx_struct_assembly_gen.oper_expression   1 
_pdbx_struct_assembly_gen.asym_id_list      A,B,C,D 
# 
_pdbx_struct_oper_list.id                   1 
_pdbx_struct_oper_list.type                 'identity operation' 
_pdbx_struct_oper_list.name                 1_555 
_pdbx_struct_oper_list.symmetry_operation   x,y,z 
_pdbx_struct_oper_list.matrix[1][1]         1.0000000000 
_pdbx_struct_oper_list.matrix[1][2]         0.0000000000 
_pdbx_struct_oper_list.matrix[1][3]         0.0000000000 
_pdbx_struct_oper_list.vector[1]            0.0000000000 
_pdbx_struct_oper_list.matrix[2][1]         0.0000000000 
_pdbx_struct_oper_list.matrix[2][2]         1.0000000000 
_pdbx_struct_oper_list.matrix[2][3]         0.0000000000 
_pdbx_struct_oper_list.vector[2]            0.0000000000 
_pdbx_struct_oper_list.matrix[3][1]         0.0000000000 
_pdbx_struct_oper_list.matrix[3][2]         0.0000000000 
_pdbx_struct_oper_list.matrix[3][3]         1.0000000000 
_pdbx_struct_oper_list.vector[3]            0.0000000000 
# 
_struct_biol.id        1 
_struct_biol.details   ? 
# 
loop_
_struct_conf.conf_type_id 
_struct_conf.id 
_struct_conf.pdbx_PDB_helix_id 
_struct_conf.beg_label_comp_id 
_struct_conf.beg_label_asym_id 
_struct_conf.beg_label_seq_id 
_struct_conf.pdbx_beg_PDB_ins_code 
_struct_conf.end_label_comp_id 
_struct_conf.end_label_asym_id 
_struct_conf.end_label_seq_id 
_struct_conf.pdbx_end_PDB_ins_code 
_struct_conf.beg_auth_comp_id 
_struct_conf.beg_auth_asym_id 
_struct_conf.beg_auth_seq_id 
_struct_conf.end_auth_comp_id 
_struct_conf.end_auth_asym_id 
_struct_conf.end_auth_seq_id 
_struct_conf.pdbx_PDB_helix_class 
_struct_conf.details 
_struct_conf.pdbx_PDB_helix_length 
HELX_P HELX_P1 1 GLY A 1   ? ARG A 8   ? GLY A 18  ARG A 25  1 ? 8  
HELX_P HELX_P2 2 PRO A 9   ? GLY A 14  ? PRO A 26  GLY A 31  1 ? 6  
HELX_P HELX_P3 3 SER A 17  ? ALA A 38  ? SER A 34  ALA A 55  1 ? 22 
HELX_P HELX_P4 4 PRO A 74  ? VAL A 82  ? PRO A 91  VAL A 99  1 ? 9  
HELX_P HELX_P5 5 SER A 105 ? LEU A 111 ? SER A 122 LEU A 128 1 ? 7  
HELX_P HELX_P6 6 ASP A 168 ? ASN A 183 ? ASP A 185 ASN A 200 1 ? 16 
# 
_struct_conf_type.id          HELX_P 
_struct_conf_type.criteria    ? 
_struct_conf_type.reference   ? 
# 
loop_
_struct_sheet.id 
_struct_sheet.type 
_struct_sheet.number_strands 
_struct_sheet.details 
A ? 3 ? 
B ? 8 ? 
# 
loop_
_struct_sheet_order.sheet_id 
_struct_sheet_order.range_id_1 
_struct_sheet_order.range_id_2 
_struct_sheet_order.offset 
_struct_sheet_order.sense 
A 1 2 ? anti-parallel 
A 2 3 ? anti-parallel 
B 1 2 ? anti-parallel 
B 2 3 ? anti-parallel 
B 3 4 ? anti-parallel 
B 4 5 ? anti-parallel 
B 5 6 ? anti-parallel 
B 6 7 ? parallel      
B 7 8 ? anti-parallel 
# 
loop_
_struct_sheet_range.sheet_id 
_struct_sheet_range.id 
_struct_sheet_range.beg_label_comp_id 
_struct_sheet_range.beg_label_asym_id 
_struct_sheet_range.beg_label_seq_id 
_struct_sheet_range.pdbx_beg_PDB_ins_code 
_struct_sheet_range.end_label_comp_id 
_struct_sheet_range.end_label_asym_id 
_struct_sheet_range.end_label_seq_id 
_struct_sheet_range.pdbx_end_PDB_ins_code 
_struct_sheet_range.beg_auth_comp_id 
_struct_sheet_range.beg_auth_asym_id 
_struct_sheet_range.beg_auth_seq_id 
_struct_sheet_range.end_auth_comp_id 
_struct_sheet_range.end_auth_asym_id 
_struct_sheet_range.end_auth_seq_id 
A 1 ALA A 134 ? VAL A 135 ? ALA A 151 VAL A 152 
A 2 LYS A 124 ? ARG A 131 ? LYS A 141 ARG A 148 
A 3 LYS A 140 ? GLU A 144 ? LYS A 157 GLU A 161 
B 1 ALA A 134 ? VAL A 135 ? ALA A 151 VAL A 152 
B 2 LYS A 124 ? ARG A 131 ? LYS A 141 ARG A 148 
B 3 SER A 112 ? LYS A 121 ? SER A 129 LYS A 138 
B 4 GLY A 149 ? PRO A 156 ? GLY A 166 PRO A 173 
B 5 ILE A 54  ? ASP A 58  ? ILE A 71  ASP A 75  
B 6 SER A 43  ? ILE A 48  ? SER A 60  ILE A 65  
B 7 HIS A 187 ? ASP A 192 ? HIS A 204 ASP A 209 
B 8 ASP A 199 ? HIS A 204 ? ASP A 216 HIS A 221 
# 
loop_
_pdbx_struct_sheet_hbond.sheet_id 
_pdbx_struct_sheet_hbond.range_id_1 
_pdbx_struct_sheet_hbond.range_id_2 
_pdbx_struct_sheet_hbond.range_1_label_atom_id 
_pdbx_struct_sheet_hbond.range_1_label_comp_id 
_pdbx_struct_sheet_hbond.range_1_label_asym_id 
_pdbx_struct_sheet_hbond.range_1_label_seq_id 
_pdbx_struct_sheet_hbond.range_1_PDB_ins_code 
_pdbx_struct_sheet_hbond.range_1_auth_atom_id 
_pdbx_struct_sheet_hbond.range_1_auth_comp_id 
_pdbx_struct_sheet_hbond.range_1_auth_asym_id 
_pdbx_struct_sheet_hbond.range_1_auth_seq_id 
_pdbx_struct_sheet_hbond.range_2_label_atom_id 
_pdbx_struct_sheet_hbond.range_2_label_comp_id 
_pdbx_struct_sheet_hbond.range_2_label_asym_id 
_pdbx_struct_sheet_hbond.range_2_label_seq_id 
_pdbx_struct_sheet_hbond.range_2_PDB_ins_code 
_pdbx_struct_sheet_hbond.range_2_auth_atom_id 
_pdbx_struct_sheet_hbond.range_2_auth_comp_id 
_pdbx_struct_sheet_hbond.range_2_auth_asym_id 
_pdbx_struct_sheet_hbond.range_2_auth_seq_id 
A 1 2 O ALA A 134 ? O ALA A 151 N ARG A 131 ? N ARG A 148 
A 2 3 N VAL A 125 ? N VAL A 142 O ILE A 142 ? O ILE A 159 
B 1 2 O ALA A 134 ? O ALA A 151 N ARG A 131 ? N ARG A 148 
B 2 3 O TYR A 126 ? O TYR A 143 N VAL A 119 ? N VAL A 136 
B 3 4 N TYR A 120 ? N TYR A 137 O GLY A 149 ? O GLY A 166 
B 4 5 O VAL A 152 ? O VAL A 169 N VAL A 56  ? N VAL A 73  
B 5 6 O THR A 55  ? O THR A 72  N ILE A 47  ? N ILE A 64  
B 6 7 N ILE A 48  ? N ILE A 65  O GLU A 191 ? O GLU A 208 
B 7 8 N ASP A 192 ? N ASP A 209 O ASP A 199 ? O ASP A 216 
# 
loop_
_struct_site.id 
_struct_site.pdbx_evidence_code 
_struct_site.pdbx_auth_asym_id 
_struct_site.pdbx_auth_comp_id 
_struct_site.pdbx_auth_seq_id 
_struct_site.pdbx_auth_ins_code 
_struct_site.pdbx_num_residues 
_struct_site.details 
AC1 Software A 920 301 ? 18 'BINDING SITE FOR RESIDUE 920 A 301' 
AC2 Software A TBU 302 ? 5  'BINDING SITE FOR RESIDUE TBU A 302' 
# 
loop_
_struct_site_gen.id 
_struct_site_gen.site_id 
_struct_site_gen.pdbx_num_res 
_struct_site_gen.label_comp_id 
_struct_site_gen.label_asym_id 
_struct_site_gen.label_seq_id 
_struct_site_gen.pdbx_auth_ins_code 
_struct_site_gen.auth_comp_id 
_struct_site_gen.auth_asym_id 
_struct_site_gen.auth_seq_id 
_struct_site_gen.label_atom_id 
_struct_site_gen.label_alt_id 
_struct_site_gen.symmetry 
_struct_site_gen.details 
1  AC1 18 ASN A 31  ? ASN A 48  . ? 1_555 ? 
2  AC1 18 SER A 32  ? SER A 49  . ? 1_555 ? 
3  AC1 18 GLU A 35  ? GLU A 52  . ? 1_555 ? 
4  AC1 18 VAL A 56  ? VAL A 73  . ? 1_555 ? 
5  AC1 18 ASP A 58  ? ASP A 75  . ? 1_555 ? 
6  AC1 18 ARG A 61  ? ARG A 78  . ? 1_555 ? 
7  AC1 18 GLY A 62  ? GLY A 79  . ? 1_555 ? 
8  AC1 18 ILE A 63  ? ILE A 80  . ? 1_555 ? 
9  AC1 18 PRO A 64  ? PRO A 81  . ? 1_555 ? 
10 AC1 18 PHE A 80  ? PHE A 97  . ? 1_555 ? 
11 AC1 18 SER A 105 ? SER A 122 . ? 1_555 ? 
12 AC1 18 THR A 150 ? THR A 167 . ? 1_555 ? 
13 AC1 18 VAL A 152 ? VAL A 169 . ? 1_555 ? 
14 AC1 18 HOH D .   ? HOH A 410 . ? 1_555 ? 
15 AC1 18 HOH D .   ? HOH A 419 . ? 1_555 ? 
16 AC1 18 HOH D .   ? HOH A 475 . ? 1_555 ? 
17 AC1 18 HOH D .   ? HOH A 528 . ? 1_555 ? 
18 AC1 18 HOH D .   ? HOH A 553 . ? 1_555 ? 
19 AC2 5  ALA A 36  ? ALA A 53  . ? 1_555 ? 
20 AC2 5  THR A 113 ? THR A 130 . ? 2_555 ? 
21 AC2 5  ARG A 131 ? ARG A 148 . ? 2_555 ? 
22 AC2 5  ASN A 183 ? ASN A 200 . ? 1_555 ? 
23 AC2 5  ARG A 184 ? ARG A 201 . ? 1_555 ? 
# 
loop_
_pdbx_validate_torsion.id 
_pdbx_validate_torsion.PDB_model_num 
_pdbx_validate_torsion.auth_comp_id 
_pdbx_validate_torsion.auth_asym_id 
_pdbx_validate_torsion.auth_seq_id 
_pdbx_validate_torsion.PDB_ins_code 
_pdbx_validate_torsion.label_alt_id 
_pdbx_validate_torsion.phi 
_pdbx_validate_torsion.psi 
1 1 SER A 34  ? ? -78.26  -169.18 
2 1 ASN A 200 ? ? -107.07 54.47   
3 1 GLN A 214 ? ? -149.13 22.56   
4 1 HIS A 221 ? ? -162.84 115.28  
# 
loop_
_pdbx_unobs_or_zero_occ_residues.id 
_pdbx_unobs_or_zero_occ_residues.PDB_model_num 
_pdbx_unobs_or_zero_occ_residues.polymer_flag 
_pdbx_unobs_or_zero_occ_residues.occupancy_flag 
_pdbx_unobs_or_zero_occ_residues.auth_asym_id 
_pdbx_unobs_or_zero_occ_residues.auth_comp_id 
_pdbx_unobs_or_zero_occ_residues.auth_seq_id 
_pdbx_unobs_or_zero_occ_residues.PDB_ins_code 
_pdbx_unobs_or_zero_occ_residues.label_asym_id 
_pdbx_unobs_or_zero_occ_residues.label_comp_id 
_pdbx_unobs_or_zero_occ_residues.label_seq_id 
1  1 Y 1 A HIS 101 ? A HIS 84  
2  1 Y 1 A ALA 102 ? A ALA 85  
3  1 Y 1 A GLY 103 ? A GLY 86  
4  1 Y 1 A GLY 104 ? A GLY 87  
5  1 Y 1 A LYS 105 ? A LYS 88  
6  1 Y 1 A PHE 106 ? A PHE 89  
7  1 Y 1 A GLY 107 ? A GLY 90  
8  1 Y 1 A GLY 108 ? A GLY 91  
9  1 Y 1 A GLY 109 ? A GLY 92  
10 1 Y 1 A GLY 110 ? A GLY 93  
11 1 Y 1 A TYR 111 ? A TYR 94  
12 1 Y 1 A LYS 112 ? A LYS 95  
13 1 Y 1 A VAL 113 ? A VAL 96  
14 1 Y 1 A SER 114 ? A SER 97  
15 1 Y 1 A GLY 115 ? A GLY 98  
16 1 Y 1 A GLY 116 ? A GLY 99  
17 1 Y 1 A LEU 117 ? A LEU 100 
18 1 Y 1 A HIS 118 ? A HIS 101 
19 1 Y 1 A GLY 119 ? A GLY 102 
20 1 Y 1 A VAL 120 ? A VAL 103 
21 1 Y 1 A HIS 228 ? A HIS 211 
22 1 Y 1 A HIS 229 ? A HIS 212 
23 1 Y 1 A HIS 230 ? A HIS 213 
24 1 Y 1 A HIS 231 ? A HIS 214 
25 1 Y 1 A HIS 232 ? A HIS 215 
# 
loop_
_chem_comp_atom.comp_id 
_chem_comp_atom.atom_id 
_chem_comp_atom.type_symbol 
_chem_comp_atom.pdbx_aromatic_flag 
_chem_comp_atom.pdbx_stereo_config 
_chem_comp_atom.pdbx_ordinal 
920 F31  F N N 1   
920 C6   C Y N 2   
920 C1   C Y N 3   
920 C5   C Y N 4   
920 C4   C Y N 5   
920 C9   C Y N 6   
920 C10  C Y N 7   
920 N22  N N N 8   
920 C26  C N N 9   
920 C25  C N R 10  
920 C28  C N R 11  
920 N29  N N N 12  
920 C27  C N N 13  
920 C24  C N S 14  
920 C30  C N N 15  
920 C23  C N N 16  
920 N11  N Y N 17  
920 C12  C Y N 18  
920 N13  N Y N 19  
920 C8   C Y N 20  
920 N7   N Y N 21  
920 C3   C Y N 22  
920 C2   C Y N 23  
920 N32  N N N 24  
920 C33  C N N 25  
920 O14  O N N 26  
920 C15  C Y N 27  
920 C20  C Y N 28  
920 N19  N Y N 29  
920 C18  C Y N 30  
920 C21  C N N 31  
920 N17  N Y N 32  
920 C16  C Y N 33  
920 H1   H N N 34  
920 H2   H N N 35  
920 H3   H N N 36  
920 H4   H N N 37  
920 H5   H N N 38  
920 H6   H N N 39  
920 H7   H N N 40  
920 H8   H N N 41  
920 H10  H N N 42  
920 H11  H N N 43  
920 H12  H N N 44  
920 H13  H N N 45  
920 H14  H N N 46  
920 H15  H N N 47  
920 H16  H N N 48  
920 H17  H N N 49  
920 H18  H N N 50  
920 H19  H N N 51  
920 H20  H N N 52  
920 H21  H N N 53  
920 H22  H N N 54  
920 H23  H N N 55  
920 H24  H N N 56  
920 H25  H N N 57  
920 H26  H N N 58  
ALA N    N N N 59  
ALA CA   C N S 60  
ALA C    C N N 61  
ALA O    O N N 62  
ALA CB   C N N 63  
ALA OXT  O N N 64  
ALA H    H N N 65  
ALA H2   H N N 66  
ALA HA   H N N 67  
ALA HB1  H N N 68  
ALA HB2  H N N 69  
ALA HB3  H N N 70  
ALA HXT  H N N 71  
ARG N    N N N 72  
ARG CA   C N S 73  
ARG C    C N N 74  
ARG O    O N N 75  
ARG CB   C N N 76  
ARG CG   C N N 77  
ARG CD   C N N 78  
ARG NE   N N N 79  
ARG CZ   C N N 80  
ARG NH1  N N N 81  
ARG NH2  N N N 82  
ARG OXT  O N N 83  
ARG H    H N N 84  
ARG H2   H N N 85  
ARG HA   H N N 86  
ARG HB2  H N N 87  
ARG HB3  H N N 88  
ARG HG2  H N N 89  
ARG HG3  H N N 90  
ARG HD2  H N N 91  
ARG HD3  H N N 92  
ARG HE   H N N 93  
ARG HH11 H N N 94  
ARG HH12 H N N 95  
ARG HH21 H N N 96  
ARG HH22 H N N 97  
ARG HXT  H N N 98  
ASN N    N N N 99  
ASN CA   C N S 100 
ASN C    C N N 101 
ASN O    O N N 102 
ASN CB   C N N 103 
ASN CG   C N N 104 
ASN OD1  O N N 105 
ASN ND2  N N N 106 
ASN OXT  O N N 107 
ASN H    H N N 108 
ASN H2   H N N 109 
ASN HA   H N N 110 
ASN HB2  H N N 111 
ASN HB3  H N N 112 
ASN HD21 H N N 113 
ASN HD22 H N N 114 
ASN HXT  H N N 115 
ASP N    N N N 116 
ASP CA   C N S 117 
ASP C    C N N 118 
ASP O    O N N 119 
ASP CB   C N N 120 
ASP CG   C N N 121 
ASP OD1  O N N 122 
ASP OD2  O N N 123 
ASP OXT  O N N 124 
ASP H    H N N 125 
ASP H2   H N N 126 
ASP HA   H N N 127 
ASP HB2  H N N 128 
ASP HB3  H N N 129 
ASP HD2  H N N 130 
ASP HXT  H N N 131 
GLN N    N N N 132 
GLN CA   C N S 133 
GLN C    C N N 134 
GLN O    O N N 135 
GLN CB   C N N 136 
GLN CG   C N N 137 
GLN CD   C N N 138 
GLN OE1  O N N 139 
GLN NE2  N N N 140 
GLN OXT  O N N 141 
GLN H    H N N 142 
GLN H2   H N N 143 
GLN HA   H N N 144 
GLN HB2  H N N 145 
GLN HB3  H N N 146 
GLN HG2  H N N 147 
GLN HG3  H N N 148 
GLN HE21 H N N 149 
GLN HE22 H N N 150 
GLN HXT  H N N 151 
GLU N    N N N 152 
GLU CA   C N S 153 
GLU C    C N N 154 
GLU O    O N N 155 
GLU CB   C N N 156 
GLU CG   C N N 157 
GLU CD   C N N 158 
GLU OE1  O N N 159 
GLU OE2  O N N 160 
GLU OXT  O N N 161 
GLU H    H N N 162 
GLU H2   H N N 163 
GLU HA   H N N 164 
GLU HB2  H N N 165 
GLU HB3  H N N 166 
GLU HG2  H N N 167 
GLU HG3  H N N 168 
GLU HE2  H N N 169 
GLU HXT  H N N 170 
GLY N    N N N 171 
GLY CA   C N N 172 
GLY C    C N N 173 
GLY O    O N N 174 
GLY OXT  O N N 175 
GLY H    H N N 176 
GLY H2   H N N 177 
GLY HA2  H N N 178 
GLY HA3  H N N 179 
GLY HXT  H N N 180 
HIS N    N N N 181 
HIS CA   C N S 182 
HIS C    C N N 183 
HIS O    O N N 184 
HIS CB   C N N 185 
HIS CG   C Y N 186 
HIS ND1  N Y N 187 
HIS CD2  C Y N 188 
HIS CE1  C Y N 189 
HIS NE2  N Y N 190 
HIS OXT  O N N 191 
HIS H    H N N 192 
HIS H2   H N N 193 
HIS HA   H N N 194 
HIS HB2  H N N 195 
HIS HB3  H N N 196 
HIS HD1  H N N 197 
HIS HD2  H N N 198 
HIS HE1  H N N 199 
HIS HE2  H N N 200 
HIS HXT  H N N 201 
HOH O    O N N 202 
HOH H1   H N N 203 
HOH H2   H N N 204 
ILE N    N N N 205 
ILE CA   C N S 206 
ILE C    C N N 207 
ILE O    O N N 208 
ILE CB   C N S 209 
ILE CG1  C N N 210 
ILE CG2  C N N 211 
ILE CD1  C N N 212 
ILE OXT  O N N 213 
ILE H    H N N 214 
ILE H2   H N N 215 
ILE HA   H N N 216 
ILE HB   H N N 217 
ILE HG12 H N N 218 
ILE HG13 H N N 219 
ILE HG21 H N N 220 
ILE HG22 H N N 221 
ILE HG23 H N N 222 
ILE HD11 H N N 223 
ILE HD12 H N N 224 
ILE HD13 H N N 225 
ILE HXT  H N N 226 
LEU N    N N N 227 
LEU CA   C N S 228 
LEU C    C N N 229 
LEU O    O N N 230 
LEU CB   C N N 231 
LEU CG   C N N 232 
LEU CD1  C N N 233 
LEU CD2  C N N 234 
LEU OXT  O N N 235 
LEU H    H N N 236 
LEU H2   H N N 237 
LEU HA   H N N 238 
LEU HB2  H N N 239 
LEU HB3  H N N 240 
LEU HG   H N N 241 
LEU HD11 H N N 242 
LEU HD12 H N N 243 
LEU HD13 H N N 244 
LEU HD21 H N N 245 
LEU HD22 H N N 246 
LEU HD23 H N N 247 
LEU HXT  H N N 248 
LYS N    N N N 249 
LYS CA   C N S 250 
LYS C    C N N 251 
LYS O    O N N 252 
LYS CB   C N N 253 
LYS CG   C N N 254 
LYS CD   C N N 255 
LYS CE   C N N 256 
LYS NZ   N N N 257 
LYS OXT  O N N 258 
LYS H    H N N 259 
LYS H2   H N N 260 
LYS HA   H N N 261 
LYS HB2  H N N 262 
LYS HB3  H N N 263 
LYS HG2  H N N 264 
LYS HG3  H N N 265 
LYS HD2  H N N 266 
LYS HD3  H N N 267 
LYS HE2  H N N 268 
LYS HE3  H N N 269 
LYS HZ1  H N N 270 
LYS HZ2  H N N 271 
LYS HZ3  H N N 272 
LYS HXT  H N N 273 
MET N    N N N 274 
MET CA   C N S 275 
MET C    C N N 276 
MET O    O N N 277 
MET CB   C N N 278 
MET CG   C N N 279 
MET SD   S N N 280 
MET CE   C N N 281 
MET OXT  O N N 282 
MET H    H N N 283 
MET H2   H N N 284 
MET HA   H N N 285 
MET HB2  H N N 286 
MET HB3  H N N 287 
MET HG2  H N N 288 
MET HG3  H N N 289 
MET HE1  H N N 290 
MET HE2  H N N 291 
MET HE3  H N N 292 
MET HXT  H N N 293 
PHE N    N N N 294 
PHE CA   C N S 295 
PHE C    C N N 296 
PHE O    O N N 297 
PHE CB   C N N 298 
PHE CG   C Y N 299 
PHE CD1  C Y N 300 
PHE CD2  C Y N 301 
PHE CE1  C Y N 302 
PHE CE2  C Y N 303 
PHE CZ   C Y N 304 
PHE OXT  O N N 305 
PHE H    H N N 306 
PHE H2   H N N 307 
PHE HA   H N N 308 
PHE HB2  H N N 309 
PHE HB3  H N N 310 
PHE HD1  H N N 311 
PHE HD2  H N N 312 
PHE HE1  H N N 313 
PHE HE2  H N N 314 
PHE HZ   H N N 315 
PHE HXT  H N N 316 
PRO N    N N N 317 
PRO CA   C N S 318 
PRO C    C N N 319 
PRO O    O N N 320 
PRO CB   C N N 321 
PRO CG   C N N 322 
PRO CD   C N N 323 
PRO OXT  O N N 324 
PRO H    H N N 325 
PRO HA   H N N 326 
PRO HB2  H N N 327 
PRO HB3  H N N 328 
PRO HG2  H N N 329 
PRO HG3  H N N 330 
PRO HD2  H N N 331 
PRO HD3  H N N 332 
PRO HXT  H N N 333 
SER N    N N N 334 
SER CA   C N S 335 
SER C    C N N 336 
SER O    O N N 337 
SER CB   C N N 338 
SER OG   O N N 339 
SER OXT  O N N 340 
SER H    H N N 341 
SER H2   H N N 342 
SER HA   H N N 343 
SER HB2  H N N 344 
SER HB3  H N N 345 
SER HG   H N N 346 
SER HXT  H N N 347 
TBU O    O N N 348 
TBU C    C N N 349 
TBU C1   C N N 350 
TBU C2   C N N 351 
TBU C3   C N N 352 
TBU HO   H N N 353 
TBU H11  H N N 354 
TBU H12  H N N 355 
TBU H13  H N N 356 
TBU H21  H N N 357 
TBU H22  H N N 358 
TBU H23  H N N 359 
TBU H31  H N N 360 
TBU H32  H N N 361 
TBU H33  H N N 362 
THR N    N N N 363 
THR CA   C N S 364 
THR C    C N N 365 
THR O    O N N 366 
THR CB   C N R 367 
THR OG1  O N N 368 
THR CG2  C N N 369 
THR OXT  O N N 370 
THR H    H N N 371 
THR H2   H N N 372 
THR HA   H N N 373 
THR HB   H N N 374 
THR HG1  H N N 375 
THR HG21 H N N 376 
THR HG22 H N N 377 
THR HG23 H N N 378 
THR HXT  H N N 379 
TRP N    N N N 380 
TRP CA   C N S 381 
TRP C    C N N 382 
TRP O    O N N 383 
TRP CB   C N N 384 
TRP CG   C Y N 385 
TRP CD1  C Y N 386 
TRP CD2  C Y N 387 
TRP NE1  N Y N 388 
TRP CE2  C Y N 389 
TRP CE3  C Y N 390 
TRP CZ2  C Y N 391 
TRP CZ3  C Y N 392 
TRP CH2  C Y N 393 
TRP OXT  O N N 394 
TRP H    H N N 395 
TRP H2   H N N 396 
TRP HA   H N N 397 
TRP HB2  H N N 398 
TRP HB3  H N N 399 
TRP HD1  H N N 400 
TRP HE1  H N N 401 
TRP HE3  H N N 402 
TRP HZ2  H N N 403 
TRP HZ3  H N N 404 
TRP HH2  H N N 405 
TRP HXT  H N N 406 
TYR N    N N N 407 
TYR CA   C N S 408 
TYR C    C N N 409 
TYR O    O N N 410 
TYR CB   C N N 411 
TYR CG   C Y N 412 
TYR CD1  C Y N 413 
TYR CD2  C Y N 414 
TYR CE1  C Y N 415 
TYR CE2  C Y N 416 
TYR CZ   C Y N 417 
TYR OH   O N N 418 
TYR OXT  O N N 419 
TYR H    H N N 420 
TYR H2   H N N 421 
TYR HA   H N N 422 
TYR HB2  H N N 423 
TYR HB3  H N N 424 
TYR HD1  H N N 425 
TYR HD2  H N N 426 
TYR HE1  H N N 427 
TYR HE2  H N N 428 
TYR HH   H N N 429 
TYR HXT  H N N 430 
VAL N    N N N 431 
VAL CA   C N S 432 
VAL C    C N N 433 
VAL O    O N N 434 
VAL CB   C N N 435 
VAL CG1  C N N 436 
VAL CG2  C N N 437 
VAL OXT  O N N 438 
VAL H    H N N 439 
VAL H2   H N N 440 
VAL HA   H N N 441 
VAL HB   H N N 442 
VAL HG11 H N N 443 
VAL HG12 H N N 444 
VAL HG13 H N N 445 
VAL HG21 H N N 446 
VAL HG22 H N N 447 
VAL HG23 H N N 448 
VAL HXT  H N N 449 
# 
loop_
_chem_comp_bond.comp_id 
_chem_comp_bond.atom_id_1 
_chem_comp_bond.atom_id_2 
_chem_comp_bond.value_order 
_chem_comp_bond.pdbx_aromatic_flag 
_chem_comp_bond.pdbx_stereo_config 
_chem_comp_bond.pdbx_ordinal 
920 C33 N32  sing N N 1   
920 F31 C6   sing N N 2   
920 C1  C6   doub Y N 3   
920 C1  C2   sing Y N 4   
920 C6  C5   sing Y N 5   
920 N32 C2   sing N N 6   
920 C2  C3   doub Y N 7   
920 C5  C4   doub Y N 8   
920 C3  C4   sing Y N 9   
920 C3  N7   sing Y N 10  
920 C4  C9   sing Y N 11  
920 N7  C8   sing Y N 12  
920 C9  C8   doub Y N 13  
920 C9  C10  sing Y N 14  
920 C8  N13  sing Y N 15  
920 C26 N22  sing N N 16  
920 C26 C25  sing N N 17  
920 C10 N22  sing N N 18  
920 C10 N11  doub Y N 19  
920 N22 C23  sing N N 20  
920 N13 C12  doub Y N 21  
920 C23 C24  sing N N 22  
920 C25 C24  sing N N 23  
920 C25 C28  sing N N 24  
920 N11 C12  sing Y N 25  
920 C12 O14  sing N N 26  
920 C24 C30  sing N N 27  
920 C24 C27  sing N N 28  
920 O14 C15  sing N N 29  
920 C28 N29  sing N N 30  
920 C28 C27  sing N N 31  
920 C20 C15  doub Y N 32  
920 C20 N19  sing Y N 33  
920 C15 C16  sing Y N 34  
920 N19 C18  doub Y N 35  
920 C16 N17  doub Y N 36  
920 C18 N17  sing Y N 37  
920 C18 C21  sing N N 38  
920 C1  H1   sing N N 39  
920 C5  H2   sing N N 40  
920 C26 H3   sing N N 41  
920 C26 H4   sing N N 42  
920 C25 H5   sing N N 43  
920 C28 H6   sing N N 44  
920 N29 H7   sing N N 45  
920 N29 H8   sing N N 46  
920 C27 H10  sing N N 47  
920 C27 H11  sing N N 48  
920 C30 H12  sing N N 49  
920 C30 H13  sing N N 50  
920 C30 H14  sing N N 51  
920 C23 H15  sing N N 52  
920 C23 H16  sing N N 53  
920 N7  H17  sing N N 54  
920 N32 H18  sing N N 55  
920 C33 H19  sing N N 56  
920 C33 H20  sing N N 57  
920 C33 H21  sing N N 58  
920 C20 H22  sing N N 59  
920 C21 H23  sing N N 60  
920 C21 H24  sing N N 61  
920 C21 H25  sing N N 62  
920 C16 H26  sing N N 63  
ALA N   CA   sing N N 64  
ALA N   H    sing N N 65  
ALA N   H2   sing N N 66  
ALA CA  C    sing N N 67  
ALA CA  CB   sing N N 68  
ALA CA  HA   sing N N 69  
ALA C   O    doub N N 70  
ALA C   OXT  sing N N 71  
ALA CB  HB1  sing N N 72  
ALA CB  HB2  sing N N 73  
ALA CB  HB3  sing N N 74  
ALA OXT HXT  sing N N 75  
ARG N   CA   sing N N 76  
ARG N   H    sing N N 77  
ARG N   H2   sing N N 78  
ARG CA  C    sing N N 79  
ARG CA  CB   sing N N 80  
ARG CA  HA   sing N N 81  
ARG C   O    doub N N 82  
ARG C   OXT  sing N N 83  
ARG CB  CG   sing N N 84  
ARG CB  HB2  sing N N 85  
ARG CB  HB3  sing N N 86  
ARG CG  CD   sing N N 87  
ARG CG  HG2  sing N N 88  
ARG CG  HG3  sing N N 89  
ARG CD  NE   sing N N 90  
ARG CD  HD2  sing N N 91  
ARG CD  HD3  sing N N 92  
ARG NE  CZ   sing N N 93  
ARG NE  HE   sing N N 94  
ARG CZ  NH1  sing N N 95  
ARG CZ  NH2  doub N N 96  
ARG NH1 HH11 sing N N 97  
ARG NH1 HH12 sing N N 98  
ARG NH2 HH21 sing N N 99  
ARG NH2 HH22 sing N N 100 
ARG OXT HXT  sing N N 101 
ASN N   CA   sing N N 102 
ASN N   H    sing N N 103 
ASN N   H2   sing N N 104 
ASN CA  C    sing N N 105 
ASN CA  CB   sing N N 106 
ASN CA  HA   sing N N 107 
ASN C   O    doub N N 108 
ASN C   OXT  sing N N 109 
ASN CB  CG   sing N N 110 
ASN CB  HB2  sing N N 111 
ASN CB  HB3  sing N N 112 
ASN CG  OD1  doub N N 113 
ASN CG  ND2  sing N N 114 
ASN ND2 HD21 sing N N 115 
ASN ND2 HD22 sing N N 116 
ASN OXT HXT  sing N N 117 
ASP N   CA   sing N N 118 
ASP N   H    sing N N 119 
ASP N   H2   sing N N 120 
ASP CA  C    sing N N 121 
ASP CA  CB   sing N N 122 
ASP CA  HA   sing N N 123 
ASP C   O    doub N N 124 
ASP C   OXT  sing N N 125 
ASP CB  CG   sing N N 126 
ASP CB  HB2  sing N N 127 
ASP CB  HB3  sing N N 128 
ASP CG  OD1  doub N N 129 
ASP CG  OD2  sing N N 130 
ASP OD2 HD2  sing N N 131 
ASP OXT HXT  sing N N 132 
GLN N   CA   sing N N 133 
GLN N   H    sing N N 134 
GLN N   H2   sing N N 135 
GLN CA  C    sing N N 136 
GLN CA  CB   sing N N 137 
GLN CA  HA   sing N N 138 
GLN C   O    doub N N 139 
GLN C   OXT  sing N N 140 
GLN CB  CG   sing N N 141 
GLN CB  HB2  sing N N 142 
GLN CB  HB3  sing N N 143 
GLN CG  CD   sing N N 144 
GLN CG  HG2  sing N N 145 
GLN CG  HG3  sing N N 146 
GLN CD  OE1  doub N N 147 
GLN CD  NE2  sing N N 148 
GLN NE2 HE21 sing N N 149 
GLN NE2 HE22 sing N N 150 
GLN OXT HXT  sing N N 151 
GLU N   CA   sing N N 152 
GLU N   H    sing N N 153 
GLU N   H2   sing N N 154 
GLU CA  C    sing N N 155 
GLU CA  CB   sing N N 156 
GLU CA  HA   sing N N 157 
GLU C   O    doub N N 158 
GLU C   OXT  sing N N 159 
GLU CB  CG   sing N N 160 
GLU CB  HB2  sing N N 161 
GLU CB  HB3  sing N N 162 
GLU CG  CD   sing N N 163 
GLU CG  HG2  sing N N 164 
GLU CG  HG3  sing N N 165 
GLU CD  OE1  doub N N 166 
GLU CD  OE2  sing N N 167 
GLU OE2 HE2  sing N N 168 
GLU OXT HXT  sing N N 169 
GLY N   CA   sing N N 170 
GLY N   H    sing N N 171 
GLY N   H2   sing N N 172 
GLY CA  C    sing N N 173 
GLY CA  HA2  sing N N 174 
GLY CA  HA3  sing N N 175 
GLY C   O    doub N N 176 
GLY C   OXT  sing N N 177 
GLY OXT HXT  sing N N 178 
HIS N   CA   sing N N 179 
HIS N   H    sing N N 180 
HIS N   H2   sing N N 181 
HIS CA  C    sing N N 182 
HIS CA  CB   sing N N 183 
HIS CA  HA   sing N N 184 
HIS C   O    doub N N 185 
HIS C   OXT  sing N N 186 
HIS CB  CG   sing N N 187 
HIS CB  HB2  sing N N 188 
HIS CB  HB3  sing N N 189 
HIS CG  ND1  sing Y N 190 
HIS CG  CD2  doub Y N 191 
HIS ND1 CE1  doub Y N 192 
HIS ND1 HD1  sing N N 193 
HIS CD2 NE2  sing Y N 194 
HIS CD2 HD2  sing N N 195 
HIS CE1 NE2  sing Y N 196 
HIS CE1 HE1  sing N N 197 
HIS NE2 HE2  sing N N 198 
HIS OXT HXT  sing N N 199 
HOH O   H1   sing N N 200 
HOH O   H2   sing N N 201 
ILE N   CA   sing N N 202 
ILE N   H    sing N N 203 
ILE N   H2   sing N N 204 
ILE CA  C    sing N N 205 
ILE CA  CB   sing N N 206 
ILE CA  HA   sing N N 207 
ILE C   O    doub N N 208 
ILE C   OXT  sing N N 209 
ILE CB  CG1  sing N N 210 
ILE CB  CG2  sing N N 211 
ILE CB  HB   sing N N 212 
ILE CG1 CD1  sing N N 213 
ILE CG1 HG12 sing N N 214 
ILE CG1 HG13 sing N N 215 
ILE CG2 HG21 sing N N 216 
ILE CG2 HG22 sing N N 217 
ILE CG2 HG23 sing N N 218 
ILE CD1 HD11 sing N N 219 
ILE CD1 HD12 sing N N 220 
ILE CD1 HD13 sing N N 221 
ILE OXT HXT  sing N N 222 
LEU N   CA   sing N N 223 
LEU N   H    sing N N 224 
LEU N   H2   sing N N 225 
LEU CA  C    sing N N 226 
LEU CA  CB   sing N N 227 
LEU CA  HA   sing N N 228 
LEU C   O    doub N N 229 
LEU C   OXT  sing N N 230 
LEU CB  CG   sing N N 231 
LEU CB  HB2  sing N N 232 
LEU CB  HB3  sing N N 233 
LEU CG  CD1  sing N N 234 
LEU CG  CD2  sing N N 235 
LEU CG  HG   sing N N 236 
LEU CD1 HD11 sing N N 237 
LEU CD1 HD12 sing N N 238 
LEU CD1 HD13 sing N N 239 
LEU CD2 HD21 sing N N 240 
LEU CD2 HD22 sing N N 241 
LEU CD2 HD23 sing N N 242 
LEU OXT HXT  sing N N 243 
LYS N   CA   sing N N 244 
LYS N   H    sing N N 245 
LYS N   H2   sing N N 246 
LYS CA  C    sing N N 247 
LYS CA  CB   sing N N 248 
LYS CA  HA   sing N N 249 
LYS C   O    doub N N 250 
LYS C   OXT  sing N N 251 
LYS CB  CG   sing N N 252 
LYS CB  HB2  sing N N 253 
LYS CB  HB3  sing N N 254 
LYS CG  CD   sing N N 255 
LYS CG  HG2  sing N N 256 
LYS CG  HG3  sing N N 257 
LYS CD  CE   sing N N 258 
LYS CD  HD2  sing N N 259 
LYS CD  HD3  sing N N 260 
LYS CE  NZ   sing N N 261 
LYS CE  HE2  sing N N 262 
LYS CE  HE3  sing N N 263 
LYS NZ  HZ1  sing N N 264 
LYS NZ  HZ2  sing N N 265 
LYS NZ  HZ3  sing N N 266 
LYS OXT HXT  sing N N 267 
MET N   CA   sing N N 268 
MET N   H    sing N N 269 
MET N   H2   sing N N 270 
MET CA  C    sing N N 271 
MET CA  CB   sing N N 272 
MET CA  HA   sing N N 273 
MET C   O    doub N N 274 
MET C   OXT  sing N N 275 
MET CB  CG   sing N N 276 
MET CB  HB2  sing N N 277 
MET CB  HB3  sing N N 278 
MET CG  SD   sing N N 279 
MET CG  HG2  sing N N 280 
MET CG  HG3  sing N N 281 
MET SD  CE   sing N N 282 
MET CE  HE1  sing N N 283 
MET CE  HE2  sing N N 284 
MET CE  HE3  sing N N 285 
MET OXT HXT  sing N N 286 
PHE N   CA   sing N N 287 
PHE N   H    sing N N 288 
PHE N   H2   sing N N 289 
PHE CA  C    sing N N 290 
PHE CA  CB   sing N N 291 
PHE CA  HA   sing N N 292 
PHE C   O    doub N N 293 
PHE C   OXT  sing N N 294 
PHE CB  CG   sing N N 295 
PHE CB  HB2  sing N N 296 
PHE CB  HB3  sing N N 297 
PHE CG  CD1  doub Y N 298 
PHE CG  CD2  sing Y N 299 
PHE CD1 CE1  sing Y N 300 
PHE CD1 HD1  sing N N 301 
PHE CD2 CE2  doub Y N 302 
PHE CD2 HD2  sing N N 303 
PHE CE1 CZ   doub Y N 304 
PHE CE1 HE1  sing N N 305 
PHE CE2 CZ   sing Y N 306 
PHE CE2 HE2  sing N N 307 
PHE CZ  HZ   sing N N 308 
PHE OXT HXT  sing N N 309 
PRO N   CA   sing N N 310 
PRO N   CD   sing N N 311 
PRO N   H    sing N N 312 
PRO CA  C    sing N N 313 
PRO CA  CB   sing N N 314 
PRO CA  HA   sing N N 315 
PRO C   O    doub N N 316 
PRO C   OXT  sing N N 317 
PRO CB  CG   sing N N 318 
PRO CB  HB2  sing N N 319 
PRO CB  HB3  sing N N 320 
PRO CG  CD   sing N N 321 
PRO CG  HG2  sing N N 322 
PRO CG  HG3  sing N N 323 
PRO CD  HD2  sing N N 324 
PRO CD  HD3  sing N N 325 
PRO OXT HXT  sing N N 326 
SER N   CA   sing N N 327 
SER N   H    sing N N 328 
SER N   H2   sing N N 329 
SER CA  C    sing N N 330 
SER CA  CB   sing N N 331 
SER CA  HA   sing N N 332 
SER C   O    doub N N 333 
SER C   OXT  sing N N 334 
SER CB  OG   sing N N 335 
SER CB  HB2  sing N N 336 
SER CB  HB3  sing N N 337 
SER OG  HG   sing N N 338 
SER OXT HXT  sing N N 339 
TBU O   C    sing N N 340 
TBU O   HO   sing N N 341 
TBU C   C1   sing N N 342 
TBU C   C2   sing N N 343 
TBU C   C3   sing N N 344 
TBU C1  H11  sing N N 345 
TBU C1  H12  sing N N 346 
TBU C1  H13  sing N N 347 
TBU C2  H21  sing N N 348 
TBU C2  H22  sing N N 349 
TBU C2  H23  sing N N 350 
TBU C3  H31  sing N N 351 
TBU C3  H32  sing N N 352 
TBU C3  H33  sing N N 353 
THR N   CA   sing N N 354 
THR N   H    sing N N 355 
THR N   H2   sing N N 356 
THR CA  C    sing N N 357 
THR CA  CB   sing N N 358 
THR CA  HA   sing N N 359 
THR C   O    doub N N 360 
THR C   OXT  sing N N 361 
THR CB  OG1  sing N N 362 
THR CB  CG2  sing N N 363 
THR CB  HB   sing N N 364 
THR OG1 HG1  sing N N 365 
THR CG2 HG21 sing N N 366 
THR CG2 HG22 sing N N 367 
THR CG2 HG23 sing N N 368 
THR OXT HXT  sing N N 369 
TRP N   CA   sing N N 370 
TRP N   H    sing N N 371 
TRP N   H2   sing N N 372 
TRP CA  C    sing N N 373 
TRP CA  CB   sing N N 374 
TRP CA  HA   sing N N 375 
TRP C   O    doub N N 376 
TRP C   OXT  sing N N 377 
TRP CB  CG   sing N N 378 
TRP CB  HB2  sing N N 379 
TRP CB  HB3  sing N N 380 
TRP CG  CD1  doub Y N 381 
TRP CG  CD2  sing Y N 382 
TRP CD1 NE1  sing Y N 383 
TRP CD1 HD1  sing N N 384 
TRP CD2 CE2  doub Y N 385 
TRP CD2 CE3  sing Y N 386 
TRP NE1 CE2  sing Y N 387 
TRP NE1 HE1  sing N N 388 
TRP CE2 CZ2  sing Y N 389 
TRP CE3 CZ3  doub Y N 390 
TRP CE3 HE3  sing N N 391 
TRP CZ2 CH2  doub Y N 392 
TRP CZ2 HZ2  sing N N 393 
TRP CZ3 CH2  sing Y N 394 
TRP CZ3 HZ3  sing N N 395 
TRP CH2 HH2  sing N N 396 
TRP OXT HXT  sing N N 397 
TYR N   CA   sing N N 398 
TYR N   H    sing N N 399 
TYR N   H2   sing N N 400 
TYR CA  C    sing N N 401 
TYR CA  CB   sing N N 402 
TYR CA  HA   sing N N 403 
TYR C   O    doub N N 404 
TYR C   OXT  sing N N 405 
TYR CB  CG   sing N N 406 
TYR CB  HB2  sing N N 407 
TYR CB  HB3  sing N N 408 
TYR CG  CD1  doub Y N 409 
TYR CG  CD2  sing Y N 410 
TYR CD1 CE1  sing Y N 411 
TYR CD1 HD1  sing N N 412 
TYR CD2 CE2  doub Y N 413 
TYR CD2 HD2  sing N N 414 
TYR CE1 CZ   doub Y N 415 
TYR CE1 HE1  sing N N 416 
TYR CE2 CZ   sing Y N 417 
TYR CE2 HE2  sing N N 418 
TYR CZ  OH   sing N N 419 
TYR OH  HH   sing N N 420 
TYR OXT HXT  sing N N 421 
VAL N   CA   sing N N 422 
VAL N   H    sing N N 423 
VAL N   H2   sing N N 424 
VAL CA  C    sing N N 425 
VAL CA  CB   sing N N 426 
VAL CA  HA   sing N N 427 
VAL C   O    doub N N 428 
VAL C   OXT  sing N N 429 
VAL CB  CG1  sing N N 430 
VAL CB  CG2  sing N N 431 
VAL CB  HB   sing N N 432 
VAL CG1 HG11 sing N N 433 
VAL CG1 HG12 sing N N 434 
VAL CG1 HG13 sing N N 435 
VAL CG2 HG21 sing N N 436 
VAL CG2 HG22 sing N N 437 
VAL CG2 HG23 sing N N 438 
VAL OXT HXT  sing N N 439 
# 
_atom_sites.entry_id                    4KSG 
_atom_sites.fract_transf_matrix[1][1]   -0.01056371 
_atom_sites.fract_transf_matrix[1][2]   0.00717637 
_atom_sites.fract_transf_matrix[1][3]   -0.01309040 
_atom_sites.fract_transf_matrix[2][1]   0.01160417 
_atom_sites.fract_transf_matrix[2][2]   -0.00430259 
_atom_sites.fract_transf_matrix[2][3]   -0.01172310 
_atom_sites.fract_transf_matrix[3][1]   -0.00682717 
_atom_sites.fract_transf_matrix[3][2]   -0.01340347 
_atom_sites.fract_transf_matrix[3][3]   -0.00183860 
_atom_sites.fract_transf_vector[1]      0.257653 
_atom_sites.fract_transf_vector[2]      0.011217 
_atom_sites.fract_transf_vector[3]      0.119579 
# 
loop_
_atom_type.symbol 
C 
F 
N 
O 
S 
# 
loop_
_atom_site.group_PDB 
_atom_site.id 
_atom_site.type_symbol 
_atom_site.label_atom_id 
_atom_site.label_alt_id 
_atom_site.label_comp_id 
_atom_site.label_asym_id 
_atom_site.label_entity_id 
_atom_site.label_seq_id 
_atom_site.pdbx_PDB_ins_code 
_atom_site.Cartn_x 
_atom_site.Cartn_y 
_atom_site.Cartn_z 
_atom_site.occupancy 
_atom_site.B_iso_or_equiv 
_atom_site.pdbx_formal_charge 
_atom_site.auth_seq_id 
_atom_site.auth_comp_id 
_atom_site.auth_asym_id 
_atom_site.auth_atom_id 
_atom_site.pdbx_PDB_model_num 
ATOM   1    N N   . GLY A 1 1   ? 16.520  -8.097  11.298  1.00   28.61 ? 18  GLY A N   1 
ATOM   2    C CA  . GLY A 1 1   ? 15.173  -7.541  10.939  1.00   25.77 ? 18  GLY A CA  1 
ATOM   3    C C   . GLY A 1 1   ? 15.163  -6.719  9.659   1.00   24.67 ? 18  GLY A C   1 
ATOM   4    O O   . GLY A 1 1   ? 15.819  -7.076  8.676   1.00   24.58 ? 18  GLY A O   1 
ATOM   5    N N   . LEU A 1 2   ? 14.406  -5.617  9.670   1.00   21.93 ? 19  LEU A N   1 
ATOM   6    C CA  . LEU A 1 2   ? 14.266  -4.743  8.499   1.00   20.10 ? 19  LEU A CA  1 
ATOM   7    C C   . LEU A 1 2   ? 15.557  -4.043  8.104   1.00   18.68 ? 19  LEU A C   1 
ATOM   8    O O   . LEU A 1 2   ? 15.691  -3.570  6.977   1.00   17.25 ? 19  LEU A O   1 
ATOM   9    C CB  . LEU A 1 2   ? 13.178  -3.686  8.722   1.00   19.46 ? 19  LEU A CB  1 
ATOM   10   C CG  . LEU A 1 2   ? 11.726  -4.147  8.765   1.00   19.59 ? 19  LEU A CG  1 
ATOM   11   C CD1 . LEU A 1 2   ? 10.829  -2.925  8.898   1.00   19.15 ? 19  LEU A CD1 1 
ATOM   12   C CD2 . LEU A 1 2   ? 11.378  -4.953  7.520   1.00   19.31 ? 19  LEU A CD2 1 
ATOM   13   N N   . GLU A 1 3   ? 16.492  -3.947  9.047   1.00   18.63 ? 20  GLU A N   1 
ATOM   14   C CA  . GLU A 1 3   ? 17.798  -3.384  8.754   1.00   18.86 ? 20  GLU A CA  1 
ATOM   15   C C   . GLU A 1 3   ? 18.472  -4.164  7.627   1.00   17.60 ? 20  GLU A C   1 
ATOM   16   O O   . GLU A 1 3   ? 19.117  -3.573  6.754   1.00   17.60 ? 20  GLU A O   1 
ATOM   17   C CB  . GLU A 1 3   ? 18.667  -3.373  10.015  1.00   21.10 ? 20  GLU A CB  1 
ATOM   18   C CG  . GLU A 1 3   ? 19.619  -2.200  10.078  1.00   23.66 ? 20  GLU A CG  1 
ATOM   19   C CD  . GLU A 1 3   ? 20.593  -2.277  11.243  1.00   25.11 ? 20  GLU A CD  1 
ATOM   20   O OE1 . GLU A 1 3   ? 21.660  -1.630  11.155  1.00   26.75 ? 20  GLU A OE1 1 
ATOM   21   O OE2 . GLU A 1 3   ? 20.304  -2.977  12.244  1.00   25.75 ? 20  GLU A OE2 1 
ATOM   22   N N   . ALA A 1 4   ? 18.296  -5.489  7.641   1.00   16.21 ? 21  ALA A N   1 
ATOM   23   C CA  . ALA A 1 4   ? 18.844  -6.372  6.609   1.00   15.28 ? 21  ALA A CA  1 
ATOM   24   C C   . ALA A 1 4   ? 18.231  -6.088  5.239   1.00   14.75 ? 21  ALA A C   1 
ATOM   25   O O   . ALA A 1 4   ? 18.910  -6.181  4.215   1.00   14.22 ? 21  ALA A O   1 
ATOM   26   C CB  . ALA A 1 4   ? 18.629  -7.830  6.989   1.00   15.66 ? 21  ALA A CB  1 
ATOM   27   N N   . VAL A 1 5   ? 16.942  -5.741  5.237   1.00   13.74 ? 22  VAL A N   1 
ATOM   28   C CA  . VAL A 1 5   ? 16.217  -5.422  4.010   1.00   13.09 ? 22  VAL A CA  1 
ATOM   29   C C   . VAL A 1 5   ? 16.803  -4.163  3.359   1.00   12.46 ? 22  VAL A C   1 
ATOM   30   O O   . VAL A 1 5   ? 16.992  -4.119  2.144   1.00   12.21 ? 22  VAL A O   1 
ATOM   31   C CB  . VAL A 1 5   ? 14.697  -5.246  4.276   1.00   13.11 ? 22  VAL A CB  1 
ATOM   32   C CG1 . VAL A 1 5   ? 13.949  -4.877  2.999   1.00   13.22 ? 22  VAL A CG1 1 
ATOM   33   C CG2 . VAL A 1 5   ? 14.113  -6.519  4.869   1.00   13.38 ? 22  VAL A CG2 1 
ATOM   34   N N   . ARG A 1 6   ? 17.111  -3.158  4.173   1.00   12.00 ? 23  ARG A N   1 
ATOM   35   C CA  . ARG A 1 6   ? 17.691  -1.913  3.656   1.00   11.92 ? 23  ARG A CA  1 
ATOM   36   C C   . ARG A 1 6   ? 19.103  -2.096  3.110   1.00   12.09 ? 23  ARG A C   1 
ATOM   37   O O   . ARG A 1 6   ? 19.523  -1.348  2.228   1.00   12.60 ? 23  ARG A O   1 
ATOM   38   C CB  . ARG A 1 6   ? 17.710  -0.827  4.731   1.00   11.48 ? 23  ARG A CB  1 
ATOM   39   C CG  . ARG A 1 6   ? 16.336  -0.245  5.011   1.00   11.30 ? 23  ARG A CG  1 
ATOM   40   C CD  . ARG A 1 6   ? 16.403  0.974   5.921   1.00   11.14 ? 23  ARG A CD  1 
ATOM   41   N NE  . ARG A 1 6   ? 17.242  2.037   5.363   1.00   11.03 ? 23  ARG A NE  1 
ATOM   42   C CZ  . ARG A 1 6   ? 16.859  2.908   4.429   1.00   10.95 ? 23  ARG A CZ  1 
ATOM   43   N NH1 . ARG A 1 6   ? 17.719  3.827   4.009   1.00   10.78 ? 23  ARG A NH1 1 
ATOM   44   N NH2 . ARG A 1 6   ? 15.638  2.858   3.902   1.00   10.99 ? 23  ARG A NH2 1 
ATOM   45   N N   . LYS A 1 7   ? 19.824  -3.087  3.630   1.00   12.14 ? 24  LYS A N   1 
ATOM   46   C CA  . LYS A 1 7   ? 21.196  -3.342  3.193   1.00   12.32 ? 24  LYS A CA  1 
ATOM   47   C C   . LYS A 1 7   ? 21.277  -4.329  2.023   1.00   12.33 ? 24  LYS A C   1 
ATOM   48   O O   . LYS A 1 7   ? 22.153  -4.206  1.165   1.00   12.15 ? 24  LYS A O   1 
ATOM   49   C CB  . LYS A 1 7   ? 22.066  -3.802  4.368   1.00   12.59 ? 24  LYS A CB  1 
ATOM   50   C CG  . LYS A 1 7   ? 22.295  -2.707  5.406   1.00   12.74 ? 24  LYS A CG  1 
ATOM   51   C CD  . LYS A 1 7   ? 23.346  -3.097  6.434   1.00   13.06 ? 24  LYS A CD  1 
ATOM   52   C CE  . LYS A 1 7   ? 22.868  -4.236  7.322   1.00   13.18 ? 24  LYS A CE  1 
ATOM   53   N NZ  . LYS A 1 7   ? 23.897  -4.635  8.327   1.00   13.10 ? 24  LYS A NZ  1 
ATOM   54   N N   . ARG A 1 8   ? 20.354  -5.288  1.980   1.00   12.26 ? 25  ARG A N   1 
ATOM   55   C CA  . ARG A 1 8   ? 20.256  -6.203  0.848   1.00   12.68 ? 25  ARG A CA  1 
ATOM   56   C C   . ARG A 1 8   ? 18.878  -6.183  0.163   1.00   12.56 ? 25  ARG A C   1 
ATOM   57   O O   . ARG A 1 8   ? 18.223  -7.220  0.052   1.00   12.77 ? 25  ARG A O   1 
ATOM   58   C CB  . ARG A 1 8   ? 20.645  -7.627  1.263   1.00   13.12 ? 25  ARG A CB  1 
ATOM   59   C CG  . ARG A 1 8   ? 22.131  -7.937  1.082   1.00   13.56 ? 25  ARG A CG  1 
ATOM   60   C CD  . ARG A 1 8   ? 22.405  -9.376  1.497   1.00   14.01 ? 25  ARG A CD  1 
ATOM   61   N NE  . ARG A 1 8   ? 23.757  -9.866  1.198   1.00   14.22 ? 25  ARG A NE  1 
ATOM   62   C CZ  . ARG A 1 8   ? 24.149  -10.356 0.021   1.00   14.56 ? 25  ARG A CZ  1 
ATOM   63   N NH1 . ARG A 1 8   ? 23.316  -10.372 -1.022  1.00   14.43 ? 25  ARG A NH1 1 
ATOM   64   N NH2 . ARG A 1 8   ? 25.389  -10.816 -0.124  1.00   14.43 ? 25  ARG A NH2 1 
ATOM   65   N N   . PRO A 1 9   ? 18.452  -5.008  -0.335  1.00   12.85 ? 26  PRO A N   1 
ATOM   66   C CA  . PRO A 1 9   ? 17.115  -4.909  -0.946  1.00   13.14 ? 26  PRO A CA  1 
ATOM   67   C C   . PRO A 1 9   ? 16.914  -5.838  -2.155  1.00   13.41 ? 26  PRO A C   1 
ATOM   68   O O   . PRO A 1 9   ? 15.799  -6.286  -2.405  1.00   13.56 ? 26  PRO A O   1 
ATOM   69   C CB  . PRO A 1 9   ? 17.029  -3.438  -1.367  1.00   13.06 ? 26  PRO A CB  1 
ATOM   70   C CG  . PRO A 1 9   ? 18.455  -2.987  -1.490  1.00   12.98 ? 26  PRO A CG  1 
ATOM   71   C CD  . PRO A 1 9   ? 19.169  -3.716  -0.387  1.00   12.73 ? 26  PRO A CD  1 
ATOM   72   N N   . GLY A 1 10  ? 17.991  -6.133  -2.882  1.00   13.49 ? 27  GLY A N   1 
ATOM   73   C CA  . GLY A 1 10  ? 17.931  -7.041  -4.027  1.00   14.44 ? 27  GLY A CA  1 
ATOM   74   C C   . GLY A 1 10  ? 17.432  -8.438  -3.684  1.00   15.29 ? 27  GLY A C   1 
ATOM   75   O O   . GLY A 1 10  ? 16.863  -9.118  -4.539  1.00   15.50 ? 27  GLY A O   1 
ATOM   76   N N   . MET A 1 11  ? 17.637  -8.862  -2.438  1.00   15.91 ? 28  MET A N   1 
ATOM   77   C CA  . MET A 1 11  ? 17.199  -10.180 -1.973  1.00   17.52 ? 28  MET A CA  1 
ATOM   78   C C   . MET A 1 11  ? 15.703  -10.227 -1.670  1.00   17.64 ? 28  MET A C   1 
ATOM   79   O O   . MET A 1 11  ? 15.115  -11.307 -1.603  1.00   18.06 ? 28  MET A O   1 
ATOM   80   C CB  . MET A 1 11  ? 17.986  -10.614 -0.727  1.00   19.04 ? 28  MET A CB  1 
ATOM   81   C CG  . MET A 1 11  ? 19.467  -10.890 -0.961  1.00   21.16 ? 28  MET A CG  1 
ATOM   82   S SD  . MET A 1 11  ? 19.860  -11.885 -2.423  1.00   24.92 ? 28  MET A SD  1 
ATOM   83   C CE  . MET A 1 11  ? 19.118  -13.467 -2.011  1.00   23.96 ? 28  MET A CE  1 
ATOM   84   N N   . TYR A 1 12  ? 15.100  -9.053  -1.499  1.00   17.30 ? 29  TYR A N   1 
ATOM   85   C CA  . TYR A 1 12  ? 13.710  -8.939  -1.069  1.00   17.47 ? 29  TYR A CA  1 
ATOM   86   C C   . TYR A 1 12  ? 12.767  -8.439  -2.158  1.00   17.97 ? 29  TYR A C   1 
ATOM   87   O O   . TYR A 1 12  ? 11.587  -8.801  -2.171  1.00   18.39 ? 29  TYR A O   1 
ATOM   88   C CB  . TYR A 1 12  ? 13.617  -8.066  0.186   1.00   17.27 ? 29  TYR A CB  1 
ATOM   89   C CG  . TYR A 1 12  ? 14.343  -8.699  1.347   1.00   17.93 ? 29  TYR A CG  1 
ATOM   90   C CD1 . TYR A 1 12  ? 13.704  -9.630  2.166   1.00   18.00 ? 29  TYR A CD1 1 
ATOM   91   C CD2 . TYR A 1 12  ? 15.681  -8.403  1.599   1.00   17.83 ? 29  TYR A CD2 1 
ATOM   92   C CE1 . TYR A 1 12  ? 14.377  -10.237 3.215   1.00   18.19 ? 29  TYR A CE1 1 
ATOM   93   C CE2 . TYR A 1 12  ? 16.363  -9.005  2.644   1.00   18.43 ? 29  TYR A CE2 1 
ATOM   94   C CZ  . TYR A 1 12  ? 15.705  -9.919  3.446   1.00   18.66 ? 29  TYR A CZ  1 
ATOM   95   O OH  . TYR A 1 12  ? 16.383  -10.506 4.486   1.00   19.91 ? 29  TYR A OH  1 
ATOM   96   N N   . ILE A 1 13  ? 13.279  -7.619  -3.072  1.00   17.32 ? 30  ILE A N   1 
ATOM   97   C CA  . ILE A 1 13  ? 12.437  -7.077  -4.150  1.00   17.51 ? 30  ILE A CA  1 
ATOM   98   C C   . ILE A 1 13  ? 12.951  -7.382  -5.560  1.00   17.46 ? 30  ILE A C   1 
ATOM   99   O O   . ILE A 1 13  ? 12.383  -6.908  -6.545  1.00   17.56 ? 30  ILE A O   1 
ATOM   100  C CB  . ILE A 1 13  ? 12.150  -5.561  -3.982  1.00   17.44 ? 30  ILE A CB  1 
ATOM   101  C CG1 . ILE A 1 13  ? 13.441  -4.734  -4.087  1.00   17.02 ? 30  ILE A CG1 1 
ATOM   102  C CG2 . ILE A 1 13  ? 11.405  -5.293  -2.682  1.00   17.53 ? 30  ILE A CG2 1 
ATOM   103  C CD1 . ILE A 1 13  ? 13.206  -3.243  -4.188  1.00   16.65 ? 30  ILE A CD1 1 
ATOM   104  N N   . GLY A 1 14  ? 14.008  -8.147  -5.645  1.00   17.34 ? 31  GLY A N   1 
ATOM   105  C CA  . GLY A 1 14  ? 14.488  -8.605  -6.908  1.00   17.50 ? 31  GLY A CA  1 
ATOM   106  C C   . GLY A 1 14  ? 15.428  -7.679  -7.628  1.00   17.48 ? 31  GLY A C   1 
ATOM   107  O O   . GLY A 1 14  ? 16.312  -8.117  -8.273  1.00   51.00 ? 31  GLY A O   1 
ATOM   108  N N   . SER A 1 15  ? 15.164  -6.397  -7.531  1.00   17.62 ? 32  SER A N   1 
ATOM   109  C CA  . SER A 1 15  ? 15.924  -5.378  -8.213  1.00   17.28 ? 32  SER A CA  1 
ATOM   110  C C   . SER A 1 15  ? 15.683  -4.017  -7.600  1.00   16.89 ? 32  SER A C   1 
ATOM   111  O O   . SER A 1 15  ? 14.621  -3.709  -7.184  1.00   17.37 ? 32  SER A O   1 
ATOM   112  C CB  . SER A 1 15  ? 15.524  -5.287  -9.676  1.00   18.83 ? 32  SER A CB  1 
ATOM   113  O OG  . SER A 1 15  ? 16.357  -4.409  -10.380 1.00   20.42 ? 32  SER A OG  1 
ATOM   114  N N   . THR A 1 16  ? 16.705  -3.200  -7.547  1.00   15.69 ? 33  THR A N   1 
ATOM   115  C CA  . THR A 1 16  ? 16.510  -1.851  -7.064  1.00   15.17 ? 33  THR A CA  1 
ATOM   116  C C   . THR A 1 16  ? 16.364  -0.836  -8.200  1.00   14.60 ? 33  THR A C   1 
ATOM   117  O O   . THR A 1 16  ? 16.478  0.313   -8.001  1.00   14.26 ? 33  THR A O   1 
ATOM   118  C CB  . THR A 1 16  ? 17.685  -1.440  -6.160  1.00   15.21 ? 33  THR A CB  1 
ATOM   119  O OG1 . THR A 1 16  ? 18.862  -1.555  -6.920  1.00   15.70 ? 33  THR A OG1 1 
ATOM   120  C CG2 . THR A 1 16  ? 17.711  -2.341  -4.921  1.00   15.31 ? 33  THR A CG2 1 
ATOM   121  N N   . SER A 1 17  ? 16.207  -1.353  -9.399  1.00   14.17 ? 34  SER A N   1 
ATOM   122  C CA  . SER A 1 17  ? 15.931  -0.535  -10.578 1.00   14.16 ? 34  SER A CA  1 
ATOM   123  C C   . SER A 1 17  ? 14.454  -0.128  -10.600 1.00   13.53 ? 34  SER A C   1 
ATOM   124  O O   . SER A 1 17  ? 13.731  -0.342  -9.625  1.00   12.93 ? 34  SER A O   1 
ATOM   125  C CB  . SER A 1 17  ? 16.238  -1.343  -11.839 1.00   14.57 ? 34  SER A CB  1 
ATOM   126  O OG  . SER A 1 17  ? 15.262  -2.364  -12.006 1.00   16.04 ? 34  SER A OG  1 
ATOM   127  N N   . GLY A 1 18  ? 14.008  0.430   -11.725 1.00   13.45 ? 35  GLY A N   1 
ATOM   128  C CA  . GLY A 1 18  ? 12.576  0.709   -11.939 1.00   13.64 ? 35  GLY A CA  1 
ATOM   129  C C   . GLY A 1 18  ? 11.666  -0.480  -11.659 1.00   13.54 ? 35  GLY A C   1 
ATOM   130  O O   . GLY A 1 18  ? 10.541  -0.309  -11.192 1.00   12.89 ? 35  GLY A O   1 
ATOM   131  N N   . GLU A 1 19  ? 12.133  -1.692  -11.956 1.00   14.05 ? 36  GLU A N   1 
ATOM   132  C CA  . GLU A 1 19  ? 11.316  -2.887  -11.700 1.00   14.21 ? 36  GLU A CA  1 
ATOM   133  C C   . GLU A 1 19  ? 10.995  -3.034  -10.214 1.00   13.22 ? 36  GLU A C   1 
ATOM   134  O O   . GLU A 1 19  ? 9.843   -3.294  -9.845  1.00   13.63 ? 36  GLU A O   1 
ATOM   135  C CB  . GLU A 1 19  ? 11.966  -4.155  -12.266 1.00   16.15 ? 36  GLU A CB  1 
ATOM   136  C CG  . GLU A 1 19  ? 11.829  -4.272  -13.780 1.00   19.44 ? 36  GLU A CG  1 
ATOM   137  C CD  . GLU A 1 19  ? 10.370  -4.293  -14.244 1.00   21.01 ? 36  GLU A CD  1 
ATOM   138  O OE1 . GLU A 1 19  ? 10.042  -3.581  -15.208 1.00   24.67 ? 36  GLU A OE1 1 
ATOM   139  O OE2 . GLU A 1 19  ? 9.545   -5.017  -13.649 1.00   23.07 ? 36  GLU A OE2 1 
ATOM   140  N N   . GLY A 1 20  ? 12.004  -2.844  -9.367  1.00   12.15 ? 37  GLY A N   1 
ATOM   141  C CA  . GLY A 1 20  ? 11.803  -2.900  -7.916  1.00   11.68 ? 37  GLY A CA  1 
ATOM   142  C C   . GLY A 1 20  ? 10.911  -1.787  -7.401  1.00   11.01 ? 37  GLY A C   1 
ATOM   143  O O   . GLY A 1 20  ? 10.104  -1.991  -6.491  1.00   10.53 ? 37  GLY A O   1 
ATOM   144  N N   . LEU A 1 21  ? 11.064  -0.598  -7.990  1.00   10.70 ? 38  LEU A N   1 
ATOM   145  C CA  . LEU A 1 21  ? 10.253  0.561   -7.620  1.00   10.76 ? 38  LEU A CA  1 
ATOM   146  C C   . LEU A 1 21  ? 8.770   0.236   -7.787  1.00   10.70 ? 38  LEU A C   1 
ATOM   147  O O   . LEU A 1 21  ? 7.962   0.518   -6.902  1.00   10.85 ? 38  LEU A O   1 
ATOM   148  C CB  . LEU A 1 21  ? 10.636  1.784   -8.470  1.00   10.54 ? 38  LEU A CB  1 
ATOM   149  C CG  . LEU A 1 21  ? 9.937   3.105   -8.119  1.00   10.43 ? 38  LEU A CG  1 
ATOM   150  C CD1 . LEU A 1 21  ? 10.456  3.676   -6.804  1.00   10.36 ? 38  LEU A CD1 1 
ATOM   151  C CD2 . LEU A 1 21  ? 10.134  4.118   -9.231  1.00   10.50 ? 38  LEU A CD2 1 
ATOM   152  N N   . HIS A 1 22  ? 8.427   -0.389  -8.912  1.00   10.67 ? 39  HIS A N   1 
ATOM   153  C CA  . HIS A 1 22  ? 7.038   -0.759  -9.185  1.00   10.96 ? 39  HIS A CA  1 
ATOM   154  C C   . HIS A 1 22  ? 6.590   -1.933  -8.363  1.00   11.03 ? 39  HIS A C   1 
ATOM   155  O O   . HIS A 1 22  ? 5.430   -2.013  -7.961  1.00   10.80 ? 39  HIS A O   1 
ATOM   156  C CB  . HIS A 1 22  ? 6.828   -0.978  -10.684 1.00   10.87 ? 39  HIS A CB  1 
ATOM   157  C CG  . HIS A 1 22  ? 6.930   0.299   -11.479 1.00   10.96 ? 39  HIS A CG  1 
ATOM   158  N ND1 . HIS A 1 22  ? 8.112   0.836   -11.834 1.00   11.00 ? 39  HIS A ND1 1 
ATOM   159  C CD2 . HIS A 1 22  ? 5.949   1.183   -11.917 1.00   11.25 ? 39  HIS A CD2 1 
ATOM   160  C CE1 . HIS A 1 22  ? 7.897   1.996   -12.490 1.00   11.00 ? 39  HIS A CE1 1 
ATOM   161  N NE2 . HIS A 1 22  ? 6.572   2.202   -12.543 1.00   10.89 ? 39  HIS A NE2 1 
ATOM   162  N N   . HIS A 1 23  ? 7.521   -2.836  -8.061  1.00   11.61 ? 40  HIS A N   1 
ATOM   163  C CA  . HIS A 1 23  ? 7.216   -3.978  -7.205  1.00   12.00 ? 40  HIS A CA  1 
ATOM   164  C C   . HIS A 1 23  ? 6.675   -3.573  -5.846  1.00   11.28 ? 40  HIS A C   1 
ATOM   165  O O   . HIS A 1 23  ? 5.825   -4.275  -5.278  1.00   10.71 ? 40  HIS A O   1 
ATOM   166  C CB  . HIS A 1 23  ? 8.453   -4.862  -7.064  1.00   13.78 ? 40  HIS A CB  1 
ATOM   167  C CG  . HIS A 1 23  ? 8.215   -6.116  -6.272  1.00   16.15 ? 40  HIS A CG  1 
ATOM   168  N ND1 . HIS A 1 23  ? 7.573   -7.185  -6.786  1.00   17.80 ? 40  HIS A ND1 1 
ATOM   169  C CD2 . HIS A 1 23  ? 8.552   -6.447  -4.964  1.00   17.11 ? 40  HIS A CD2 1 
ATOM   170  C CE1 . HIS A 1 23  ? 7.509   -8.155  -5.851  1.00   17.94 ? 40  HIS A CE1 1 
ATOM   171  N NE2 . HIS A 1 23  ? 8.118   -7.705  -4.742  1.00   17.96 ? 40  HIS A NE2 1 
ATOM   172  N N   . LEU A 1 24  ? 7.139   -2.439  -5.312  1.00   10.49 ? 41  LEU A N   1 
ATOM   173  C CA  . LEU A 1 24  ? 6.630   -1.945  -4.020  1.00   10.31 ? 41  LEU A CA  1 
ATOM   174  C C   . LEU A 1 24  ? 5.120   -1.734  -4.064  1.00   10.28 ? 41  LEU A C   1 
ATOM   175  O O   . LEU A 1 24  ? 4.410   -2.035  -3.101  1.00   9.90  ? 41  LEU A O   1 
ATOM   176  C CB  . LEU A 1 24  ? 7.277   -0.618  -3.611  1.00   10.36 ? 41  LEU A CB  1 
ATOM   177  C CG  . LEU A 1 24  ? 8.791   -0.469  -3.508  1.00   10.35 ? 41  LEU A CG  1 
ATOM   178  C CD1 . LEU A 1 24  ? 9.077   0.969   -3.097  1.00   10.48 ? 41  LEU A CD1 1 
ATOM   179  C CD2 . LEU A 1 24  ? 9.369   -1.457  -2.502  1.00   10.63 ? 41  LEU A CD2 1 
ATOM   180  N N   . VAL A 1 25  ? 4.636   -1.210  -5.188  1.00   10.21 ? 42  VAL A N   1 
ATOM   181  C CA  . VAL A 1 25  ? 3.208   -0.969  -5.350  1.00   10.35 ? 42  VAL A CA  1 
ATOM   182  C C   . VAL A 1 25  ? 2.441   -2.293  -5.236  1.00   10.79 ? 42  VAL A C   1 
ATOM   183  O O   . VAL A 1 25  ? 1.452   -2.390  -4.503  1.00   10.70 ? 42  VAL A O   1 
ATOM   184  C CB  . VAL A 1 25  ? 2.889   -0.282  -6.700  1.00   10.16 ? 42  VAL A CB  1 
ATOM   185  C CG1 . VAL A 1 25  ? 1.382   -0.096  -6.855  1.00   9.93  ? 42  VAL A CG1 1 
ATOM   186  C CG2 . VAL A 1 25  ? 3.591   1.066   -6.773  1.00   10.01 ? 42  VAL A CG2 1 
ATOM   187  N N   . TRP A 1 26  ? 2.913   -3.314  -5.948  1.00   11.57 ? 43  TRP A N   1 
ATOM   188  C CA  . TRP A 1 26  ? 2.225   -4.614  -5.950  1.00   12.51 ? 43  TRP A CA  1 
ATOM   189  C C   . TRP A 1 26  ? 2.211   -5.300  -4.625  1.00   12.83 ? 43  TRP A C   1 
ATOM   190  O O   . TRP A 1 26  ? 1.248   -6.003  -4.315  1.00   13.16 ? 43  TRP A O   1 
ATOM   191  C CB  . TRP A 1 26  ? 2.782   -5.527  -7.031  1.00   13.42 ? 43  TRP A CB  1 
ATOM   192  C CG  . TRP A 1 26  ? 2.846   -4.810  -8.347  1.00   14.14 ? 43  TRP A CG  1 
ATOM   193  C CD1 . TRP A 1 26  ? 3.923   -4.730  -9.217  1.00   14.32 ? 43  TRP A CD1 1 
ATOM   194  C CD2 . TRP A 1 26  ? 1.786   -3.994  -8.965  1.00   14.49 ? 43  TRP A CD2 1 
ATOM   195  N NE1 . TRP A 1 26  ? 3.609   -3.964  -10.312 1.00   14.41 ? 43  TRP A NE1 1 
ATOM   196  C CE2 . TRP A 1 26  ? 2.343   -3.486  -10.216 1.00   14.62 ? 43  TRP A CE2 1 
ATOM   197  C CE3 . TRP A 1 26  ? 0.473   -3.652  -8.615  1.00   14.74 ? 43  TRP A CE3 1 
ATOM   198  C CZ2 . TRP A 1 26  ? 1.614   -2.671  -11.069 1.00   14.84 ? 43  TRP A CZ2 1 
ATOM   199  C CZ3 . TRP A 1 26  ? -0.255  -2.827  -9.485  1.00   15.38 ? 43  TRP A CZ3 1 
ATOM   200  C CH2 . TRP A 1 26  ? 0.304   -2.349  -10.681 1.00   15.01 ? 43  TRP A CH2 1 
ATOM   201  N N   . GLU A 1 27  ? 3.267   -5.111  -3.836  1.00   12.81 ? 44  GLU A N   1 
ATOM   202  C CA  A GLU A 1 27  ? 3.336   -5.668  -2.485  0.50   13.07 ? 44  GLU A CA  1 
ATOM   203  C CA  B GLU A 1 27  ? 3.325   -5.679  -2.490  0.50   13.22 ? 44  GLU A CA  1 
ATOM   204  C C   . GLU A 1 27  ? 2.240   -5.085  -1.594  1.00   13.03 ? 44  GLU A C   1 
ATOM   205  O O   . GLU A 1 27  ? 1.636   -5.796  -0.796  1.00   13.57 ? 44  GLU A O   1 
ATOM   206  C CB  A GLU A 1 27  ? 4.707   -5.416  -1.859  0.50   13.61 ? 44  GLU A CB  1 
ATOM   207  C CB  B GLU A 1 27  ? 4.707   -5.484  -1.862  0.50   13.98 ? 44  GLU A CB  1 
ATOM   208  C CG  A GLU A 1 27  ? 5.854   -6.201  -2.481  0.50   14.33 ? 44  GLU A CG  1 
ATOM   209  C CG  B GLU A 1 27  ? 5.810   -6.333  -2.481  0.50   15.05 ? 44  GLU A CG  1 
ATOM   210  C CD  A GLU A 1 27  ? 5.865   -7.660  -2.068  0.50   14.91 ? 44  GLU A CD  1 
ATOM   211  C CD  B GLU A 1 27  ? 5.554   -7.824  -2.349  0.50   15.87 ? 44  GLU A CD  1 
ATOM   212  O OE1 A GLU A 1 27  ? 6.945   -8.281  -2.134  0.50   15.09 ? 44  GLU A OE1 1 
ATOM   213  O OE1 B GLU A 1 27  ? 5.315   -8.302  -1.218  0.50   16.39 ? 44  GLU A OE1 1 
ATOM   214  O OE2 A GLU A 1 27  ? 4.796   -8.191  -1.681  0.50   15.60 ? 44  GLU A OE2 1 
ATOM   215  O OE2 B GLU A 1 27  ? 5.600   -8.524  -3.378  0.50   16.44 ? 44  GLU A OE2 1 
ATOM   216  N N   . ILE A 1 28  ? 1.984   -3.783  -1.730  1.00   12.04 ? 45  ILE A N   1 
ATOM   217  C CA  . ILE A 1 28  ? 0.914   -3.154  -0.946  1.00   11.41 ? 45  ILE A CA  1 
ATOM   218  C C   . ILE A 1 28  ? -0.466  -3.542  -1.492  1.00   11.34 ? 45  ILE A C   1 
ATOM   219  O O   . ILE A 1 28  ? -1.338  -3.982  -0.737  1.00   11.28 ? 45  ILE A O   1 
ATOM   220  C CB  . ILE A 1 28  ? 1.060   -1.618  -0.860  1.00   11.05 ? 45  ILE A CB  1 
ATOM   221  C CG1 . ILE A 1 28  ? 2.414   -1.236  -0.226  1.00   10.98 ? 45  ILE A CG1 1 
ATOM   222  C CG2 . ILE A 1 28  ? -0.108  -1.014  -0.072  1.00   11.10 ? 45  ILE A CG2 1 
ATOM   223  C CD1 . ILE A 1 28  ? 2.638   -1.770  1.187   1.00   10.99 ? 45  ILE A CD1 1 
ATOM   224  N N   . VAL A 1 29  ? -0.639  -3.411  -2.806  1.00   11.07 ? 46  VAL A N   1 
ATOM   225  C CA  . VAL A 1 29  ? -1.897  -3.756  -3.480  1.00   11.28 ? 46  VAL A CA  1 
ATOM   226  C C   . VAL A 1 29  ? -2.321  -5.205  -3.186  1.00   11.48 ? 46  VAL A C   1 
ATOM   227  O O   . VAL A 1 29  ? -3.503  -5.471  -2.981  1.00   11.37 ? 46  VAL A O   1 
ATOM   228  C CB  . VAL A 1 29  ? -1.813  -3.473  -5.001  1.00   11.10 ? 46  VAL A CB  1 
ATOM   229  C CG1 . VAL A 1 29  ? -3.029  -4.022  -5.747  1.00   11.32 ? 46  VAL A CG1 1 
ATOM   230  C CG2 . VAL A 1 29  ? -1.695  -1.967  -5.248  1.00   11.19 ? 46  VAL A CG2 1 
ATOM   231  N N   . ASP A 1 30  ? -1.361  -6.129  -3.142  1.00   12.05 ? 47  ASP A N   1 
ATOM   232  C CA  . ASP A 1 30  ? -1.664  -7.538  -2.826  1.00   13.21 ? 47  ASP A CA  1 
ATOM   233  C C   . ASP A 1 30  ? -2.365  -7.726  -1.493  1.00   12.72 ? 47  ASP A C   1 
ATOM   234  O O   . ASP A 1 30  ? -3.192  -8.633  -1.343  1.00   12.52 ? 47  ASP A O   1 
ATOM   235  C CB  . ASP A 1 30  ? -0.401  -8.404  -2.873  1.00   15.05 ? 47  ASP A CB  1 
ATOM   236  C CG  . ASP A 1 30  ? -0.037  -8.825  -4.282  1.00   17.22 ? 47  ASP A CG  1 
ATOM   237  O OD1 . ASP A 1 30  ? -0.848  -8.602  -5.204  1.00   19.85 ? 47  ASP A OD1 1 
ATOM   238  O OD2 . ASP A 1 30  ? 1.054   -9.407  -4.472  1.00   19.18 ? 47  ASP A OD2 1 
ATOM   239  N N   . ASN A 1 31  ? -2.045  -6.876  -0.521  1.00   12.15 ? 48  ASN A N   1 
ATOM   240  C CA  . ASN A 1 31  ? -2.768  -6.903  0.749   1.00   12.28 ? 48  ASN A CA  1 
ATOM   241  C C   . ASN A 1 31  ? -4.239  -6.510  0.584   1.00   11.90 ? 48  ASN A C   1 
ATOM   242  O O   . ASN A 1 31  ? -5.122  -7.145  1.163   1.00   11.96 ? 48  ASN A O   1 
ATOM   243  C CB  . ASN A 1 31  ? -2.090  -6.011  1.788   1.00   12.68 ? 48  ASN A CB  1 
ATOM   244  C CG  . ASN A 1 31  ? -0.791  -6.599  2.308   1.00   13.69 ? 48  ASN A CG  1 
ATOM   245  O OD1 . ASN A 1 31  ? -0.799  -7.492  3.146   1.00   14.46 ? 48  ASN A OD1 1 
ATOM   246  N ND2 . ASN A 1 31  ? 0.328   -6.084  1.827   1.00   14.45 ? 48  ASN A ND2 1 
ATOM   247  N N   . SER A 1 32  ? -4.499  -5.473  -0.213  1.00   11.57 ? 49  SER A N   1 
ATOM   248  C CA  . SER A 1 32  ? -5.875  -5.038  -0.478  1.00   11.53 ? 49  SER A CA  1 
ATOM   249  C C   . SER A 1 32  ? -6.645  -6.109  -1.245  1.00   11.68 ? 49  SER A C   1 
ATOM   250  O O   . SER A 1 32  ? -7.826  -6.352  -0.977  1.00   11.56 ? 49  SER A O   1 
ATOM   251  C CB  . SER A 1 32  ? -5.883  -3.717  -1.241  1.00   11.81 ? 49  SER A CB  1 
ATOM   252  O OG  . SER A 1 32  ? -5.272  -2.707  -0.460  1.00   12.22 ? 49  SER A OG  1 
ATOM   253  N N   . ILE A 1 33  ? -5.958  -6.757  -2.184  1.00   11.64 ? 50  ILE A N   1 
ATOM   254  C CA  A ILE A 1 33  ? -6.491  -7.902  -2.939  0.50   11.78 ? 50  ILE A CA  1 
ATOM   255  C CA  B ILE A 1 33  ? -6.574  -7.853  -2.924  0.50   11.72 ? 50  ILE A CA  1 
ATOM   256  C C   . ILE A 1 33  ? -6.928  -9.023  -1.994  1.00   11.93 ? 50  ILE A C   1 
ATOM   257  O O   . ILE A 1 33  ? -7.981  -9.645  -2.173  1.00   11.66 ? 50  ILE A O   1 
ATOM   258  C CB  A ILE A 1 33  ? -5.424  -8.466  -3.911  0.50   11.85 ? 50  ILE A CB  1 
ATOM   259  C CB  B ILE A 1 33  ? -5.699  -8.298  -4.117  0.50   11.76 ? 50  ILE A CB  1 
ATOM   260  C CG1 A ILE A 1 33  ? -5.071  -7.440  -4.988  0.50   11.94 ? 50  ILE A CG1 1 
ATOM   261  C CG1 B ILE A 1 33  ? -5.486  -7.123  -5.076  0.50   11.78 ? 50  ILE A CG1 1 
ATOM   262  C CG2 A ILE A 1 33  ? -5.887  -9.766  -4.560  0.50   11.91 ? 50  ILE A CG2 1 
ATOM   263  C CG2 B ILE A 1 33  ? -6.347  -9.448  -4.874  0.50   11.75 ? 50  ILE A CG2 1 
ATOM   264  C CD1 A ILE A 1 33  ? -6.244  -7.033  -5.849  0.50   11.98 ? 50  ILE A CD1 1 
ATOM   265  C CD1 B ILE A 1 33  ? -4.501  -7.411  -6.186  0.50   11.80 ? 50  ILE A CD1 1 
ATOM   266  N N   . ASP A 1 34  ? -6.086  -9.309  -0.998  1.00   12.13 ? 51  ASP A N   1 
ATOM   267  C CA  . ASP A 1 34  ? -6.403  -10.371 -0.030  1.00   12.81 ? 51  ASP A CA  1 
ATOM   268  C C   . ASP A 1 34  ? -7.675  -10.045 0.752   1.00   12.06 ? 51  ASP A C   1 
ATOM   269  O O   . ASP A 1 34  ? -8.459  -10.934 1.080   1.00   11.14 ? 51  ASP A O   1 
ATOM   270  C CB  . ASP A 1 34  ? -5.233  -10.644 0.927   1.00   14.79 ? 51  ASP A CB  1 
ATOM   271  C CG  . ASP A 1 34  ? -4.215  -11.641 0.358   1.00   17.09 ? 51  ASP A CG  1 
ATOM   272  O OD1 . ASP A 1 34  ? -3.184  -11.864 1.013   1.00   20.49 ? 51  ASP A OD1 1 
ATOM   273  O OD2 . ASP A 1 34  ? -4.427  -12.206 -0.733  1.00   19.05 ? 51  ASP A OD2 1 
ATOM   274  N N   . GLU A 1 35  ? -7.872  -8.762  1.039   1.00   11.33 ? 52  GLU A N   1 
ATOM   275  C CA  . GLU A 1 35  ? -9.046  -8.305  1.783   1.00   11.45 ? 52  GLU A CA  1 
ATOM   276  C C   . GLU A 1 35  ? -10.301 -8.304  0.894   1.00   11.30 ? 52  GLU A C   1 
ATOM   277  O O   . GLU A 1 35  ? -11.432 -8.438  1.393   1.00   11.01 ? 52  GLU A O   1 
ATOM   278  C CB  . GLU A 1 35  ? -8.765  -6.934  2.419   1.00   11.55 ? 52  GLU A CB  1 
ATOM   279  C CG  . GLU A 1 35  ? -9.885  -6.349  3.283   1.00   11.76 ? 52  GLU A CG  1 
ATOM   280  C CD  . GLU A 1 35  ? -10.255 -7.189  4.504   1.00   12.11 ? 52  GLU A CD  1 
ATOM   281  O OE1 . GLU A 1 35  ? -9.700  -8.293  4.719   1.00   12.45 ? 52  GLU A OE1 1 
ATOM   282  O OE2 . GLU A 1 35  ? -11.125 -6.737  5.267   1.00   12.53 ? 52  GLU A OE2 1 
ATOM   283  N N   . ALA A 1 36  ? -10.098 -8.196  -0.422  1.00   11.08 ? 53  ALA A N   1 
ATOM   284  C CA  . ALA A 1 36  ? -11.191 -8.408  -1.377  1.00   11.30 ? 53  ALA A CA  1 
ATOM   285  C C   . ALA A 1 36  ? -11.555 -9.894  -1.452  1.00   11.43 ? 53  ALA A C   1 
ATOM   286  O O   . ALA A 1 36  ? -12.730 -10.243 -1.475  1.00   11.15 ? 53  ALA A O   1 
ATOM   287  C CB  . ALA A 1 36  ? -10.822 -7.870  -2.762  1.00   11.39 ? 53  ALA A CB  1 
ATOM   288  N N   . LEU A 1 37  ? -10.546 -10.764 -1.465  1.00   11.60 ? 54  LEU A N   1 
ATOM   289  C CA  . LEU A 1 37  ? -10.779 -12.218 -1.436  1.00   12.23 ? 54  LEU A CA  1 
ATOM   290  C C   . LEU A 1 37  ? -11.492 -12.672 -0.165  1.00   12.18 ? 54  LEU A C   1 
ATOM   291  O O   . LEU A 1 37  ? -12.319 -13.594 -0.200  1.00   12.56 ? 54  LEU A O   1 
ATOM   292  C CB  . LEU A 1 37  ? -9.459  -12.983 -1.603  1.00   12.91 ? 54  LEU A CB  1 
ATOM   293  C CG  . LEU A 1 37  ? -9.001  -13.167 -3.049  1.00   13.79 ? 54  LEU A CG  1 
ATOM   294  C CD1 . LEU A 1 37  ? -7.519  -13.529 -3.099  1.00   14.32 ? 54  LEU A CD1 1 
ATOM   295  C CD2 . LEU A 1 37  ? -9.849  -14.243 -3.721  1.00   14.04 ? 54  LEU A CD2 1 
ATOM   296  N N   . ALA A 1 38  ? -11.187 -12.013 0.951   1.00   11.71 ? 55  ALA A N   1 
ATOM   297  C CA  . ALA A 1 38  ? -11.865 -12.288 2.214   1.00   12.06 ? 55  ALA A CA  1 
ATOM   298  C C   . ALA A 1 38  ? -13.343 -11.894 2.120   1.00   12.15 ? 55  ALA A C   1 
ATOM   299  O O   . ALA A 1 38  ? -14.163 -12.354 2.921   1.00   12.99 ? 55  ALA A O   1 
ATOM   300  C CB  . ALA A 1 38  ? -11.181 -11.547 3.358   1.00   11.83 ? 55  ALA A CB  1 
ATOM   301  N N   . GLY A 1 39  ? -13.664 -11.028 1.158   1.00   11.89 ? 56  GLY A N   1 
ATOM   302  C CA  . GLY A 1 39  ? -15.050 -10.660 0.856   1.00   11.73 ? 56  GLY A CA  1 
ATOM   303  C C   . GLY A 1 39  ? -15.469 -9.272  1.289   1.00   11.83 ? 56  GLY A C   1 
ATOM   304  O O   . GLY A 1 39  ? -16.618 -8.878  1.080   1.00   11.79 ? 56  GLY A O   1 
ATOM   305  N N   . PHE A 1 40  ? -14.533 -8.518  1.863   1.00   11.88 ? 57  PHE A N   1 
ATOM   306  C CA  . PHE A 1 40  ? -14.859 -7.234  2.490   1.00   12.40 ? 57  PHE A CA  1 
ATOM   307  C C   . PHE A 1 40  ? -14.490 -6.007  1.659   1.00   12.57 ? 57  PHE A C   1 
ATOM   308  O O   . PHE A 1 40  ? -15.281 -5.061  1.572   1.00   13.33 ? 57  PHE A O   1 
ATOM   309  C CB  . PHE A 1 40  ? -14.256 -7.168  3.895   1.00   12.61 ? 57  PHE A CB  1 
ATOM   310  C CG  . PHE A 1 40  ? -14.744 -8.268  4.793   1.00   13.07 ? 57  PHE A CG  1 
ATOM   311  C CD1 . PHE A 1 40  ? -13.994 -9.432  4.958   1.00   13.07 ? 57  PHE A CD1 1 
ATOM   312  C CD2 . PHE A 1 40  ? -15.975 -8.164  5.437   1.00   13.19 ? 57  PHE A CD2 1 
ATOM   313  C CE1 . PHE A 1 40  ? -14.452 -10.462 5.770   1.00   13.43 ? 57  PHE A CE1 1 
ATOM   314  C CE2 . PHE A 1 40  ? -16.434 -9.195  6.252   1.00   13.24 ? 57  PHE A CE2 1 
ATOM   315  C CZ  . PHE A 1 40  ? -15.668 -10.336 6.418   1.00   13.32 ? 57  PHE A CZ  1 
ATOM   316  N N   . ALA A 1 41  ? -13.318 -6.019  1.035   1.00   12.06 ? 58  ALA A N   1 
ATOM   317  C CA  . ALA A 1 41  ? -12.915 -4.894  0.180   1.00   12.12 ? 58  ALA A CA  1 
ATOM   318  C C   . ALA A 1 41  ? -13.592 -5.009  -1.179  1.00   12.74 ? 58  ALA A C   1 
ATOM   319  O O   . ALA A 1 41  ? -13.590 -6.081  -1.780  1.00   12.51 ? 58  ALA A O   1 
ATOM   320  C CB  . ALA A 1 41  ? -11.400 -4.828  0.031   1.00   11.91 ? 58  ALA A CB  1 
ATOM   321  N N   . LYS A 1 42  ? -14.193 -3.910  -1.642  1.00   13.39 ? 59  LYS A N   1 
ATOM   322  C CA  . LYS A 1 42  ? -14.876 -3.892  -2.945  1.00   14.29 ? 59  LYS A CA  1 
ATOM   323  C C   . LYS A 1 42  ? -14.189 -2.978  -3.951  1.00   13.73 ? 59  LYS A C   1 
ATOM   324  O O   . LYS A 1 42  ? -14.373 -3.119  -5.159  1.00   12.89 ? 59  LYS A O   1 
ATOM   325  C CB  . LYS A 1 42  ? -16.320 -3.427  -2.779  1.00   16.41 ? 59  LYS A CB  1 
ATOM   326  C CG  . LYS A 1 42  ? -17.231 -4.401  -2.054  1.00   19.51 ? 59  LYS A CG  1 
ATOM   327  C CD  . LYS A 1 42  ? -18.617 -3.785  -1.955  1.00   22.19 ? 59  LYS A CD  1 
ATOM   328  C CE  . LYS A 1 42  ? -19.682 -4.811  -1.614  1.00   24.30 ? 59  LYS A CE  1 
ATOM   329  N NZ  . LYS A 1 42  ? -19.558 -5.267  -0.199  1.00   26.47 ? 59  LYS A NZ  1 
ATOM   330  N N   . SER A 1 43  ? -13.421 -2.021  -3.445  1.00   13.32 ? 60  SER A N   1 
ATOM   331  C CA  . SER A 1 43  ? -12.778 -1.056  -4.317  1.00   13.46 ? 60  SER A CA  1 
ATOM   332  C C   . SER A 1 43  ? -11.384 -0.717  -3.811  1.00   13.23 ? 60  SER A C   1 
ATOM   333  O O   . SER A 1 43  ? -11.167 -0.559  -2.601  1.00   13.27 ? 60  SER A O   1 
ATOM   334  C CB  . SER A 1 43  ? -13.643 0.201   -4.456  1.00   14.71 ? 60  SER A CB  1 
ATOM   335  O OG  . SER A 1 43  ? -13.421 1.097   -3.394  1.00   16.28 ? 60  SER A OG  1 
ATOM   336  N N   . ILE A 1 44  ? -10.444 -0.626  -4.747  1.00   12.54 ? 61  ILE A N   1 
ATOM   337  C CA  . ILE A 1 44  ? -9.065  -0.271  -4.449  1.00   12.17 ? 61  ILE A CA  1 
ATOM   338  C C   . ILE A 1 44  ? -8.663  0.900   -5.338  1.00   12.02 ? 61  ILE A C   1 
ATOM   339  O O   . ILE A 1 44  ? -8.908  0.875   -6.544  1.00   12.12 ? 61  ILE A O   1 
ATOM   340  C CB  . ILE A 1 44  ? -8.099  -1.451  -4.705  1.00   12.26 ? 61  ILE A CB  1 
ATOM   341  C CG1 . ILE A 1 44  ? -8.462  -2.651  -3.818  1.00   12.24 ? 61  ILE A CG1 1 
ATOM   342  C CG2 . ILE A 1 44  ? -6.648  -1.031  -4.467  1.00   12.26 ? 61  ILE A CG2 1 
ATOM   343  C CD1 . ILE A 1 44  ? -7.750  -3.945  -4.196  1.00   12.64 ? 61  ILE A CD1 1 
ATOM   344  N N   . GLN A 1 45  ? -8.066  1.925   -4.731  1.00   11.74 ? 62  GLN A N   1 
ATOM   345  C CA  A GLN A 1 45  ? -7.514  3.059   -5.477  0.50   11.73 ? 62  GLN A CA  1 
ATOM   346  C CA  B GLN A 1 45  ? -7.513  3.041   -5.494  0.50   11.64 ? 62  GLN A CA  1 
ATOM   347  C C   . GLN A 1 45  ? -6.006  3.083   -5.317  1.00   11.55 ? 62  GLN A C   1 
ATOM   348  O O   . GLN A 1 45  ? -5.500  3.035   -4.189  1.00   11.32 ? 62  GLN A O   1 
ATOM   349  C CB  A GLN A 1 45  ? -8.044  4.392   -4.944  0.50   12.21 ? 62  GLN A CB  1 
ATOM   350  C CB  B GLN A 1 45  ? -8.123  4.380   -5.062  0.50   11.98 ? 62  GLN A CB  1 
ATOM   351  C CG  A GLN A 1 45  ? -9.543  4.595   -4.967  0.50   12.85 ? 62  GLN A CG  1 
ATOM   352  C CG  B GLN A 1 45  ? -9.590  4.551   -5.416  0.50   12.43 ? 62  GLN A CG  1 
ATOM   353  C CD  A GLN A 1 45  ? -9.923  5.900   -4.295  0.50   13.20 ? 62  GLN A CD  1 
ATOM   354  C CD  B GLN A 1 45  ? -10.503 3.922   -4.388  0.50   12.64 ? 62  GLN A CD  1 
ATOM   355  O OE1 A GLN A 1 45  ? -10.719 5.920   -3.358  0.50   14.09 ? 62  GLN A OE1 1 
ATOM   356  O OE1 B GLN A 1 45  ? -10.330 4.125   -3.182  0.50   13.01 ? 62  GLN A OE1 1 
ATOM   357  N NE2 A GLN A 1 45  ? -9.315  6.993   -4.742  0.50   13.32 ? 62  GLN A NE2 1 
ATOM   358  N NE2 B GLN A 1 45  ? -11.478 3.149   -4.855  0.50   12.60 ? 62  GLN A NE2 1 
ATOM   359  N N   . VAL A 1 46  ? -5.299  3.173   -6.440  1.00   10.95 ? 63  VAL A N   1 
ATOM   360  C CA  . VAL A 1 46  ? -3.858  3.386   -6.441  1.00   11.20 ? 63  VAL A CA  1 
ATOM   361  C C   . VAL A 1 46  ? -3.613  4.778   -7.004  1.00   11.22 ? 63  VAL A C   1 
ATOM   362  O O   . VAL A 1 46  ? -4.118  5.116   -8.075  1.00   11.33 ? 63  VAL A O   1 
ATOM   363  C CB  . VAL A 1 46  ? -3.126  2.352   -7.318  1.00   11.04 ? 63  VAL A CB  1 
ATOM   364  C CG1 . VAL A 1 46  ? -1.620  2.576   -7.250  1.00   11.36 ? 63  VAL A CG1 1 
ATOM   365  C CG2 . VAL A 1 46  ? -3.486  0.936   -6.887  1.00   11.39 ? 63  VAL A CG2 1 
ATOM   366  N N   . ILE A 1 47  ? -2.849  5.589   -6.278  1.00   11.15 ? 64  ILE A N   1 
ATOM   367  C CA  . ILE A 1 47  ? -2.583  6.967   -6.684  1.00   11.28 ? 64  ILE A CA  1 
ATOM   368  C C   . ILE A 1 47  ? -1.080  7.235   -6.739  1.00   10.99 ? 64  ILE A C   1 
ATOM   369  O O   . ILE A 1 47  ? -0.359  6.969   -5.773  1.00   10.73 ? 64  ILE A O   1 
ATOM   370  C CB  . ILE A 1 47  ? -3.260  7.974   -5.730  1.00   11.61 ? 64  ILE A CB  1 
ATOM   371  C CG1 . ILE A 1 47  ? -4.773  7.716   -5.668  1.00   12.16 ? 64  ILE A CG1 1 
ATOM   372  C CG2 . ILE A 1 47  ? -2.955  9.416   -6.137  1.00   11.65 ? 64  ILE A CG2 1 
ATOM   373  C CD1 . ILE A 1 47  ? -5.417  8.187   -4.387  1.00   12.97 ? 64  ILE A CD1 1 
ATOM   374  N N   . ILE A 1 48  ? -0.608  7.733   -7.885  1.00   10.74 ? 65  ILE A N   1 
ATOM   375  C CA  . ILE A 1 48  ? 0.738   8.305   -7.967  1.00   10.87 ? 65  ILE A CA  1 
ATOM   376  C C   . ILE A 1 48  ? 0.591   9.765   -7.583  1.00   10.83 ? 65  ILE A C   1 
ATOM   377  O O   . ILE A 1 48  ? -0.033  10.551  -8.311  1.00   10.69 ? 65  ILE A O   1 
ATOM   378  C CB  . ILE A 1 48  ? 1.354   8.223   -9.391  1.00   10.87 ? 65  ILE A CB  1 
ATOM   379  C CG1 . ILE A 1 48  ? 1.251   6.808   -9.969  1.00   10.97 ? 65  ILE A CG1 1 
ATOM   380  C CG2 . ILE A 1 48  ? 2.810   8.686   -9.362  1.00   10.92 ? 65  ILE A CG2 1 
ATOM   381  C CD1 . ILE A 1 48  ? 1.487   6.752   -11.471 1.00   11.24 ? 65  ILE A CD1 1 
ATOM   382  N N   . GLU A 1 49  ? 1.155   10.120  -6.430  1.00   10.85 ? 66  GLU A N   1 
ATOM   383  C CA  . GLU A 1 49  ? 1.069   11.479  -5.922  1.00   10.99 ? 66  GLU A CA  1 
ATOM   384  C C   . GLU A 1 49  ? 2.018   12.407  -6.693  1.00   10.84 ? 66  GLU A C   1 
ATOM   385  O O   . GLU A 1 49  ? 2.864   11.930  -7.451  1.00   10.83 ? 66  GLU A O   1 
ATOM   386  C CB  . GLU A 1 49  ? 1.347   11.492  -4.413  1.00   11.15 ? 66  GLU A CB  1 
ATOM   387  C CG  . GLU A 1 49  ? 0.425   10.565  -3.603  1.00   11.46 ? 66  GLU A CG  1 
ATOM   388  C CD  . GLU A 1 49  ? -1.011  11.063  -3.462  1.00   12.19 ? 66  GLU A CD  1 
ATOM   389  O OE1 . GLU A 1 49  ? -1.362  12.147  -3.979  1.00   12.67 ? 66  GLU A OE1 1 
ATOM   390  O OE2 . GLU A 1 49  ? -1.814  10.359  -2.807  1.00   12.52 ? 66  GLU A OE2 1 
ATOM   391  N N   . PRO A 1 50  ? 1.867   13.736  -6.531  1.00   10.80 ? 67  PRO A N   1 
ATOM   392  C CA  . PRO A 1 50  ? 2.680   14.636  -7.364  1.00   10.92 ? 67  PRO A CA  1 
ATOM   393  C C   . PRO A 1 50  ? 4.191   14.521  -7.154  1.00   10.96 ? 67  PRO A C   1 
ATOM   394  O O   . PRO A 1 50  ? 4.967   14.947  -8.014  1.00   11.03 ? 67  PRO A O   1 
ATOM   395  C CB  . PRO A 1 50  ? 2.181   16.024  -6.963  1.00   10.97 ? 67  PRO A CB  1 
ATOM   396  C CG  . PRO A 1 50  ? 0.756   15.795  -6.576  1.00   10.97 ? 67  PRO A CG  1 
ATOM   397  C CD  . PRO A 1 50  ? 0.769   14.465  -5.860  1.00   10.95 ? 67  PRO A CD  1 
ATOM   398  N N   . ASP A 1 51  ? 4.594   13.949  -6.022  1.00   11.02 ? 68  ASP A N   1 
ATOM   399  C CA  . ASP A 1 51  ? 6.006   13.795  -5.679  1.00   11.14 ? 68  ASP A CA  1 
ATOM   400  C C   . ASP A 1 51  ? 6.523   12.374  -5.928  1.00   11.29 ? 68  ASP A C   1 
ATOM   401  O O   . ASP A 1 51  ? 7.534   11.993  -5.349  1.00   11.54 ? 68  ASP A O   1 
ATOM   402  C CB  . ASP A 1 51  ? 6.209   14.155  -4.204  1.00   11.34 ? 68  ASP A CB  1 
ATOM   403  C CG  . ASP A 1 51  ? 5.444   13.222  -3.273  1.00   11.50 ? 68  ASP A CG  1 
ATOM   404  O OD1 . ASP A 1 51  ? 4.535   12.501  -3.756  1.00   11.12 ? 68  ASP A OD1 1 
ATOM   405  O OD2 . ASP A 1 51  ? 5.752   13.205  -2.063  1.00   12.20 ? 68  ASP A OD2 1 
ATOM   406  N N   . ASP A 1 52  ? 5.833   11.604  -6.778  1.00   11.09 ? 69  ASP A N   1 
ATOM   407  C CA  . ASP A 1 52  ? 6.168   10.189  -7.058  1.00   11.30 ? 69  ASP A CA  1 
ATOM   408  C C   . ASP A 1 52  ? 6.025   9.254   -5.855  1.00   10.67 ? 69  ASP A C   1 
ATOM   409  O O   . ASP A 1 52  ? 6.551   8.136   -5.857  1.00   10.70 ? 69  ASP A O   1 
ATOM   410  C CB  . ASP A 1 52  ? 7.564   10.034  -7.694  1.00   11.82 ? 69  ASP A CB  1 
ATOM   411  C CG  . ASP A 1 52  ? 7.548   10.238  -9.196  1.00   12.49 ? 69  ASP A CG  1 
ATOM   412  O OD1 . ASP A 1 52  ? 6.753   9.578   -9.888  1.00   12.85 ? 69  ASP A OD1 1 
ATOM   413  O OD2 . ASP A 1 52  ? 8.334   11.071  -9.686  1.00   13.48 ? 69  ASP A OD2 1 
ATOM   414  N N   . SER A 1 53  ? 5.323   9.711   -4.822  1.00   10.21 ? 70  SER A N   1 
ATOM   415  C CA  . SER A 1 53  ? 4.934   8.803   -3.743  1.00   9.89  ? 70  SER A CA  1 
ATOM   416  C C   . SER A 1 53  ? 3.654   8.067   -4.156  1.00   9.80  ? 70  SER A C   1 
ATOM   417  O O   . SER A 1 53  ? 3.013   8.433   -5.157  1.00   9.61  ? 70  SER A O   1 
ATOM   418  C CB  . SER A 1 53  ? 4.804   9.533   -2.398  1.00   9.66  ? 70  SER A CB  1 
ATOM   419  O OG  . SER A 1 53  ? 3.681   10.395  -2.342  1.00   9.67  ? 70  SER A OG  1 
ATOM   420  N N   . ILE A 1 54  ? 3.290   7.035   -3.398  1.00   9.43  ? 71  ILE A N   1 
ATOM   421  C CA  . ILE A 1 54  ? 2.170   6.159   -3.761  1.00   9.71  ? 71  ILE A CA  1 
ATOM   422  C C   . ILE A 1 54  ? 1.168   6.081   -2.617  1.00   9.52  ? 71  ILE A C   1 
ATOM   423  O O   . ILE A 1 54  ? 1.559   5.899   -1.457  1.00   9.45  ? 71  ILE A O   1 
ATOM   424  C CB  . ILE A 1 54  ? 2.664   4.730   -4.097  1.00   9.65  ? 71  ILE A CB  1 
ATOM   425  C CG1 . ILE A 1 54  ? 3.561   4.730   -5.348  1.00   9.69  ? 71  ILE A CG1 1 
ATOM   426  C CG2 . ILE A 1 54  ? 1.490   3.762   -4.267  1.00   9.82  ? 71  ILE A CG2 1 
ATOM   427  C CD1 . ILE A 1 54  ? 2.829   4.981   -6.661  1.00   9.84  ? 71  ILE A CD1 1 
ATOM   428  N N   . THR A 1 55  ? -0.114  6.229   -2.950  1.00   9.68  ? 72  THR A N   1 
ATOM   429  C CA  . THR A 1 55  ? -1.186  5.984   -1.987  1.00   9.74  ? 72  THR A CA  1 
ATOM   430  C C   . THR A 1 55  ? -2.028  4.808   -2.480  1.00   9.74  ? 72  THR A C   1 
ATOM   431  O O   . THR A 1 55  ? -2.401  4.758   -3.655  1.00   9.90  ? 72  THR A O   1 
ATOM   432  C CB  . THR A 1 55  ? -2.058  7.237   -1.767  1.00   9.78  ? 72  THR A CB  1 
ATOM   433  O OG1 . THR A 1 55  ? -1.235  8.306   -1.282  1.00   9.68  ? 72  THR A OG1 1 
ATOM   434  C CG2 . THR A 1 55  ? -3.171  6.964   -0.746  1.00   9.95  ? 72  THR A CG2 1 
ATOM   435  N N   . VAL A 1 56  ? -2.305  3.863   -1.585  1.00   9.75  ? 73  VAL A N   1 
ATOM   436  C CA  . VAL A 1 56  ? -3.216  2.746   -1.881  1.00   9.63  ? 73  VAL A CA  1 
ATOM   437  C C   . VAL A 1 56  ? -4.347  2.765   -0.857  1.00   9.76  ? 73  VAL A C   1 
ATOM   438  O O   . VAL A 1 56  ? -4.100  2.765   0.351   1.00   9.74  ? 73  VAL A O   1 
ATOM   439  C CB  . VAL A 1 56  ? -2.500  1.379   -1.863  1.00   9.63  ? 73  VAL A CB  1 
ATOM   440  C CG1 . VAL A 1 56  ? -3.478  0.261   -2.210  1.00   9.47  ? 73  VAL A CG1 1 
ATOM   441  C CG2 . VAL A 1 56  ? -1.332  1.362   -2.848  1.00   9.81  ? 73  VAL A CG2 1 
ATOM   442  N N   . ILE A 1 57  ? -5.585  2.803   -1.351  1.00   9.80  ? 74  ILE A N   1 
ATOM   443  C CA  . ILE A 1 57  ? -6.775  2.927   -0.501  1.00   9.92  ? 74  ILE A CA  1 
ATOM   444  C C   . ILE A 1 57  ? -7.667  1.724   -0.763  1.00   9.96  ? 74  ILE A C   1 
ATOM   445  O O   . ILE A 1 57  ? -7.988  1.442   -1.915  1.00   9.87  ? 74  ILE A O   1 
ATOM   446  C CB  . ILE A 1 57  ? -7.577  4.212   -0.843  1.00   9.99  ? 74  ILE A CB  1 
ATOM   447  C CG1 . ILE A 1 57  ? -6.717  5.470   -0.612  1.00   10.26 ? 74  ILE A CG1 1 
ATOM   448  C CG2 . ILE A 1 57  ? -8.870  4.301   -0.026  1.00   10.26 ? 74  ILE A CG2 1 
ATOM   449  C CD1 . ILE A 1 57  ? -7.303  6.734   -1.216  1.00   11.02 ? 74  ILE A CD1 1 
ATOM   450  N N   . ASP A 1 58  ? -8.074  1.019   0.292   1.00   9.96  ? 75  ASP A N   1 
ATOM   451  C CA  . ASP A 1 58  ? -9.136  0.021   0.135   1.00   10.23 ? 75  ASP A CA  1 
ATOM   452  C C   . ASP A 1 58  ? -10.265 0.312   1.112   1.00   10.34 ? 75  ASP A C   1 
ATOM   453  O O   . ASP A 1 58  ? -10.105 1.116   2.041   1.00   10.49 ? 75  ASP A O   1 
ATOM   454  C CB  . ASP A 1 58  ? -8.614  -1.439  0.236   1.00   10.00 ? 75  ASP A CB  1 
ATOM   455  C CG  . ASP A 1 58  ? -8.249  -1.874  1.669   1.00   10.16 ? 75  ASP A CG  1 
ATOM   456  O OD1 . ASP A 1 58  ? -7.143  -2.423  1.848   1.00   9.83  ? 75  ASP A OD1 1 
ATOM   457  O OD2 . ASP A 1 58  ? -9.059  -1.698  2.608   1.00   10.14 ? 75  ASP A OD2 1 
ATOM   458  N N   . ASP A 1 59  ? -11.395 -0.309  0.868   1.00   10.64 ? 76  ASP A N   1 
ATOM   459  C CA  . ASP A 1 59  ? -12.557 -0.150  1.695   1.00   11.37 ? 76  ASP A CA  1 
ATOM   460  C C   . ASP A 1 59  ? -12.958 -1.449  2.403   1.00   11.32 ? 76  ASP A C   1 
ATOM   461  O O   . ASP A 1 59  ? -14.120 -1.683  2.607   1.00   11.77 ? 76  ASP A O   1 
ATOM   462  C CB  . ASP A 1 59  ? -13.746 0.383   0.893   1.00   11.72 ? 76  ASP A CB  1 
ATOM   463  C CG  . ASP A 1 59  ? -14.172 -0.532  -0.202  1.00   12.49 ? 76  ASP A CG  1 
ATOM   464  O OD1 . ASP A 1 59  ? -13.523 -1.510  -0.462  1.00   11.55 ? 76  ASP A OD1 1 
ATOM   465  O OD2 . ASP A 1 59  ? -15.194 -0.188  -0.780  1.00   14.45 ? 76  ASP A OD2 1 
ATOM   466  N N   . GLY A 1 60  ? -11.946 -2.209  2.796   1.00   10.89 ? 77  GLY A N   1 
ATOM   467  C CA  . GLY A 1 60  ? -12.146 -3.363  3.622   1.00   11.21 ? 77  GLY A CA  1 
ATOM   468  C C   . GLY A 1 60  ? -12.431 -3.090  5.101   1.00   11.69 ? 77  GLY A C   1 
ATOM   469  O O   . GLY A 1 60  ? -12.847 -2.033  5.463   1.00   38.15 ? 77  GLY A O   1 
ATOM   470  N N   . ARG A 1 61  ? -12.152 -4.093  5.922   1.00   11.54 ? 78  ARG A N   1 
ATOM   471  C CA  . ARG A 1 61  ? -12.442 -4.001  7.339   1.00   11.80 ? 78  ARG A CA  1 
ATOM   472  C C   . ARG A 1 61  ? -11.495 -3.073  8.072   1.00   12.00 ? 78  ARG A C   1 
ATOM   473  O O   . ARG A 1 61  ? -11.824 -2.519  9.063   1.00   12.26 ? 78  ARG A O   1 
ATOM   474  C CB  . ARG A 1 61  ? -12.380 -5.357  7.977   1.00   12.04 ? 78  ARG A CB  1 
ATOM   475  C CG  . ARG A 1 61  ? -13.512 -6.296  7.635   1.00   12.54 ? 78  ARG A CG  1 
ATOM   476  C CD  . ARG A 1 61  ? -13.196 -7.715  8.074   1.00   13.10 ? 78  ARG A CD  1 
ATOM   477  N NE  . ARG A 1 61  ? -12.119 -8.348  7.346   1.00   13.47 ? 78  ARG A NE  1 
ATOM   478  C CZ  . ARG A 1 61  ? -11.681 -9.581  7.567   1.00   13.72 ? 78  ARG A CZ  1 
ATOM   479  N NH1 . ARG A 1 61  ? -10.733 -10.097 6.840   1.00   13.61 ? 78  ARG A NH1 1 
ATOM   480  N NH2 . ARG A 1 61  ? -12.181 -10.298 8.546   1.00   13.88 ? 78  ARG A NH2 1 
ATOM   481  N N   . GLY A 1 62  ? -10.302 -2.944  7.533   1.00   12.18 ? 79  GLY A N   1 
ATOM   482  C CA  . GLY A 1 62  ? -9.214  -2.252  8.212   1.00   12.13 ? 79  GLY A CA  1 
ATOM   483  C C   . GLY A 1 62  ? -8.284  -3.199  8.955   1.00   12.63 ? 79  GLY A C   1 
ATOM   484  O O   . GLY A 1 62  ? -8.742  -4.080  9.573   1.00   12.85 ? 79  GLY A O   1 
ATOM   485  N N   . ILE A 1 63  ? -6.983  -2.984  8.832   1.00   12.82 ? 80  ILE A N   1 
ATOM   486  C CA  . ILE A 1 63  ? -6.016  -3.844  9.536   1.00   13.16 ? 80  ILE A CA  1 
ATOM   487  C C   . ILE A 1 63  ? -6.386  -3.915  11.020  1.00   13.50 ? 80  ILE A C   1 
ATOM   488  O O   . ILE A 1 63  ? -6.711  -2.888  11.612  1.00   13.67 ? 80  ILE A O   1 
ATOM   489  C CB  . ILE A 1 63  ? -4.559  -3.328  9.412   1.00   13.12 ? 80  ILE A CB  1 
ATOM   490  C CG1 . ILE A 1 63  ? -4.190  -3.058  7.946   1.00   13.07 ? 80  ILE A CG1 1 
ATOM   491  C CG2 . ILE A 1 63  ? -3.578  -4.336  10.010  1.00   13.20 ? 80  ILE A CG2 1 
ATOM   492  C CD1 . ILE A 1 63  ? -2.860  -2.342  7.759   1.00   13.15 ? 80  ILE A CD1 1 
ATOM   493  N N   . PRO A 1 64  ? -6.349  -5.125  11.619  1.00   13.97 ? 81  PRO A N   1 
ATOM   494  C CA  . PRO A 1 64  ? -6.610  -5.227  13.059  1.00   14.61 ? 81  PRO A CA  1 
ATOM   495  C C   . PRO A 1 64  ? -5.699  -4.290  13.852  1.00   15.16 ? 81  PRO A C   1 
ATOM   496  O O   . PRO A 1 64  ? -4.506  -4.159  13.539  1.00   15.29 ? 81  PRO A O   1 
ATOM   497  C CB  . PRO A 1 64  ? -6.310  -6.701  13.364  1.00   14.67 ? 81  PRO A CB  1 
ATOM   498  C CG  . PRO A 1 64  ? -6.629  -7.402  12.082  1.00   14.51 ? 81  PRO A CG  1 
ATOM   499  C CD  . PRO A 1 64  ? -6.161  -6.452  11.006  1.00   14.04 ? 81  PRO A CD  1 
ATOM   500  N N   . VAL A 1 65  ? -6.278  -3.614  14.843  1.00   15.91 ? 82  VAL A N   1 
ATOM   501  C CA  . VAL A 1 65  ? -5.538  -2.635  15.644  1.00   16.50 ? 82  VAL A CA  1 
ATOM   502  C C   . VAL A 1 65  ? -5.287  -3.125  17.070  1.00   17.02 ? 82  VAL A C   1 
ATOM   503  O O   . VAL A 1 65  ? -4.524  -2.512  17.817  1.00   17.54 ? 82  VAL A O   1 
ATOM   504  C CB  . VAL A 1 65  ? -6.213  -1.241  15.659  1.00   16.54 ? 82  VAL A CB  1 
ATOM   505  C CG1 . VAL A 1 65  ? -6.149  -0.603  14.276  1.00   17.06 ? 82  VAL A CG1 1 
ATOM   506  C CG2 . VAL A 1 65  ? -7.653  -1.315  16.162  1.00   17.06 ? 82  VAL A CG2 1 
ATOM   507  N N   . GLY A 1 66  ? -5.935  -4.227  17.437  1.00   17.46 ? 83  GLY A N   1 
ATOM   508  C CA  . GLY A 1 66  ? -5.547  -4.781  18.809  1.00   43.98 ? 83  GLY A CA  1 
ATOM   509  C C   . GLY A 1 66  ? -4.246  -5.309  19.109  1.00   23.36 ? 83  GLY A C   1 
ATOM   510  O O   . GLY A 1 66  ? -3.477  -5.729  18.243  1.00   22.04 ? 83  GLY A O   1 
ATOM   511  N N   . ILE A 1 67  ? -3.899  -5.159  20.382  1.00   24.56 ? 84  ILE A N   1 
ATOM   512  C CA  . ILE A 1 67  ? -2.656  -5.708  20.920  1.00   25.60 ? 84  ILE A CA  1 
ATOM   513  C C   . ILE A 1 67  ? -2.613  -7.235  20.799  1.00   26.55 ? 84  ILE A C   1 
ATOM   514  O O   . ILE A 1 67  ? -3.545  -7.926  21.221  1.00   26.38 ? 84  ILE A O   1 
ATOM   515  C CB  . ILE A 1 67  ? -2.462  -5.296  22.401  1.00   26.35 ? 84  ILE A CB  1 
ATOM   516  C CG1 . ILE A 1 67  ? -2.672  -3.783  22.594  1.00   26.58 ? 84  ILE A CG1 1 
ATOM   517  C CG2 . ILE A 1 67  ? -1.109  -5.764  22.927  1.00   26.51 ? 84  ILE A CG2 1 
ATOM   518  C CD1 . ILE A 1 67  ? -1.685  -2.887  21.872  1.00   27.16 ? 84  ILE A CD1 1 
ATOM   519  N N   . GLN A 1 68  ? -1.534  -7.751  20.216  1.00   27.63 ? 85  GLN A N   1 
ATOM   520  C CA  . GLN A 1 68  ? -1.317  -9.192  20.124  1.00   29.66 ? 85  GLN A CA  1 
ATOM   521  C C   . GLN A 1 68  ? -0.546  -9.649  21.359  1.00   31.30 ? 85  GLN A C   1 
ATOM   522  O O   . GLN A 1 68  ? 0.432   -9.009  21.756  1.00   30.43 ? 85  GLN A O   1 
ATOM   523  C CB  . GLN A 1 68  ? -0.515  -9.555  18.875  1.00   29.92 ? 85  GLN A CB  1 
ATOM   524  C CG  . GLN A 1 68  ? -1.008  -8.949  17.571  1.00   30.76 ? 85  GLN A CG  1 
ATOM   525  C CD  . GLN A 1 68  ? 0.113   -8.794  16.553  1.00   30.83 ? 85  GLN A CD  1 
ATOM   526  O OE1 . GLN A 1 68  ? 0.151   -9.501  15.543  1.00   32.28 ? 85  GLN A OE1 1 
ATOM   527  N NE2 . GLN A 1 68  ? 1.038   -7.861  16.815  1.00   29.49 ? 85  GLN A NE2 1 
ATOM   528  N N   . ALA A 1 69  ? -0.976  -10.765 21.947  1.00   32.33 ? 86  ALA A N   1 
ATOM   529  C CA  . ALA A 1 69  ? -0.333  -11.308 23.146  1.00   33.28 ? 86  ALA A CA  1 
ATOM   530  C C   . ALA A 1 69  ? 1.146   -11.619 22.922  1.00   33.40 ? 86  ALA A C   1 
ATOM   531  O O   . ALA A 1 69  ? 1.989   -11.300 23.763  1.00   35.10 ? 86  ALA A O   1 
ATOM   532  C CB  . ALA A 1 69  ? -1.070  -12.550 23.629  1.00   33.57 ? 86  ALA A CB  1 
ATOM   533  N N   . LYS A 1 70  ? 1.446   -12.213 21.791  1.00   34.33 ? 87  LYS A N   1 
ATOM   534  C CA  . LYS A 1 70  ? 2.782   -12.626 21.391  1.00   34.33 ? 87  LYS A CA  1 
ATOM   535  C C   . LYS A 1 70  ? 3.792   -11.504 21.284  1.00   34.06 ? 87  LYS A C   1 
ATOM   536  O O   . LYS A 1 70  ? 4.937   -11.665 21.616  1.00   35.20 ? 87  LYS A O   1 
ATOM   537  C CB  . LYS A 1 70  ? 2.707   -13.293 20.043  1.00   35.15 ? 87  LYS A CB  1 
ATOM   538  C CG  . LYS A 1 70  ? 1.502   -14.178 19.869  1.00   36.25 ? 87  LYS A CG  1 
ATOM   539  C CD  . LYS A 1 70  ? 1.835   -15.632 20.142  0.0000 62.90 ? 87  LYS A CD  1 
ATOM   540  C CE  . LYS A 1 70  ? 1.749   -16.454 18.880  0.0000 64.34 ? 87  LYS A CE  1 
ATOM   541  N NZ  . LYS A 1 70  ? 2.893   -16.117 18.005  0.0000 68.95 ? 87  LYS A NZ  1 
ATOM   542  N N   . THR A 1 71  ? 3.341   -10.352 20.831  1.00   32.26 ? 88  THR A N   1 
ATOM   543  C CA  . THR A 1 71  ? 4.227   -9.219  20.544  1.00   30.19 ? 88  THR A CA  1 
ATOM   544  C C   . THR A 1 71  ? 4.110   -8.065  21.541  1.00   28.51 ? 88  THR A C   1 
ATOM   545  O O   . THR A 1 71  ? 5.060   -7.299  21.723  1.00   28.80 ? 88  THR A O   1 
ATOM   546  C CB  . THR A 1 71  ? 3.989   -8.654  19.125  1.00   29.86 ? 88  THR A CB  1 
ATOM   547  O OG1 . THR A 1 71  ? 2.718   -7.992  19.076  1.00   28.75 ? 88  THR A OG1 1 
ATOM   548  C CG2 . THR A 1 71  ? 4.040   -9.757  18.074  1.00   30.07 ? 88  THR A CG2 1 
ATOM   549  N N   . GLY A 1 72  ? 2.940   -7.927  22.163  1.00   26.56 ? 89  GLY A N   1 
ATOM   550  C CA  . GLY A 1 72  ? 2.646   -6.789  23.033  1.00   24.51 ? 89  GLY A CA  1 
ATOM   551  C C   . GLY A 1 72  ? 2.414   -5.484  22.287  1.00   22.92 ? 89  GLY A C   1 
ATOM   552  O O   . GLY A 1 72  ? 2.289   -4.423  22.904  1.00   22.33 ? 89  GLY A O   1 
ATOM   553  N N   . ARG A 1 73  ? 2.332   -5.574  20.959  1.00   21.48 ? 90  ARG A N   1 
ATOM   554  C CA  . ARG A 1 73  ? 2.167   -4.406  20.084  1.00   19.94 ? 90  ARG A CA  1 
ATOM   555  C C   . ARG A 1 73  ? 0.887   -4.555  19.244  1.00   18.65 ? 90  ARG A C   1 
ATOM   556  O O   . ARG A 1 73  ? 0.438   -5.677  19.016  1.00   18.71 ? 90  ARG A O   1 
ATOM   557  C CB  . ARG A 1 73  ? 3.381   -4.270  19.154  1.00   20.42 ? 90  ARG A CB  1 
ATOM   558  C CG  . ARG A 1 73  ? 4.747   -4.307  19.844  1.00   20.33 ? 90  ARG A CG  1 
ATOM   559  C CD  . ARG A 1 73  ? 4.938   -3.144  20.811  1.00   20.62 ? 90  ARG A CD  1 
ATOM   560  N NE  . ARG A 1 73  ? 4.820   -1.840  20.158  1.00   20.43 ? 90  ARG A NE  1 
ATOM   561  C CZ  . ARG A 1 73  ? 4.701   -0.674  20.793  1.00   20.76 ? 90  ARG A CZ  1 
ATOM   562  N NH1 . ARG A 1 73  ? 4.675   -0.619  22.127  1.00   21.33 ? 90  ARG A NH1 1 
ATOM   563  N NH2 . ARG A 1 73  ? 4.610   0.449   20.092  1.00   20.30 ? 90  ARG A NH2 1 
ATOM   564  N N   . PRO A 1 74  ? 0.294   -3.431  18.789  1.00   18.10 ? 91  PRO A N   1 
ATOM   565  C CA  . PRO A 1 74  ? -0.880  -3.522  17.902  1.00   17.31 ? 91  PRO A CA  1 
ATOM   566  C C   . PRO A 1 74  ? -0.568  -4.336  16.644  1.00   17.23 ? 91  PRO A C   1 
ATOM   567  O O   . PRO A 1 74  ? 0.543   -4.241  16.112  1.00   17.03 ? 91  PRO A O   1 
ATOM   568  C CB  . PRO A 1 74  ? -1.148  -2.062  17.523  1.00   17.46 ? 91  PRO A CB  1 
ATOM   569  C CG  . PRO A 1 74  ? -0.568  -1.268  18.648  1.00   17.67 ? 91  PRO A CG  1 
ATOM   570  C CD  . PRO A 1 74  ? 0.652   -2.028  19.077  1.00   17.64 ? 91  PRO A CD  1 
ATOM   571  N N   . ALA A 1 75  ? -1.530  -5.134  16.173  1.00   16.17 ? 92  ALA A N   1 
ATOM   572  C CA  . ALA A 1 75  ? -1.318  -5.960  14.982  1.00   15.77 ? 92  ALA A CA  1 
ATOM   573  C C   . ALA A 1 75  ? -0.844  -5.127  13.788  1.00   15.02 ? 92  ALA A C   1 
ATOM   574  O O   . ALA A 1 75  ? 0.064   -5.534  13.061  1.00   15.15 ? 92  ALA A O   1 
ATOM   575  C CB  . ALA A 1 75  ? -2.581  -6.742  14.634  1.00   15.67 ? 92  ALA A CB  1 
ATOM   576  N N   . VAL A 1 76  ? -1.428  -3.945  13.615  1.00   14.57 ? 93  VAL A N   1 
ATOM   577  C CA  . VAL A 1 76  ? -1.067  -3.078  12.479  1.00   14.14 ? 93  VAL A CA  1 
ATOM   578  C C   . VAL A 1 76  ? 0.417   -2.658  12.512  1.00   13.83 ? 93  VAL A C   1 
ATOM   579  O O   . VAL A 1 76  ? 1.067   -2.589  11.474  1.00   13.28 ? 93  VAL A O   1 
ATOM   580  C CB  . VAL A 1 76  ? -2.014  -1.860  12.343  1.00   14.32 ? 93  VAL A CB  1 
ATOM   581  C CG1 . VAL A 1 76  ? -2.026  -1.037  13.622  1.00   14.40 ? 93  VAL A CG1 1 
ATOM   582  C CG2 . VAL A 1 76  ? -1.646  -1.009  11.130  1.00   14.52 ? 93  VAL A CG2 1 
ATOM   583  N N   . GLU A 1 77  ? 0.952   -2.378  13.699  1.00   13.76 ? 94  GLU A N   1 
ATOM   584  C CA  . GLU A 1 77  ? 2.383   -2.059  13.801  1.00   13.58 ? 94  GLU A CA  1 
ATOM   585  C C   . GLU A 1 77  ? 3.245   -3.231  13.325  1.00   13.68 ? 94  GLU A C   1 
ATOM   586  O O   . GLU A 1 77  ? 4.186   -3.047  12.544  1.00   13.47 ? 94  GLU A O   1 
ATOM   587  C CB  . GLU A 1 77  ? 2.755   -1.645  15.229  1.00   13.76 ? 94  GLU A CB  1 
ATOM   588  C CG  . GLU A 1 77  ? 4.224   -1.288  15.396  1.00   14.23 ? 94  GLU A CG  1 
ATOM   589  C CD  . GLU A 1 77  ? 4.556   -0.858  16.811  1.00   14.84 ? 94  GLU A CD  1 
ATOM   590  O OE1 . GLU A 1 77  ? 4.009   0.158   17.268  1.00   14.89 ? 94  GLU A OE1 1 
ATOM   591  O OE2 . GLU A 1 77  ? 5.355   -1.554  17.468  1.00   16.05 ? 94  GLU A OE2 1 
ATOM   592  N N   . THR A 1 78  ? 2.898   -4.440  13.766  1.00   13.72 ? 95  THR A N   1 
ATOM   593  C CA  . THR A 1 78  ? 3.627   -5.655  13.380  1.00   14.09 ? 95  THR A CA  1 
ATOM   594  C C   . THR A 1 78  ? 3.632   -5.877  11.858  1.00   13.74 ? 95  THR A C   1 
ATOM   595  O O   . THR A 1 78  ? 4.638   -6.316  11.298  1.00   13.83 ? 95  THR A O   1 
ATOM   596  C CB  . THR A 1 78  ? 3.068   -6.887  14.127  1.00   14.81 ? 95  THR A CB  1 
ATOM   597  O OG1 . THR A 1 78  ? 3.123   -6.631  15.536  1.00   15.84 ? 95  THR A OG1 1 
ATOM   598  C CG2 . THR A 1 78  ? 3.883   -8.131  13.822  1.00   15.66 ? 95  THR A CG2 1 
ATOM   599  N N   . VAL A 1 79  ? 2.517   -5.546  11.208  1.00   13.52 ? 96  VAL A N   1 
ATOM   600  C CA  . VAL A 1 79  ? 2.371   -5.658  9.750   1.00   13.28 ? 96  VAL A CA  1 
ATOM   601  C C   . VAL A 1 79  ? 3.501   -4.918  9.030   1.00   13.38 ? 96  VAL A C   1 
ATOM   602  O O   . VAL A 1 79  ? 4.006   -5.384  8.011   1.00   14.42 ? 96  VAL A O   1 
ATOM   603  C CB  . VAL A 1 79  ? 0.984   -5.131  9.290   1.00   13.51 ? 96  VAL A CB  1 
ATOM   604  C CG1 . VAL A 1 79  ? 0.959   -4.803  7.799   1.00   13.57 ? 96  VAL A CG1 1 
ATOM   605  C CG2 . VAL A 1 79  ? -0.103  -6.153  9.617   1.00   13.51 ? 96  VAL A CG2 1 
ATOM   606  N N   . PHE A 1 80  ? 3.915   -3.780  9.578   1.00   12.86 ? 97  PHE A N   1 
ATOM   607  C CA  . PHE A 1 80  ? 4.892   -2.944  8.894   1.00   12.91 ? 97  PHE A CA  1 
ATOM   608  C C   . PHE A 1 80  ? 6.311   -3.020  9.437   1.00   13.51 ? 97  PHE A C   1 
ATOM   609  O O   . PHE A 1 80  ? 7.236   -2.552  8.791   1.00   13.12 ? 97  PHE A O   1 
ATOM   610  C CB  . PHE A 1 80  ? 4.401   -1.494  8.849   1.00   12.56 ? 97  PHE A CB  1 
ATOM   611  C CG  . PHE A 1 80  ? 3.136   -1.333  8.054   1.00   12.16 ? 97  PHE A CG  1 
ATOM   612  C CD1 . PHE A 1 80  ? 3.161   -1.402  6.658   1.00   12.05 ? 97  PHE A CD1 1 
ATOM   613  C CD2 . PHE A 1 80  ? 1.914   -1.170  8.701   1.00   12.20 ? 97  PHE A CD2 1 
ATOM   614  C CE1 . PHE A 1 80  ? 1.992   -1.269  5.925   1.00   12.01 ? 97  PHE A CE1 1 
ATOM   615  C CE2 . PHE A 1 80  ? 0.740   -1.046  7.974   1.00   11.82 ? 97  PHE A CE2 1 
ATOM   616  C CZ  . PHE A 1 80  ? 0.781   -1.093  6.585   1.00   11.76 ? 97  PHE A CZ  1 
ATOM   617  N N   . THR A 1 81  ? 6.478   -3.621  10.613  1.00   14.28 ? 98  THR A N   1 
ATOM   618  C CA  . THR A 1 81  ? 7.769   -3.566  11.309  1.00   15.18 ? 98  THR A CA  1 
ATOM   619  C C   . THR A 1 81  ? 8.462   -4.919  11.473  1.00   16.34 ? 98  THR A C   1 
ATOM   620  O O   . THR A 1 81  ? 9.631   -4.974  11.862  1.00   16.94 ? 98  THR A O   1 
ATOM   621  C CB  . THR A 1 81  ? 7.643   -2.874  12.686  1.00   15.55 ? 98  THR A CB  1 
ATOM   622  O OG1 . THR A 1 81  ? 6.751   -3.619  13.519  1.00   16.15 ? 98  THR A OG1 1 
ATOM   623  C CG2 . THR A 1 81  ? 7.109   -1.446  12.537  1.00   15.06 ? 98  THR A CG2 1 
ATOM   624  N N   . VAL A 1 82  ? 7.753   -6.007  11.176  1.00   16.83 ? 99  VAL A N   1 
ATOM   625  C CA  . VAL A 1 82  ? 8.317   -7.344  11.356  1.00   18.72 ? 99  VAL A CA  1 
ATOM   626  C C   . VAL A 1 82  ? 8.400   -8.067  10.014  1.00   19.82 ? 99  VAL A C   1 
ATOM   627  O O   . VAL A 1 82  ? 7.401   -8.165  9.294   1.00   20.40 ? 99  VAL A O   1 
ATOM   628  C CB  . VAL A 1 82  ? 7.517   -8.167  12.400  1.00   18.70 ? 99  VAL A CB  1 
ATOM   629  C CG1 . VAL A 1 82  ? 8.039   -9.599  12.498  1.00   19.63 ? 99  VAL A CG1 1 
ATOM   630  C CG2 . VAL A 1 82  ? 7.584   -7.493  13.769  1.00   19.12 ? 99  VAL A CG2 1 
ATOM   631  N N   . LEU A 1 83  ? 9.596   -8.562  9.692   1.00   21.20 ? 100 LEU A N   1 
ATOM   632  C CA  . LEU A 1 83  ? 9.860   -9.253  8.429   1.00   23.29 ? 100 LEU A CA  1 
ATOM   633  C C   . LEU A 1 83  ? 9.255   -10.660 8.386   1.00   24.56 ? 100 LEU A C   1 
ATOM   634  O O   . LEU A 1 83  ? 9.156   -11.339 9.418   1.00   26.51 ? 100 LEU A O   1 
ATOM   635  C CB  . LEU A 1 83  ? 11.374  -9.307  8.172   1.00   23.53 ? 100 LEU A CB  1 
ATOM   636  C CG  . LEU A 1 83  ? 11.909  -9.798  6.825   1.00   23.86 ? 100 LEU A CG  1 
ATOM   637  C CD1 . LEU A 1 83  ? 11.342  -8.987  5.669   1.00   23.58 ? 100 LEU A CD1 1 
ATOM   638  C CD2 . LEU A 1 83  ? 13.434  -9.762  6.811   1.00   23.86 ? 100 LEU A CD2 1 
ATOM   639  N N   . GLY A 1 104 ? 5.745   -8.783  2.968   1.00   18.65 ? 121 GLY A N   1 
ATOM   640  C CA  . GLY A 1 104 ? 5.767   -7.811  1.881   1.00   16.53 ? 121 GLY A CA  1 
ATOM   641  C C   . GLY A 1 104 ? 5.623   -6.375  2.348   1.00   15.69 ? 121 GLY A C   1 
ATOM   642  O O   . GLY A 1 104 ? 6.432   -5.508  1.996   1.00   15.43 ? 121 GLY A O   1 
ATOM   643  N N   . SER A 1 105 ? 4.586   -6.114  3.140   1.00   14.98 ? 122 SER A N   1 
ATOM   644  C CA  . SER A 1 105 ? 4.314   -4.759  3.638   1.00   14.14 ? 122 SER A CA  1 
ATOM   645  C C   . SER A 1 105 ? 5.484   -4.174  4.442   1.00   13.43 ? 122 SER A C   1 
ATOM   646  O O   . SER A 1 105 ? 5.779   -2.978  4.339   1.00   12.47 ? 122 SER A O   1 
ATOM   647  C CB  . SER A 1 105 ? 3.037   -4.756  4.475   1.00   14.98 ? 122 SER A CB  1 
ATOM   648  O OG  . SER A 1 105 ? 3.069   -5.812  5.415   1.00   16.75 ? 122 SER A OG  1 
ATOM   649  N N   . SER A 1 106 ? 6.156   -5.009  5.235   1.00   12.79 ? 123 SER A N   1 
ATOM   650  C CA  . SER A 1 106 ? 7.305   -4.522  6.023   1.00   12.78 ? 123 SER A CA  1 
ATOM   651  C C   . SER A 1 106 ? 8.524   -4.218  5.139   1.00   12.19 ? 123 SER A C   1 
ATOM   652  O O   . SER A 1 106 ? 9.309   -3.310  5.436   1.00   11.90 ? 123 SER A O   1 
ATOM   653  C CB  . SER A 1 106 ? 7.660   -5.490  7.155   1.00   13.41 ? 123 SER A CB  1 
ATOM   654  O OG  . SER A 1 106 ? 8.032   -6.744  6.629   1.00   14.97 ? 123 SER A OG  1 
ATOM   655  N N   . VAL A 1 107 ? 8.663   -4.962  4.045   1.00   11.36 ? 124 VAL A N   1 
ATOM   656  C CA  . VAL A 1 107 ? 9.715   -4.685  3.056   1.00   11.10 ? 124 VAL A CA  1 
ATOM   657  C C   . VAL A 1 107 ? 9.488   -3.304  2.426   1.00   10.53 ? 124 VAL A C   1 
ATOM   658  O O   . VAL A 1 107 ? 10.426  -2.516  2.293   1.00   10.34 ? 124 VAL A O   1 
ATOM   659  C CB  . VAL A 1 107 ? 9.787   -5.799  1.986   1.00   11.44 ? 124 VAL A CB  1 
ATOM   660  C CG1 . VAL A 1 107 ? 10.678  -5.398  0.818   1.00   11.73 ? 124 VAL A CG1 1 
ATOM   661  C CG2 . VAL A 1 107 ? 10.293  -7.097  2.604   1.00   12.05 ? 124 VAL A CG2 1 
ATOM   662  N N   . VAL A 1 108 ? 8.242   -2.998  2.062   1.00   10.02 ? 125 VAL A N   1 
ATOM   663  C CA  . VAL A 1 108 ? 7.930   -1.686  1.479   1.00   9.87  ? 125 VAL A CA  1 
ATOM   664  C C   . VAL A 1 108 ? 8.260   -0.587  2.488   1.00   9.58  ? 125 VAL A C   1 
ATOM   665  O O   . VAL A 1 108 ? 8.868   0.430   2.145   1.00   9.64  ? 125 VAL A O   1 
ATOM   666  C CB  . VAL A 1 108 ? 6.456   -1.590  1.034   1.00   9.83  ? 125 VAL A CB  1 
ATOM   667  C CG1 . VAL A 1 108 ? 6.130   -0.194  0.513   1.00   9.73  ? 125 VAL A CG1 1 
ATOM   668  C CG2 . VAL A 1 108 ? 6.186   -2.614  -0.054  1.00   9.81  ? 125 VAL A CG2 1 
ATOM   669  N N   . ASN A 1 109 ? 7.857   -0.802  3.735   1.00   9.49  ? 126 ASN A N   1 
ATOM   670  C CA  . ASN A 1 109 ? 8.199   0.132   4.795   1.00   9.42  ? 126 ASN A CA  1 
ATOM   671  C C   . ASN A 1 109 ? 9.714   0.378   4.889   1.00   9.34  ? 126 ASN A C   1 
ATOM   672  O O   . ASN A 1 109 ? 10.172  1.520   4.885   1.00   9.01  ? 126 ASN A O   1 
ATOM   673  C CB  . ASN A 1 109 ? 7.647   -0.357  6.130   1.00   9.71  ? 126 ASN A CB  1 
ATOM   674  C CG  . ASN A 1 109 ? 7.912   0.624   7.255   1.00   10.14 ? 126 ASN A CG  1 
ATOM   675  O OD1 . ASN A 1 109 ? 8.019   1.825   7.024   1.00   10.56 ? 126 ASN A OD1 1 
ATOM   676  N ND2 . ASN A 1 109 ? 8.000   0.120   8.482   1.00   10.53 ? 126 ASN A ND2 1 
ATOM   677  N N   . ALA A 1 110 ? 10.482  -0.702  4.948   1.00   9.24  ? 127 ALA A N   1 
ATOM   678  C CA  . ALA A 1 110 ? 11.933  -0.601  5.075   1.00   9.27  ? 127 ALA A CA  1 
ATOM   679  C C   . ALA A 1 110 ? 12.582  0.215   3.950   1.00   9.36  ? 127 ALA A C   1 
ATOM   680  O O   . ALA A 1 110 ? 13.545  0.942   4.189   1.00   9.36  ? 127 ALA A O   1 
ATOM   681  C CB  . ALA A 1 110 ? 12.550  -1.988  5.160   1.00   9.32  ? 127 ALA A CB  1 
ATOM   682  N N   . LEU A 1 111 ? 12.026  0.117   2.744   1.00   9.19  ? 128 LEU A N   1 
ATOM   683  C CA  . LEU A 1 111 ? 12.641  0.717   1.555   1.00   9.27  ? 128 LEU A CA  1 
ATOM   684  C C   . LEU A 1 111 ? 12.025  2.063   1.199   1.00   9.33  ? 128 LEU A C   1 
ATOM   685  O O   . LEU A 1 111 ? 12.221  2.582   0.097   1.00   9.41  ? 128 LEU A O   1 
ATOM   686  C CB  . LEU A 1 111 ? 12.572  -0.262  0.380   1.00   9.13  ? 128 LEU A CB  1 
ATOM   687  C CG  . LEU A 1 111 ? 13.241  -1.617  0.649   1.00   9.27  ? 128 LEU A CG  1 
ATOM   688  C CD1 . LEU A 1 111 ? 13.142  -2.535  -0.569  1.00   9.30  ? 128 LEU A CD1 1 
ATOM   689  C CD2 . LEU A 1 111 ? 14.698  -1.440  1.087   1.00   9.33  ? 128 LEU A CD2 1 
ATOM   690  N N   . SER A 1 112 ? 11.278  2.622   2.148   1.00   9.35  ? 129 SER A N   1 
ATOM   691  C CA  . SER A 1 112 ? 10.652  3.933   1.979   1.00   9.48  ? 129 SER A CA  1 
ATOM   692  C C   . SER A 1 112 ? 11.248  4.963   2.931   1.00   9.84  ? 129 SER A C   1 
ATOM   693  O O   . SER A 1 112 ? 11.569  4.644   4.085   1.00   10.08 ? 129 SER A O   1 
ATOM   694  C CB  . SER A 1 112 ? 9.128   3.838   2.191   1.00   9.44  ? 129 SER A CB  1 
ATOM   695  O OG  . SER A 1 112 ? 8.509   2.980   1.233   1.00   9.40  ? 129 SER A OG  1 
ATOM   696  N N   . THR A 1 113 ? 11.386  6.206   2.471   1.00   9.97  ? 130 THR A N   1 
ATOM   697  C CA  . THR A 1 113 ? 11.780  7.280   3.397   1.00   10.43 ? 130 THR A CA  1 
ATOM   698  C C   . THR A 1 113 ? 10.732  7.415   4.504   1.00   10.44 ? 130 THR A C   1 
ATOM   699  O O   . THR A 1 113 ? 11.061  7.671   5.660   1.00   9.97  ? 130 THR A O   1 
ATOM   700  C CB  . THR A 1 113 ? 11.937  8.658   2.721   1.00   10.99 ? 130 THR A CB  1 
ATOM   701  O OG1 . THR A 1 113 ? 10.640  9.218   2.450   1.00   11.84 ? 130 THR A OG1 1 
ATOM   702  C CG2 . THR A 1 113 ? 12.749  8.549   1.441   1.00   10.84 ? 130 THR A CG2 1 
ATOM   703  N N   . SER A 1 114 ? 9.470   7.236   4.128   1.00   10.38 ? 131 SER A N   1 
ATOM   704  C CA  . SER A 1 114 ? 8.360   7.333   5.056   1.00   10.64 ? 131 SER A CA  1 
ATOM   705  C C   . SER A 1 114 ? 7.210   6.482   4.559   1.00   10.45 ? 131 SER A C   1 
ATOM   706  O O   . SER A 1 114 ? 6.955   6.402   3.352   1.00   10.06 ? 131 SER A O   1 
ATOM   707  C CB  . SER A 1 114 ? 7.896   8.790   5.172   1.00   11.17 ? 131 SER A CB  1 
ATOM   708  O OG  . SER A 1 114 ? 6.840   8.913   6.107   1.00   12.05 ? 131 SER A OG  1 
ATOM   709  N N   . LEU A 1 115 ? 6.525   5.842   5.500   1.00   10.39 ? 132 LEU A N   1 
ATOM   710  C CA  . LEU A 1 115 ? 5.283   5.147   5.188   1.00   10.30 ? 132 LEU A CA  1 
ATOM   711  C C   . LEU A 1 115 ? 4.301   5.510   6.283   1.00   10.24 ? 132 LEU A C   1 
ATOM   712  O O   . LEU A 1 115 ? 4.644   5.467   7.462   1.00   10.58 ? 132 LEU A O   1 
ATOM   713  C CB  . LEU A 1 115 ? 5.488   3.624   5.095   1.00   10.30 ? 132 LEU A CB  1 
ATOM   714  C CG  . LEU A 1 115 ? 4.251   2.779   4.731   1.00   10.15 ? 132 LEU A CG  1 
ATOM   715  C CD1 . LEU A 1 115 ? 4.628   1.531   3.941   1.00   10.14 ? 132 LEU A CD1 1 
ATOM   716  C CD2 . LEU A 1 115 ? 3.474   2.380   5.985   1.00   10.21 ? 132 LEU A CD2 1 
ATOM   717  N N   . ASP A 1 116 ? 3.089   5.892   5.888   1.00   10.27 ? 133 ASP A N   1 
ATOM   718  C CA  . ASP A 1 116 ? 2.034   6.159   6.855   1.00   10.16 ? 133 ASP A CA  1 
ATOM   719  C C   . ASP A 1 116 ? 0.827   5.267   6.573   1.00   10.01 ? 133 ASP A C   1 
ATOM   720  O O   . ASP A 1 116 ? 0.461   5.020   5.411   1.00   10.04 ? 133 ASP A O   1 
ATOM   721  C CB  . ASP A 1 116 ? 1.641   7.643   6.879   1.00   10.65 ? 133 ASP A CB  1 
ATOM   722  C CG  . ASP A 1 116 ? 1.279   8.180   5.507   1.00   11.20 ? 133 ASP A CG  1 
ATOM   723  O OD1 . ASP A 1 116 ? 0.074   8.219   5.186   1.00   11.68 ? 133 ASP A OD1 1 
ATOM   724  O OD2 . ASP A 1 116 ? 2.196   8.574   4.754   1.00   11.62 ? 133 ASP A OD2 1 
ATOM   725  N N   . VAL A 1 117 ? 0.236   4.763   7.648   1.00   9.57  ? 134 VAL A N   1 
ATOM   726  C CA  . VAL A 1 117 ? -0.948  3.917   7.545   1.00   9.51  ? 134 VAL A CA  1 
ATOM   727  C C   . VAL A 1 117 ? -2.093  4.570   8.319   1.00   9.89  ? 134 VAL A C   1 
ATOM   728  O O   . VAL A 1 117 ? -1.892  5.093   9.425   1.00   9.76  ? 134 VAL A O   1 
ATOM   729  C CB  . VAL A 1 117 ? -0.687  2.445   7.991   1.00   9.31  ? 134 VAL A CB  1 
ATOM   730  C CG1 . VAL A 1 117 ? -0.247  2.345   9.456   1.00   9.25  ? 134 VAL A CG1 1 
ATOM   731  C CG2 . VAL A 1 117 ? -1.922  1.577   7.738   1.00   9.24  ? 134 VAL A CG2 1 
ATOM   732  N N   . ARG A 1 118 ? -3.270  4.576   7.702   1.00   10.22 ? 135 ARG A N   1 
ATOM   733  C CA  . ARG A 1 118 ? -4.497  4.991   8.363   1.00   11.29 ? 135 ARG A CA  1 
ATOM   734  C C   . ARG A 1 118 ? -5.485  3.843   8.260   1.00   11.45 ? 135 ARG A C   1 
ATOM   735  O O   . ARG A 1 118 ? -5.741  3.339   7.162   1.00   11.39 ? 135 ARG A O   1 
ATOM   736  C CB  . ARG A 1 118 ? -5.063  6.264   7.738   1.00   12.13 ? 135 ARG A CB  1 
ATOM   737  C CG  . ARG A 1 118 ? -4.321  7.518   8.158   1.00   13.62 ? 135 ARG A CG  1 
ATOM   738  C CD  . ARG A 1 118 ? -4.647  8.696   7.255   1.00   15.25 ? 135 ARG A CD  1 
ATOM   739  N NE  . ARG A 1 118 ? -3.978  9.923   7.712   1.00   17.61 ? 135 ARG A NE  1 
ATOM   740  C CZ  . ARG A 1 118 ? -2.681  10.204  7.549   1.00   18.77 ? 135 ARG A CZ  1 
ATOM   741  N NH1 . ARG A 1 118 ? -1.864  9.350   6.938   1.00   18.87 ? 135 ARG A NH1 1 
ATOM   742  N NH2 . ARG A 1 118 ? -2.191  11.349  8.011   1.00   19.39 ? 135 ARG A NH2 1 
ATOM   743  N N   . VAL A 1 119 ? -5.979  3.409   9.420   1.00   11.14 ? 136 VAL A N   1 
ATOM   744  C CA  . VAL A 1 119 ? -6.980  2.353   9.515   1.00   11.56 ? 136 VAL A CA  1 
ATOM   745  C C   . VAL A 1 119 ? -8.301  2.971   9.973   1.00   11.82 ? 136 VAL A C   1 
ATOM   746  O O   . VAL A 1 119 ? -8.363  3.607   11.029  1.00   11.99 ? 136 VAL A O   1 
ATOM   747  C CB  . VAL A 1 119 ? -6.555  1.249   10.506  1.00   11.56 ? 136 VAL A CB  1 
ATOM   748  C CG1 . VAL A 1 119 ? -7.691  0.252   10.738  1.00   11.51 ? 136 VAL A CG1 1 
ATOM   749  C CG2 . VAL A 1 119 ? -5.292  0.538   10.029  1.00   11.45 ? 136 VAL A CG2 1 
ATOM   750  N N   . TYR A 1 120 ? -9.341  2.769   9.167   1.00   11.96 ? 137 TYR A N   1 
ATOM   751  C CA  . TYR A 1 120 ? -10.678 3.307   9.427   1.00   12.70 ? 137 TYR A CA  1 
ATOM   752  C C   . TYR A 1 120 ? -11.513 2.131   9.922   1.00   13.07 ? 137 TYR A C   1 
ATOM   753  O O   . TYR A 1 120 ? -11.798 1.205   9.162   1.00   12.90 ? 137 TYR A O   1 
ATOM   754  C CB  . TYR A 1 120 ? -11.263 3.903   8.141   1.00   12.48 ? 137 TYR A CB  1 
ATOM   755  C CG  . TYR A 1 120 ? -10.432 5.016   7.534   1.00   12.53 ? 137 TYR A CG  1 
ATOM   756  C CD1 . TYR A 1 120 ? -10.834 6.344   7.645   1.00   12.55 ? 137 TYR A CD1 1 
ATOM   757  C CD2 . TYR A 1 120 ? -9.239  4.742   6.855   1.00   12.51 ? 137 TYR A CD2 1 
ATOM   758  C CE1 . TYR A 1 120 ? -10.073 7.369   7.099   1.00   13.00 ? 137 TYR A CE1 1 
ATOM   759  C CE2 . TYR A 1 120 ? -8.469  5.762   6.309   1.00   12.79 ? 137 TYR A CE2 1 
ATOM   760  C CZ  . TYR A 1 120 ? -8.889  7.068   6.429   1.00   13.21 ? 137 TYR A CZ  1 
ATOM   761  O OH  . TYR A 1 120 ? -8.135  8.087   5.890   1.00   14.04 ? 137 TYR A OH  1 
ATOM   762  N N   . LYS A 1 121 ? -11.858 2.153   11.209  1.00   14.49 ? 138 LYS A N   1 
ATOM   763  C CA  . LYS A 1 121 ? -12.424 0.990   11.889  1.00   16.14 ? 138 LYS A CA  1 
ATOM   764  C C   . LYS A 1 121 ? -13.191 1.462   13.124  1.00   17.00 ? 138 LYS A C   1 
ATOM   765  O O   . LYS A 1 121 ? -12.699 2.302   13.881  1.00   16.09 ? 138 LYS A O   1 
ATOM   766  C CB  . LYS A 1 121 ? -11.284 0.038   12.307  1.00   17.20 ? 138 LYS A CB  1 
ATOM   767  C CG  . LYS A 1 121 ? -11.654 -1.416  12.569  1.00   18.94 ? 138 LYS A CG  1 
ATOM   768  C CD  . LYS A 1 121 ? -10.376 -2.246  12.674  1.00   19.58 ? 138 LYS A CD  1 
ATOM   769  C CE  . LYS A 1 121 ? -10.634 -3.749  12.694  1.00   20.73 ? 138 LYS A CE  1 
ATOM   770  N NZ  . LYS A 1 121 ? -10.950 -4.320  11.363  1.00   21.64 ? 138 LYS A NZ  1 
ATOM   771  N N   . ASP A 1 122 ? -14.403 0.938   13.302  1.00   18.23 ? 139 ASP A N   1 
ATOM   772  C CA  . ASP A 1 122 ? -15.218 1.205   14.501  1.00   19.40 ? 139 ASP A CA  1 
ATOM   773  C C   . ASP A 1 122 ? -15.403 2.689   14.816  1.00   18.63 ? 139 ASP A C   1 
ATOM   774  O O   . ASP A 1 122 ? -15.398 3.100   15.987  1.00   18.68 ? 139 ASP A O   1 
ATOM   775  C CB  . ASP A 1 122 ? -14.649 0.447   15.711  1.00   21.47 ? 139 ASP A CB  1 
ATOM   776  C CG  . ASP A 1 122 ? -14.541 -1.047  15.466  1.00   23.90 ? 139 ASP A CG  1 
ATOM   777  O OD1 . ASP A 1 122 ? -15.495 -1.640  14.908  1.00   25.92 ? 139 ASP A OD1 1 
ATOM   778  O OD2 . ASP A 1 122 ? -13.501 -1.635  15.831  1.00   25.63 ? 139 ASP A OD2 1 
ATOM   779  N N   . GLY A 1 123 ? -15.564 3.489   13.764  1.00   17.44 ? 140 GLY A N   1 
ATOM   780  C CA  . GLY A 1 123 ? -15.801 4.924   13.899  1.00   16.82 ? 140 GLY A CA  1 
ATOM   781  C C   . GLY A 1 123 ? -14.569 5.753   14.209  1.00   16.24 ? 140 GLY A C   1 
ATOM   782  O O   . GLY A 1 123 ? -14.685 6.941   14.500  1.00   16.02 ? 140 GLY A O   1 
ATOM   783  N N   . LYS A 1 124 ? -13.390 5.133   14.131  1.00   16.26 ? 141 LYS A N   1 
ATOM   784  C CA  . LYS A 1 124 ? -12.129 5.794   14.484  1.00   16.57 ? 141 LYS A CA  1 
ATOM   785  C C   . LYS A 1 124 ? -11.110 5.687   13.344  1.00   15.33 ? 141 LYS A C   1 
ATOM   786  O O   . LYS A 1 124 ? -11.137 4.731   12.587  1.00   14.59 ? 141 LYS A O   1 
ATOM   787  C CB  . LYS A 1 124 ? -11.522 5.148   15.730  1.00   18.32 ? 141 LYS A CB  1 
ATOM   788  C CG  . LYS A 1 124 ? -12.350 5.271   17.001  1.00   20.96 ? 141 LYS A CG  1 
ATOM   789  C CD  . LYS A 1 124 ? -11.633 4.565   18.142  1.00   22.66 ? 141 LYS A CD  1 
ATOM   790  C CE  . LYS A 1 124 ? -12.592 3.864   19.089  1.00   25.23 ? 141 LYS A CE  1 
ATOM   791  N NZ  . LYS A 1 124 ? -13.429 4.830   19.853  1.00   26.93 ? 141 LYS A NZ  1 
ATOM   792  N N   . VAL A 1 125 ? -10.210 6.665   13.254  1.00   14.37 ? 142 VAL A N   1 
ATOM   793  C CA  . VAL A 1 125 ? -9.067  6.591   12.338  1.00   13.99 ? 142 VAL A CA  1 
ATOM   794  C C   . VAL A 1 125 ? -7.800  6.397   13.165  1.00   13.93 ? 142 VAL A C   1 
ATOM   795  O O   . VAL A 1 125 ? -7.401  7.289   13.924  1.00   13.77 ? 142 VAL A O   1 
ATOM   796  C CB  . VAL A 1 125 ? -8.928  7.856   11.462  1.00   14.27 ? 142 VAL A CB  1 
ATOM   797  C CG1 . VAL A 1 125 ? -7.792  7.689   10.448  1.00   13.82 ? 142 VAL A CG1 1 
ATOM   798  C CG2 . VAL A 1 125 ? -10.237 8.167   10.748  1.00   14.58 ? 142 VAL A CG2 1 
ATOM   799  N N   . TYR A 1 126 ? -7.200  5.219   13.027  1.00   13.84 ? 143 TYR A N   1 
ATOM   800  C CA  . TYR A 1 126 ? -5.967  4.858   13.717  1.00   13.81 ? 143 TYR A CA  1 
ATOM   801  C C   . TYR A 1 126 ? -4.794  5.156   12.793  1.00   13.40 ? 143 TYR A C   1 
ATOM   802  O O   . TYR A 1 126 ? -4.819  4.782   11.618  1.00   13.10 ? 143 TYR A O   1 
ATOM   803  C CB  . TYR A 1 126 ? -5.968  3.372   14.069  1.00   14.67 ? 143 TYR A CB  1 
ATOM   804  C CG  . TYR A 1 126 ? -7.076  2.928   15.000  1.00   15.68 ? 143 TYR A CG  1 
ATOM   805  C CD1 . TYR A 1 126 ? -6.853  2.816   16.372  1.00   16.62 ? 143 TYR A CD1 1 
ATOM   806  C CD2 . TYR A 1 126 ? -8.339  2.598   14.504  1.00   16.53 ? 143 TYR A CD2 1 
ATOM   807  C CE1 . TYR A 1 126 ? -7.866  2.397   17.228  1.00   17.25 ? 143 TYR A CE1 1 
ATOM   808  C CE2 . TYR A 1 126 ? -9.354  2.184   15.350  1.00   16.99 ? 143 TYR A CE2 1 
ATOM   809  C CZ  . TYR A 1 126 ? -9.111  2.089   16.708  1.00   17.41 ? 143 TYR A CZ  1 
ATOM   810  O OH  . TYR A 1 126 ? -10.116 1.663   17.541  1.00   18.18 ? 143 TYR A OH  1 
ATOM   811  N N   . TYR A 1 127 ? -3.772  5.829   13.315  1.00   12.58 ? 144 TYR A N   1 
ATOM   812  C CA  . TYR A 1 127 ? -2.679  6.298   12.478  1.00   12.08 ? 144 TYR A CA  1 
ATOM   813  C C   . TYR A 1 127 ? -1.323  5.925   13.052  1.00   11.70 ? 144 TYR A C   1 
ATOM   814  O O   . TYR A 1 127 ? -1.090  6.059   14.257  1.00   11.65 ? 144 TYR A O   1 
ATOM   815  C CB  . TYR A 1 127 ? -2.781  7.818   12.290  1.00   12.31 ? 144 TYR A CB  1 
ATOM   816  C CG  . TYR A 1 127 ? -1.480  8.534   11.966  1.00   12.62 ? 144 TYR A CG  1 
ATOM   817  C CD1 . TYR A 1 127 ? -0.739  9.154   12.973  1.00   12.55 ? 144 TYR A CD1 1 
ATOM   818  C CD2 . TYR A 1 127 ? -1.001  8.603   10.658  1.00   12.84 ? 144 TYR A CD2 1 
ATOM   819  C CE1 . TYR A 1 127 ? 0.448   9.813   12.691  1.00   13.08 ? 144 TYR A CE1 1 
ATOM   820  C CE2 . TYR A 1 127 ? 0.191   9.259   10.363  1.00   13.07 ? 144 TYR A CE2 1 
ATOM   821  C CZ  . TYR A 1 127 ? 0.905   9.868   11.379  1.00   12.98 ? 144 TYR A CZ  1 
ATOM   822  O OH  . TYR A 1 127 ? 2.084   10.530  11.096  1.00   13.91 ? 144 TYR A OH  1 
ATOM   823  N N   . GLN A 1 128 ? -0.431  5.466   12.178  1.00   11.16 ? 145 GLN A N   1 
ATOM   824  C CA  . GLN A 1 128 ? 0.976   5.271   12.542  1.00   10.98 ? 145 GLN A CA  1 
ATOM   825  C C   . GLN A 1 128 ? 1.865   5.589   11.336  1.00   10.99 ? 145 GLN A C   1 
ATOM   826  O O   . GLN A 1 128 ? 1.456   5.441   10.179  1.00   10.53 ? 145 GLN A O   1 
ATOM   827  C CB  . GLN A 1 128 ? 1.225   3.846   13.068  1.00   11.03 ? 145 GLN A CB  1 
ATOM   828  C CG  . GLN A 1 128 ? 2.613   3.641   13.667  1.00   11.11 ? 145 GLN A CG  1 
ATOM   829  C CD  . GLN A 1 128 ? 2.759   2.334   14.421  1.00   11.33 ? 145 GLN A CD  1 
ATOM   830  O OE1 . GLN A 1 128 ? 2.464   1.253   13.898  1.00   11.54 ? 145 GLN A OE1 1 
ATOM   831  N NE2 . GLN A 1 128 ? 3.230   2.424   15.662  1.00   11.37 ? 145 GLN A NE2 1 
ATOM   832  N N   . GLU A 1 129 ? 3.082   6.037   11.623  1.00   11.02 ? 146 GLU A N   1 
ATOM   833  C CA  . GLU A 1 129 ? 4.025   6.387   10.583  1.00   11.18 ? 146 GLU A CA  1 
ATOM   834  C C   . GLU A 1 129 ? 5.397   5.856   10.953  1.00   10.83 ? 146 GLU A C   1 
ATOM   835  O O   . GLU A 1 129 ? 5.721   5.731   12.136  1.00   10.37 ? 146 GLU A O   1 
ATOM   836  C CB  . GLU A 1 129 ? 4.079   7.901   10.425  1.00   11.95 ? 146 GLU A CB  1 
ATOM   837  C CG  . GLU A 1 129 ? 4.755   8.383   9.157   1.00   13.23 ? 146 GLU A CG  1 
ATOM   838  C CD  . GLU A 1 129 ? 4.522   9.859   8.941   1.00   14.40 ? 146 GLU A CD  1 
ATOM   839  O OE1 . GLU A 1 129 ? 5.515   10.593  8.847   1.00   16.20 ? 146 GLU A OE1 1 
ATOM   840  O OE2 . GLU A 1 129 ? 3.345   10.282  8.904   1.00   14.98 ? 146 GLU A OE2 1 
ATOM   841  N N   . TYR A 1 130 ? 6.178   5.536   9.925   1.00   10.50 ? 147 TYR A N   1 
ATOM   842  C CA  . TYR A 1 130 ? 7.533   4.996   10.065  1.00   10.45 ? 147 TYR A CA  1 
ATOM   843  C C   . TYR A 1 130 ? 8.444   5.799   9.152   1.00   10.20 ? 147 TYR A C   1 
ATOM   844  O O   . TYR A 1 130 ? 7.984   6.344   8.143   1.00   9.95  ? 147 TYR A O   1 
ATOM   845  C CB  . TYR A 1 130 ? 7.562   3.504   9.671   1.00   10.79 ? 147 TYR A CB  1 
ATOM   846  C CG  . TYR A 1 130 ? 6.306   2.777   10.107  1.00   11.03 ? 147 TYR A CG  1 
ATOM   847  C CD1 . TYR A 1 130 ? 6.221   2.172   11.373  1.00   11.39 ? 147 TYR A CD1 1 
ATOM   848  C CD2 . TYR A 1 130 ? 5.176   2.742   9.279   1.00   11.27 ? 147 TYR A CD2 1 
ATOM   849  C CE1 . TYR A 1 130 ? 5.051   1.546   11.786  1.00   11.59 ? 147 TYR A CE1 1 
ATOM   850  C CE2 . TYR A 1 130 ? 3.997   2.121   9.690   1.00   11.57 ? 147 TYR A CE2 1 
ATOM   851  C CZ  . TYR A 1 130 ? 3.944   1.523   10.945  1.00   11.71 ? 147 TYR A CZ  1 
ATOM   852  O OH  . TYR A 1 130 ? 2.776   0.907   11.361  1.00   12.11 ? 147 TYR A OH  1 
ATOM   853  N N   . ARG A 1 131 ? 9.724   5.883   9.512   1.00   10.07 ? 148 ARG A N   1 
ATOM   854  C CA  . ARG A 1 131 ? 10.714  6.614   8.723   1.00   9.89  ? 148 ARG A CA  1 
ATOM   855  C C   . ARG A 1 131 ? 11.907  5.713   8.478   1.00   9.67  ? 148 ARG A C   1 
ATOM   856  O O   . ARG A 1 131 ? 12.563  5.269   9.426   1.00   9.57  ? 148 ARG A O   1 
ATOM   857  C CB  . ARG A 1 131 ? 11.146  7.906   9.431   1.00   10.05 ? 148 ARG A CB  1 
ATOM   858  C CG  . ARG A 1 131 ? 10.029  8.925   9.595   1.00   10.21 ? 148 ARG A CG  1 
ATOM   859  C CD  . ARG A 1 131 ? 9.482   9.353   8.231   1.00   10.47 ? 148 ARG A CD  1 
ATOM   860  N NE  . ARG A 1 131 ? 8.405   10.333  8.363   1.00   10.80 ? 148 ARG A NE  1 
ATOM   861  C CZ  . ARG A 1 131 ? 8.589   11.649  8.418   1.00   11.04 ? 148 ARG A CZ  1 
ATOM   862  N NH1 . ARG A 1 131 ? 7.538   12.453  8.526   1.00   11.39 ? 148 ARG A NH1 1 
ATOM   863  N NH2 . ARG A 1 131 ? 9.814   12.165  8.353   1.00   10.78 ? 148 ARG A NH2 1 
ATOM   864  N N   . ARG A 1 132 ? 12.178  5.439   7.200   1.00   9.54  ? 149 ARG A N   1 
ATOM   865  C CA  . ARG A 1 132 ? 13.155  4.418   6.806   1.00   9.59  ? 149 ARG A CA  1 
ATOM   866  C C   . ARG A 1 132 ? 12.982  3.147   7.654   1.00   9.68  ? 149 ARG A C   1 
ATOM   867  O O   . ARG A 1 132 ? 13.952  2.536   8.098   1.00   9.92  ? 149 ARG A O   1 
ATOM   868  C CB  . ARG A 1 132 ? 14.594  4.969   6.816   1.00   9.52  ? 149 ARG A CB  1 
ATOM   869  C CG  . ARG A 1 132 ? 14.813  5.945   5.662   1.00   9.58  ? 149 ARG A CG  1 
ATOM   870  C CD  . ARG A 1 132 ? 16.213  6.557   5.547   1.00   9.64  ? 149 ARG A CD  1 
ATOM   871  N NE  . ARG A 1 132 ? 16.324  7.154   4.216   1.00   9.73  ? 149 ARG A NE  1 
ATOM   872  C CZ  . ARG A 1 132 ? 16.550  8.439   3.935   1.00   9.71  ? 149 ARG A CZ  1 
ATOM   873  N NH1 . ARG A 1 132 ? 16.787  9.331   4.896   1.00   9.72  ? 149 ARG A NH1 1 
ATOM   874  N NH2 . ARG A 1 132 ? 16.583  8.823   2.659   1.00   9.63  ? 149 ARG A NH2 1 
ATOM   875  N N   . GLY A 1 133 ? 11.716  2.784   7.863   1.00   9.67  ? 150 GLY A N   1 
ATOM   876  C CA  . GLY A 1 133 ? 11.330  1.550   8.538   1.00   9.87  ? 150 GLY A CA  1 
ATOM   877  C C   . GLY A 1 133 ? 11.112  1.673   10.039  1.00   10.23 ? 150 GLY A C   1 
ATOM   878  O O   . GLY A 1 133 ? 10.474  0.811   10.634  1.00   10.27 ? 150 GLY A O   1 
ATOM   879  N N   . ALA A 1 134 ? 11.645  2.733   10.653  1.00   10.43 ? 151 ALA A N   1 
ATOM   880  C CA  . ALA A 1 134 ? 11.566  2.889   12.110  1.00   10.65 ? 151 ALA A CA  1 
ATOM   881  C C   . ALA A 1 134 ? 10.284  3.600   12.559  1.00   10.70 ? 151 ALA A C   1 
ATOM   882  O O   . ALA A 1 134 ? 9.895   4.626   11.995  1.00   10.67 ? 151 ALA A O   1 
ATOM   883  C CB  . ALA A 1 134 ? 12.782  3.631   12.635  1.00   10.55 ? 151 ALA A CB  1 
ATOM   884  N N   . VAL A 1 135 ? 9.655   3.056   13.600  1.00   10.99 ? 152 VAL A N   1 
ATOM   885  C CA  . VAL A 1 135 ? 8.424   3.640   14.154  1.00   11.27 ? 152 VAL A CA  1 
ATOM   886  C C   . VAL A 1 135 ? 8.625   5.086   14.636  1.00   11.52 ? 152 VAL A C   1 
ATOM   887  O O   . VAL A 1 135 ? 9.581   5.376   15.356  1.00   11.35 ? 152 VAL A O   1 
ATOM   888  C CB  . VAL A 1 135 ? 7.876   2.782   15.322  1.00   11.45 ? 152 VAL A CB  1 
ATOM   889  C CG1 . VAL A 1 135 ? 6.649   3.435   15.949  1.00   11.96 ? 152 VAL A CG1 1 
ATOM   890  C CG2 . VAL A 1 135 ? 7.530   1.385   14.828  1.00   11.63 ? 152 VAL A CG2 1 
ATOM   891  N N   . VAL A 1 136 ? 7.712   5.983   14.250  1.00   11.83 ? 153 VAL A N   1 
ATOM   892  C CA  . VAL A 1 136 ? 7.721   7.356   14.781  1.00   12.36 ? 153 VAL A CA  1 
ATOM   893  C C   . VAL A 1 136 ? 7.062   7.407   16.158  1.00   13.10 ? 153 VAL A C   1 
ATOM   894  O O   . VAL A 1 136 ? 7.668   7.863   17.127  1.00   13.24 ? 153 VAL A O   1 
ATOM   895  C CB  . VAL A 1 136 ? 7.071   8.374   13.813  1.00   12.28 ? 153 VAL A CB  1 
ATOM   896  C CG1 . VAL A 1 136 ? 6.959   9.752   14.462  1.00   12.18 ? 153 VAL A CG1 1 
ATOM   897  C CG2 . VAL A 1 136 ? 7.885   8.460   12.529  1.00   11.88 ? 153 VAL A CG2 1 
ATOM   898  N N   . ASP A 1 137 ? 5.822   6.948   16.254  1.00   13.71 ? 154 ASP A N   1 
ATOM   899  C CA  . ASP A 1 137 ? 5.130   6.961   17.536  1.00   14.87 ? 154 ASP A CA  1 
ATOM   900  C C   . ASP A 1 137 ? 4.151   5.803   17.600  1.00   14.75 ? 154 ASP A C   1 
ATOM   901  O O   . ASP A 1 137 ? 3.831   5.201   16.576  1.00   13.91 ? 154 ASP A O   1 
ATOM   902  C CB  . ASP A 1 137 ? 4.406   8.305   17.750  1.00   16.38 ? 154 ASP A CB  1 
ATOM   903  C CG  . ASP A 1 137 ? 4.294   8.695   19.230  1.00   18.55 ? 154 ASP A CG  1 
ATOM   904  O OD1 . ASP A 1 137 ? 4.012   9.878   19.504  1.00   20.44 ? 154 ASP A OD1 1 
ATOM   905  O OD2 . ASP A 1 137 ? 4.471   7.832   20.120  1.00   19.75 ? 154 ASP A OD2 1 
ATOM   906  N N   . ASP A 1 138 ? 3.680   5.499   18.809  1.00   15.20 ? 155 ASP A N   1 
ATOM   907  C CA  . ASP A 1 138 ? 2.670   4.463   19.010  1.00   15.39 ? 155 ASP A CA  1 
ATOM   908  C C   . ASP A 1 138 ? 1.431   4.804   18.195  1.00   14.70 ? 155 ASP A C   1 
ATOM   909  O O   . ASP A 1 138 ? 1.133   5.982   17.982  1.00   14.00 ? 155 ASP A O   1 
ATOM   910  C CB  . ASP A 1 138 ? 2.274   4.363   20.490  1.00   16.83 ? 155 ASP A CB  1 
ATOM   911  C CG  . ASP A 1 138 ? 3.364   3.750   21.372  1.00   18.24 ? 155 ASP A CG  1 
ATOM   912  O OD1 . ASP A 1 138 ? 4.305   3.107   20.865  1.00   18.58 ? 155 ASP A OD1 1 
ATOM   913  O OD2 . ASP A 1 138 ? 3.255   3.899   22.607  1.00   20.24 ? 155 ASP A OD2 1 
ATOM   914  N N   . LEU A 1 139 ? 0.716   3.768   17.750  1.00   14.52 ? 156 LEU A N   1 
ATOM   915  C CA  . LEU A 1 139 ? -0.566  3.922   17.066  1.00   14.75 ? 156 LEU A CA  1 
ATOM   916  C C   . LEU A 1 139 ? -1.474  4.876   17.835  1.00   15.33 ? 156 LEU A C   1 
ATOM   917  O O   . LEU A 1 139 ? -1.582  4.784   19.067  1.00   15.92 ? 156 LEU A O   1 
ATOM   918  C CB  . LEU A 1 139 ? -1.244  2.553   16.916  1.00   14.07 ? 156 LEU A CB  1 
ATOM   919  C CG  . LEU A 1 139 ? -2.491  2.429   16.034  1.00   14.07 ? 156 LEU A CG  1 
ATOM   920  C CD1 . LEU A 1 139 ? -2.117  2.540   14.559  1.00   13.64 ? 156 LEU A CD1 1 
ATOM   921  C CD2 . LEU A 1 139 ? -3.180  1.096   16.310  1.00   13.89 ? 156 LEU A CD2 1 
ATOM   922  N N   . LYS A 1 140 ? -2.118  5.791   17.122  1.00   16.02 ? 157 LYS A N   1 
ATOM   923  C CA  . LYS A 1 140 ? -2.939  6.816   17.761  1.00   17.19 ? 157 LYS A CA  1 
ATOM   924  C C   . LYS A 1 140 ? -4.243  7.045   17.005  1.00   16.92 ? 157 LYS A C   1 
ATOM   925  O O   . LYS A 1 140 ? -4.255  7.087   15.778  1.00   16.45 ? 157 LYS A O   1 
ATOM   926  C CB  . LYS A 1 140 ? -2.165  8.137   17.857  1.00   18.78 ? 157 LYS A CB  1 
ATOM   927  C CG  . LYS A 1 140 ? -2.905  9.238   18.604  1.00   20.71 ? 157 LYS A CG  1 
ATOM   928  C CD  . LYS A 1 140 ? -2.255  10.593  18.393  1.00   22.32 ? 157 LYS A CD  1 
ATOM   929  C CE  . LYS A 1 140 ? -3.226  11.715  18.738  1.00   23.57 ? 157 LYS A CE  1 
ATOM   930  N NZ  . LYS A 1 140 ? -2.557  13.046  18.725  1.00   26.08 ? 157 LYS A NZ  1 
ATOM   931  N N   . VAL A 1 141 ? -5.336  7.198   17.745  1.00   16.91 ? 158 VAL A N   1 
ATOM   932  C CA  . VAL A 1 141 ? -6.589  7.647   17.140  1.00   16.91 ? 158 VAL A CA  1 
ATOM   933  C C   . VAL A 1 141 ? -6.475  9.144   16.861  1.00   17.16 ? 158 VAL A C   1 
ATOM   934  O O   . VAL A 1 141 ? -6.250  9.936   17.788  1.00   17.26 ? 158 VAL A O   1 
ATOM   935  C CB  . VAL A 1 141 ? -7.805  7.350   18.050  1.00   17.00 ? 158 VAL A CB  1 
ATOM   936  C CG1 . VAL A 1 141 ? -9.078  7.951   17.462  1.00   17.20 ? 158 VAL A CG1 1 
ATOM   937  C CG2 . VAL A 1 141 ? -7.963  5.854   18.241  1.00   17.27 ? 158 VAL A CG2 1 
ATOM   938  N N   . ILE A 1 142 ? -6.624  9.526   15.590  1.00   16.98 ? 159 ILE A N   1 
ATOM   939  C CA  . ILE A 1 142 ? -6.426  10.918  15.167  1.00   17.14 ? 159 ILE A CA  1 
ATOM   940  C C   . ILE A 1 142 ? -7.708  11.641  14.738  1.00   18.40 ? 159 ILE A C   1 
ATOM   941  O O   . ILE A 1 142 ? -7.747  12.876  14.702  1.00   19.10 ? 159 ILE A O   1 
ATOM   942  C CB  . ILE A 1 142 ? -5.365  11.041  14.040  1.00   16.65 ? 159 ILE A CB  1 
ATOM   943  C CG1 . ILE A 1 142 ? -5.765  10.204  12.813  1.00   16.04 ? 159 ILE A CG1 1 
ATOM   944  C CG2 . ILE A 1 142 ? -3.982  10.651  14.562  1.00   16.33 ? 159 ILE A CG2 1 
ATOM   945  C CD1 . ILE A 1 142 ? -5.086  10.623  11.520  1.00   16.09 ? 159 ILE A CD1 1 
ATOM   946  N N   . GLU A 1 143 ? -8.741  10.868  14.404  1.00   19.15 ? 160 GLU A N   1 
ATOM   947  C CA  . GLU A 1 143 ? -9.989  11.391  13.833  1.00   20.21 ? 160 GLU A CA  1 
ATOM   948  C C   . GLU A 1 143 ? -11.120 10.411  14.108  1.00   19.37 ? 160 GLU A C   1 
ATOM   949  O O   . GLU A 1 143 ? -10.877 9.243   14.409  1.00   18.16 ? 160 GLU A O   1 
ATOM   950  C CB  . GLU A 1 143 ? -9.871  11.524  12.300  1.00   22.13 ? 160 GLU A CB  1 
ATOM   951  C CG  . GLU A 1 143 ? -8.924  12.589  11.762  1.00   25.23 ? 160 GLU A CG  1 
ATOM   952  C CD  . GLU A 1 143 ? -8.573  12.384  10.292  1.00   27.32 ? 160 GLU A CD  1 
ATOM   953  O OE1 . GLU A 1 143 ? -7.681  13.108  9.794   1.00   29.13 ? 160 GLU A OE1 1 
ATOM   954  O OE2 . GLU A 1 143 ? -9.181  11.510  9.627   1.00   28.71 ? 160 GLU A OE2 1 
ATOM   955  N N   . GLU A 1 144 ? -12.357 10.887  13.982  1.00   19.55 ? 161 GLU A N   1 
ATOM   956  C CA  . GLU A 1 144 ? -13.506 9.992   13.874  1.00   19.92 ? 161 GLU A CA  1 
ATOM   957  C C   . GLU A 1 144 ? -13.855 9.795   12.406  1.00   18.69 ? 161 GLU A C   1 
ATOM   958  O O   . GLU A 1 144 ? -13.511 10.622  11.565  1.00   19.14 ? 161 GLU A O   1 
ATOM   959  C CB  . GLU A 1 144 ? -14.707 10.536  14.651  1.00   21.97 ? 161 GLU A CB  1 
ATOM   960  C CG  . GLU A 1 144 ? -14.524 10.440  16.158  1.00   24.53 ? 161 GLU A CG  1 
ATOM   961  C CD  . GLU A 1 144 ? -15.724 10.948  16.923  1.00   26.98 ? 161 GLU A CD  1 
ATOM   962  O OE1 . GLU A 1 144 ? -16.279 10.171  17.726  1.00   28.89 ? 161 GLU A OE1 1 
ATOM   963  O OE2 . GLU A 1 144 ? -16.111 12.119  16.716  1.00   29.02 ? 161 GLU A OE2 1 
ATOM   964  N N   . THR A 1 145 ? -14.519 8.689   12.098  1.00   17.48 ? 162 THR A N   1 
ATOM   965  C CA  . THR A 1 145 ? -14.869 8.377   10.715  1.00   16.89 ? 162 THR A CA  1 
ATOM   966  C C   . THR A 1 145 ? -16.134 7.540   10.659  1.00   16.36 ? 162 THR A C   1 
ATOM   967  O O   . THR A 1 145 ? -16.472 6.867   11.633  1.00   16.58 ? 162 THR A O   1 
ATOM   968  C CB  . THR A 1 145 ? -13.727 7.622   9.994   1.00   16.41 ? 162 THR A CB  1 
ATOM   969  O OG1 . THR A 1 145 ? -14.028 7.509   8.602   1.00   16.39 ? 162 THR A OG1 1 
ATOM   970  C CG2 . THR A 1 145 ? -13.509 6.215   10.583  1.00   16.14 ? 162 THR A CG2 1 
ATOM   971  N N   . ASP A 1 146 ? -16.811 7.577   9.513   1.00   15.88 ? 163 ASP A N   1 
ATOM   972  C CA  . ASP A 1 146 ? -17.922 6.671   9.247   1.00   15.66 ? 163 ASP A CA  1 
ATOM   973  C C   . ASP A 1 146 ? -17.575 5.635   8.184   1.00   15.66 ? 163 ASP A C   1 
ATOM   974  O O   . ASP A 1 146 ? -18.407 4.812   7.817   1.00   15.74 ? 163 ASP A O   1 
ATOM   975  C CB  . ASP A 1 146 ? -19.161 7.457   8.814   1.00   15.66 ? 163 ASP A CB  1 
ATOM   976  C CG  . ASP A 1 146 ? -19.719 8.311   9.928   1.00   15.58 ? 163 ASP A CG  1 
ATOM   977  O OD1 . ASP A 1 146 ? -19.895 9.524   9.718   1.00   15.87 ? 163 ASP A OD1 1 
ATOM   978  O OD2 . ASP A 1 146 ? -19.964 7.761   11.011  1.00   15.43 ? 163 ASP A OD2 1 
ATOM   979  N N   . ARG A 1 147 ? -16.350 5.672   7.674   1.00   15.91 ? 164 ARG A N   1 
ATOM   980  C CA  . ARG A 1 147 ? -15.974 4.661   6.689   1.00   15.52 ? 164 ARG A CA  1 
ATOM   981  C C   . ARG A 1 147 ? -15.103 3.558   7.296   1.00   14.56 ? 164 ARG A C   1 
ATOM   982  O O   . ARG A 1 147 ? -14.732 3.620   8.474   1.00   13.80 ? 164 ARG A O   1 
ATOM   983  C CB  . ARG A 1 147 ? -15.346 5.294   5.443   1.00   16.93 ? 164 ARG A CB  1 
ATOM   984  C CG  . ARG A 1 147 ? -13.997 5.960   5.665   1.00   17.60 ? 164 ARG A CG  1 
ATOM   985  C CD  . ARG A 1 147 ? -13.379 6.466   4.359   1.00   19.23 ? 164 ARG A CD  1 
ATOM   986  N NE  . ARG A 1 147 ? -13.179 5.424   3.340   1.00   19.86 ? 164 ARG A NE  1 
ATOM   987  C CZ  . ARG A 1 147 ? -12.154 4.569   3.318   1.00   20.22 ? 164 ARG A CZ  1 
ATOM   988  N NH1 . ARG A 1 147 ? -12.051 3.662   2.349   1.00   20.54 ? 164 ARG A NH1 1 
ATOM   989  N NH2 . ARG A 1 147 ? -11.237 4.607   4.272   1.00   20.11 ? 164 ARG A NH2 1 
ATOM   990  N N   . HIS A 1 148 ? -14.819 2.539   6.491   1.00   13.77 ? 165 HIS A N   1 
ATOM   991  C CA  . HIS A 1 148 ? -13.948 1.445   6.904   1.00   13.42 ? 165 HIS A CA  1 
ATOM   992  C C   . HIS A 1 148 ? -12.976 1.113   5.810   1.00   12.86 ? 165 HIS A C   1 
ATOM   993  O O   . HIS A 1 148 ? -13.283 1.248   4.623   1.00   12.35 ? 165 HIS A O   1 
ATOM   994  C CB  . HIS A 1 148 ? -14.758 0.212   7.300   1.00   14.23 ? 165 HIS A CB  1 
ATOM   995  C CG  . HIS A 1 148 ? -15.767 -0.208  6.262   1.00   15.23 ? 165 HIS A CG  1 
ATOM   996  N ND1 . HIS A 1 148 ? -15.429 -0.929  5.172   1.00   15.09 ? 165 HIS A ND1 1 
ATOM   997  C CD2 . HIS A 1 148 ? -17.145 0.013   6.178   1.00   15.58 ? 165 HIS A CD2 1 
ATOM   998  C CE1 . HIS A 1 148 ? -16.531 -1.151  4.426   1.00   15.67 ? 165 HIS A CE1 1 
ATOM   999  N NE2 . HIS A 1 148 ? -17.580 -0.575  5.044   1.00   16.13 ? 165 HIS A NE2 1 
ATOM   1000 N N   . GLY A 1 149 ? -11.781 0.691   6.204   1.00   12.08 ? 166 GLY A N   1 
ATOM   1001 C CA  . GLY A 1 149 ? -10.761 0.301   5.230   1.00   11.51 ? 166 GLY A CA  1 
ATOM   1002 C C   . GLY A 1 149 ? -9.366  0.672   5.698   1.00   10.90 ? 166 GLY A C   1 
ATOM   1003 O O   . GLY A 1 149 ? -9.172  1.128   6.836   1.00   10.36 ? 166 GLY A O   1 
ATOM   1004 N N   . THR A 1 150 ? -8.400  0.466   4.815   1.00   10.44 ? 167 THR A N   1 
ATOM   1005 C CA  . THR A 1 150 ? -6.996  0.772   5.096   1.00   10.41 ? 167 THR A CA  1 
ATOM   1006 C C   . THR A 1 150 ? -6.420  1.647   3.983   1.00   10.21 ? 167 THR A C   1 
ATOM   1007 O O   . THR A 1 150 ? -6.641  1.390   2.797   1.00   10.20 ? 167 THR A O   1 
ATOM   1008 C CB  . THR A 1 150 ? -6.173  -0.527  5.205   1.00   10.24 ? 167 THR A CB  1 
ATOM   1009 O OG1 . THR A 1 150 ? -6.760  -1.389  6.187   1.00   10.02 ? 167 THR A OG1 1 
ATOM   1010 C CG2 . THR A 1 150 ? -4.726  -0.244  5.606   1.00   10.38 ? 167 THR A CG2 1 
ATOM   1011 N N   . THR A 1 151 ? -5.688  2.683   4.383   1.00   10.29 ? 168 THR A N   1 
ATOM   1012 C CA  . THR A 1 151 ? -4.963  3.537   3.448   1.00   10.12 ? 168 THR A CA  1 
ATOM   1013 C C   . THR A 1 151 ? -3.484  3.533   3.816   1.00   9.83  ? 168 THR A C   1 
ATOM   1014 O O   . THR A 1 151 ? -3.112  3.846   4.957   1.00   10.09 ? 168 THR A O   1 
ATOM   1015 C CB  . THR A 1 151 ? -5.510  4.973   3.460   1.00   10.49 ? 168 THR A CB  1 
ATOM   1016 O OG1 . THR A 1 151 ? -6.864  4.962   3.005   1.00   10.83 ? 168 THR A OG1 1 
ATOM   1017 C CG2 . THR A 1 151 ? -4.690  5.887   2.522   1.00   10.50 ? 168 THR A CG2 1 
ATOM   1018 N N   . VAL A 1 152 ? -2.650  3.156   2.848   1.00   9.33  ? 169 VAL A N   1 
ATOM   1019 C CA  . VAL A 1 152 ? -1.195  3.158   3.024   1.00   8.99  ? 169 VAL A CA  1 
ATOM   1020 C C   . VAL A 1 152 ? -0.584  4.099   2.002   1.00   8.88  ? 169 VAL A C   1 
ATOM   1021 O O   . VAL A 1 152 ? -0.875  4.004   0.808   1.00   9.10  ? 169 VAL A O   1 
ATOM   1022 C CB  . VAL A 1 152 ? -0.584  1.747   2.848   1.00   8.78  ? 169 VAL A CB  1 
ATOM   1023 C CG1 . VAL A 1 152 ? 0.937   1.807   2.696   1.00   8.76  ? 169 VAL A CG1 1 
ATOM   1024 C CG2 . VAL A 1 152 ? -0.971  0.865   4.025   1.00   9.10  ? 169 VAL A CG2 1 
ATOM   1025 N N   . HIS A 1 153 ? 0.260   5.001   2.488   1.00   8.78  ? 170 HIS A N   1 
ATOM   1026 C CA  . HIS A 1 153 ? 1.008   5.905   1.623   1.00   8.79  ? 170 HIS A CA  1 
ATOM   1027 C C   . HIS A 1 153 ? 2.486   5.771   1.902   1.00   8.64  ? 170 HIS A C   1 
ATOM   1028 O O   . HIS A 1 153 ? 2.908   5.756   3.061   1.00   8.40  ? 170 HIS A O   1 
ATOM   1029 C CB  . HIS A 1 153 ? 0.523   7.336   1.849   1.00   9.02  ? 170 HIS A CB  1 
ATOM   1030 C CG  . HIS A 1 153 ? 1.460   8.389   1.330   1.00   9.18  ? 170 HIS A CG  1 
ATOM   1031 N ND1 . HIS A 1 153 ? 2.287   9.082   2.140   1.00   9.59  ? 170 HIS A ND1 1 
ATOM   1032 C CD2 . HIS A 1 153 ? 1.689   8.854   0.038   1.00   9.37  ? 170 HIS A CD2 1 
ATOM   1033 C CE1 . HIS A 1 153 ? 3.008   9.952   1.404   1.00   9.86  ? 170 HIS A CE1 1 
ATOM   1034 N NE2 . HIS A 1 153 ? 2.642   9.812   0.118   1.00   9.65  ? 170 HIS A NE2 1 
ATOM   1035 N N   . PHE A 1 154 ? 3.290   5.658   0.847   1.00   8.36  ? 171 PHE A N   1 
ATOM   1036 C CA  . PHE A 1 154 ? 4.729   5.510   1.026   1.00   8.59  ? 171 PHE A CA  1 
ATOM   1037 C C   . PHE A 1 154 ? 5.550   6.307   0.019   1.00   8.58  ? 171 PHE A C   1 
ATOM   1038 O O   . PHE A 1 154 ? 5.132   6.509   -1.124  1.00   8.36  ? 171 PHE A O   1 
ATOM   1039 C CB  . PHE A 1 154 ? 5.141   4.025   1.018   1.00   8.62  ? 171 PHE A CB  1 
ATOM   1040 C CG  . PHE A 1 154 ? 4.872   3.314   -0.287  1.00   8.90  ? 171 PHE A CG  1 
ATOM   1041 C CD1 . PHE A 1 154 ? 5.863   3.215   -1.268  1.00   8.84  ? 171 PHE A CD1 1 
ATOM   1042 C CD2 . PHE A 1 154 ? 3.635   2.719   -0.523  1.00   8.92  ? 171 PHE A CD2 1 
ATOM   1043 C CE1 . PHE A 1 154 ? 5.613   2.560   -2.471  1.00   8.99  ? 171 PHE A CE1 1 
ATOM   1044 C CE2 . PHE A 1 154 ? 3.383   2.054   -1.712  1.00   8.91  ? 171 PHE A CE2 1 
ATOM   1045 C CZ  . PHE A 1 154 ? 4.377   1.971   -2.692  1.00   8.95  ? 171 PHE A CZ  1 
ATOM   1046 N N   . ILE A 1 155 ? 6.725   6.742   0.466   1.00   8.79  ? 172 ILE A N   1 
ATOM   1047 C CA  . ILE A 1 155 ? 7.659   7.469   -0.382  1.00   8.79  ? 172 ILE A CA  1 
ATOM   1048 C C   . ILE A 1 155 ? 8.901   6.598   -0.581  1.00   8.76  ? 172 ILE A C   1 
ATOM   1049 O O   . ILE A 1 155 ? 9.688   6.475   0.338   1.00   8.85  ? 172 ILE A O   1 
ATOM   1050 C CB  . ILE A 1 155 ? 8.091   8.808   0.263   1.00   9.03  ? 172 ILE A CB  1 
ATOM   1051 C CG1 . ILE A 1 155 ? 6.879   9.613   0.766   1.00   9.08  ? 172 ILE A CG1 1 
ATOM   1052 C CG2 . ILE A 1 155 ? 8.950   9.615   -0.716  1.00   9.07  ? 172 ILE A CG2 1 
ATOM   1053 C CD1 . ILE A 1 155 ? 7.236   10.900  1.502   1.00   9.08  ? 172 ILE A CD1 1 
ATOM   1054 N N   . PRO A 1 156 ? 9.081   6.000   -1.781  1.00   8.66  ? 173 PRO A N   1 
ATOM   1055 C CA  . PRO A 1 156 ? 10.268  5.153   -1.987  1.00   8.75  ? 173 PRO A CA  1 
ATOM   1056 C C   . PRO A 1 156 ? 11.581  5.899   -1.709  1.00   8.93  ? 173 PRO A C   1 
ATOM   1057 O O   . PRO A 1 156 ? 11.707  7.093   -2.022  1.00   8.98  ? 173 PRO A O   1 
ATOM   1058 C CB  . PRO A 1 156 ? 10.157  4.756   -3.464  1.00   8.64  ? 173 PRO A CB  1 
ATOM   1059 C CG  . PRO A 1 156 ? 8.674   4.769   -3.724  1.00   8.73  ? 173 PRO A CG  1 
ATOM   1060 C CD  . PRO A 1 156 ? 8.189   5.979   -2.963  1.00   8.70  ? 173 PRO A CD  1 
ATOM   1061 N N   . ASP A 1 157 ? 12.542  5.196   -1.119  1.00   9.11  ? 174 ASP A N   1 
ATOM   1062 C CA  . ASP A 1 157 ? 13.785  5.836   -0.666  1.00   9.49  ? 174 ASP A CA  1 
ATOM   1063 C C   . ASP A 1 157 ? 14.785  5.899   -1.821  1.00   9.67  ? 174 ASP A C   1 
ATOM   1064 O O   . ASP A 1 157 ? 15.185  4.852   -2.320  1.00   9.51  ? 174 ASP A O   1 
ATOM   1065 C CB  . ASP A 1 157 ? 14.368  5.011   0.481   1.00   9.47  ? 174 ASP A CB  1 
ATOM   1066 C CG  . ASP A 1 157 ? 15.521  5.711   1.204   1.00   9.61  ? 174 ASP A CG  1 
ATOM   1067 O OD1 . ASP A 1 157 ? 16.011  6.750   0.726   1.00   9.74  ? 174 ASP A OD1 1 
ATOM   1068 O OD2 . ASP A 1 157 ? 15.922  5.202   2.262   1.00   9.64  ? 174 ASP A OD2 1 
ATOM   1069 N N   . PRO A 1 158 ? 15.201  7.121   -2.238  1.00   9.86  ? 175 PRO A N   1 
ATOM   1070 C CA  . PRO A 1 158 ? 16.211  7.220   -3.298  1.00   10.27 ? 175 PRO A CA  1 
ATOM   1071 C C   . PRO A 1 158 ? 17.590  6.671   -2.896  1.00   10.72 ? 175 PRO A C   1 
ATOM   1072 O O   . PRO A 1 158 ? 18.422  6.444   -3.773  1.00   11.12 ? 175 PRO A O   1 
ATOM   1073 C CB  . PRO A 1 158 ? 16.283  8.726   -3.585  1.00   10.10 ? 175 PRO A CB  1 
ATOM   1074 C CG  . PRO A 1 158 ? 15.830  9.374   -2.321  1.00   9.99  ? 175 PRO A CG  1 
ATOM   1075 C CD  . PRO A 1 158 ? 14.754  8.455   -1.793  1.00   9.97  ? 175 PRO A CD  1 
ATOM   1076 N N   . GLU A 1 159 ? 17.821  6.447   -1.601  1.00   11.19 ? 176 GLU A N   1 
ATOM   1077 C CA  . GLU A 1 159 ? 19.052  5.785   -1.142  1.00   11.75 ? 176 GLU A CA  1 
ATOM   1078 C C   . GLU A 1 159 ? 19.064  4.328   -1.565  1.00   11.92 ? 176 GLU A C   1 
ATOM   1079 O O   . GLU A 1 159 ? 20.133  3.726   -1.697  1.00   12.11 ? 176 GLU A O   1 
ATOM   1080 C CB  . GLU A 1 159 ? 19.201  5.884   0.375   1.00   12.58 ? 176 GLU A CB  1 
ATOM   1081 C CG  . GLU A 1 159 ? 19.481  7.300   0.850   1.00   13.39 ? 176 GLU A CG  1 
ATOM   1082 C CD  . GLU A 1 159 ? 19.701  7.407   2.345   1.00   14.36 ? 176 GLU A CD  1 
ATOM   1083 O OE1 . GLU A 1 159 ? 20.104  8.505   2.790   1.00   15.64 ? 176 GLU A OE1 1 
ATOM   1084 O OE2 . GLU A 1 159 ? 19.472  6.416   3.078   1.00   15.06 ? 176 GLU A OE2 1 
ATOM   1085 N N   . ILE A 1 160 ? 17.867  3.773   -1.757  1.00   11.51 ? 177 ILE A N   1 
ATOM   1086 C CA  . ILE A 1 160 ? 17.689  2.407   -2.251  1.00   11.59 ? 177 ILE A CA  1 
ATOM   1087 C C   . ILE A 1 160 ? 17.523  2.424   -3.772  1.00   11.75 ? 177 ILE A C   1 
ATOM   1088 O O   . ILE A 1 160 ? 18.208  1.685   -4.487  1.00   11.85 ? 177 ILE A O   1 
ATOM   1089 C CB  . ILE A 1 160 ? 16.456  1.715   -1.612  1.00   11.62 ? 177 ILE A CB  1 
ATOM   1090 C CG1 . ILE A 1 160 ? 16.552  1.694   -0.072  1.00   11.88 ? 177 ILE A CG1 1 
ATOM   1091 C CG2 . ILE A 1 160 ? 16.252  0.318   -2.187  1.00   11.72 ? 177 ILE A CG2 1 
ATOM   1092 C CD1 . ILE A 1 160 ? 17.756  0.969   0.501   1.00   12.15 ? 177 ILE A CD1 1 
ATOM   1093 N N   . PHE A 1 161 ? 16.591  3.250   -4.252  1.00   11.93 ? 178 PHE A N   1 
ATOM   1094 C CA  . PHE A 1 161 ? 16.255  3.317   -5.672  1.00   12.04 ? 178 PHE A CA  1 
ATOM   1095 C C   . PHE A 1 161 ? 17.070  4.416   -6.323  1.00   12.72 ? 178 PHE A C   1 
ATOM   1096 O O   . PHE A 1 161 ? 16.583  5.514   -6.563  1.00   12.88 ? 178 PHE A O   1 
ATOM   1097 C CB  . PHE A 1 161 ? 14.739  3.505   -5.837  1.00   11.77 ? 178 PHE A CB  1 
ATOM   1098 C CG  . PHE A 1 161 ? 13.960  2.390   -5.211  1.00   11.32 ? 178 PHE A CG  1 
ATOM   1099 C CD1 . PHE A 1 161 ? 13.478  2.504   -3.908  1.00   11.07 ? 178 PHE A CD1 1 
ATOM   1100 C CD2 . PHE A 1 161 ? 13.806  1.186   -5.883  1.00   11.36 ? 178 PHE A CD2 1 
ATOM   1101 C CE1 . PHE A 1 161 ? 12.797  1.456   -3.310  1.00   11.15 ? 178 PHE A CE1 1 
ATOM   1102 C CE2 . PHE A 1 161 ? 13.128  0.130   -5.292  1.00   11.29 ? 178 PHE A CE2 1 
ATOM   1103 C CZ  . PHE A 1 161 ? 12.629  0.262   -3.998  1.00   11.29 ? 178 PHE A CZ  1 
ATOM   1104 N N   . THR A 1 162 ? 18.334  4.091   -6.583  1.00   13.76 ? 179 THR A N   1 
ATOM   1105 C CA  . THR A 1 162 ? 19.330  5.073   -7.012  1.00   14.97 ? 179 THR A CA  1 
ATOM   1106 C C   . THR A 1 162 ? 19.265  5.356   -8.517  1.00   15.63 ? 179 THR A C   1 
ATOM   1107 O O   . THR A 1 162 ? 19.723  6.403   -8.971  1.00   16.55 ? 179 THR A O   1 
ATOM   1108 C CB  . THR A 1 162 ? 20.763  4.621   -6.641  1.00   15.21 ? 179 THR A CB  1 
ATOM   1109 O OG1 . THR A 1 162 ? 21.065  3.388   -7.299  1.00   15.71 ? 179 THR A OG1 1 
ATOM   1110 C CG2 . THR A 1 162 ? 20.898  4.422   -5.139  1.00   14.86 ? 179 THR A CG2 1 
ATOM   1111 N N   . GLU A 1 163 ? 18.709  4.421   -9.278  1.00   16.26 ? 180 GLU A N   1 
ATOM   1112 C CA  . GLU A 1 163 ? 18.561  4.583   -10.729 1.00   17.21 ? 180 GLU A CA  1 
ATOM   1113 C C   . GLU A 1 163 ? 17.383  5.514   -11.057 1.00   16.20 ? 180 GLU A C   1 
ATOM   1114 O O   . GLU A 1 163 ? 17.518  6.467   -11.836 1.00   15.84 ? 180 GLU A O   1 
ATOM   1115 C CB  . GLU A 1 163 ? 18.381  3.219   -11.391 1.00   19.97 ? 180 GLU A CB  1 
ATOM   1116 C CG  . GLU A 1 163 ? 18.617  3.193   -12.897 1.00   23.92 ? 180 GLU A CG  1 
ATOM   1117 C CD  . GLU A 1 163 ? 18.420  1.809   -13.499 1.00   26.46 ? 180 GLU A CD  1 
ATOM   1118 O OE1 . GLU A 1 163 ? 18.656  0.787   -12.810 1.00   27.95 ? 180 GLU A OE1 1 
ATOM   1119 O OE2 . GLU A 1 163 ? 18.022  1.739   -14.681 1.00   30.42 ? 180 GLU A OE2 1 
ATOM   1120 N N   . THR A 1 164 ? 16.235  5.244   -10.444 1.00   14.32 ? 181 THR A N   1 
ATOM   1121 C CA  . THR A 1 164 ? 15.023  6.034   -10.690 1.00   13.50 ? 181 THR A CA  1 
ATOM   1122 C C   . THR A 1 164 ? 14.025  5.902   -9.534  1.00   12.56 ? 181 THR A C   1 
ATOM   1123 O O   . THR A 1 164 ? 13.858  4.821   -8.982  1.00   11.95 ? 181 THR A O   1 
ATOM   1124 C CB  . THR A 1 164 ? 14.346  5.638   -12.031 1.00   13.34 ? 181 THR A CB  1 
ATOM   1125 O OG1 . THR A 1 164 ? 13.209  6.479   -12.274 1.00   13.01 ? 181 THR A OG1 1 
ATOM   1126 C CG2 . THR A 1 164 ? 13.904  4.174   -12.028 1.00   13.40 ? 181 THR A CG2 1 
ATOM   1127 N N   . THR A 1 165 ? 13.374  7.011   -9.186  1.00   12.30 ? 182 THR A N   1 
ATOM   1128 C CA  . THR A 1 165 ? 12.217  6.997   -8.285  1.00   12.53 ? 182 THR A CA  1 
ATOM   1129 C C   . THR A 1 165 ? 10.959  7.460   -9.025  1.00   12.37 ? 182 THR A C   1 
ATOM   1130 O O   . THR A 1 165 ? 9.952   7.812   -8.400  1.00   12.69 ? 182 THR A O   1 
ATOM   1131 C CB  . THR A 1 165 ? 12.432  7.908   -7.061  1.00   13.08 ? 182 THR A CB  1 
ATOM   1132 O OG1 . THR A 1 165 ? 12.860  9.202   -7.510  1.00   14.17 ? 182 THR A OG1 1 
ATOM   1133 C CG2 . THR A 1 165 ? 13.468  7.307   -6.108  1.00   13.35 ? 182 THR A CG2 1 
ATOM   1134 N N   . VAL A 1 166 ? 11.012  7.460   -10.356 1.00   11.94 ? 183 VAL A N   1 
ATOM   1135 C CA  . VAL A 1 166 ? 9.892   7.971   -11.163 1.00   11.47 ? 183 VAL A CA  1 
ATOM   1136 C C   . VAL A 1 166 ? 8.991   6.827   -11.640 1.00   11.30 ? 183 VAL A C   1 
ATOM   1137 O O   . VAL A 1 166 ? 9.462   5.901   -12.296 1.00   11.41 ? 183 VAL A O   1 
ATOM   1138 C CB  . VAL A 1 166 ? 10.379  8.795   -12.381 1.00   11.56 ? 183 VAL A CB  1 
ATOM   1139 C CG1 . VAL A 1 166 ? 9.186   9.369   -13.139 1.00   11.41 ? 183 VAL A CG1 1 
ATOM   1140 C CG2 . VAL A 1 166 ? 11.294  9.926   -11.931 1.00   11.69 ? 183 VAL A CG2 1 
ATOM   1141 N N   . TYR A 1 167 ? 7.703   6.901   -11.295 1.00   10.92 ? 184 TYR A N   1 
ATOM   1142 C CA  . TYR A 1 167 ? 6.716   5.883   -11.684 1.00   10.80 ? 184 TYR A CA  1 
ATOM   1143 C C   . TYR A 1 167 ? 6.247   5.977   -13.129 1.00   11.15 ? 184 TYR A C   1 
ATOM   1144 O O   . TYR A 1 167 ? 6.236   7.049   -13.726 1.00   11.49 ? 184 TYR A O   1 
ATOM   1145 C CB  . TYR A 1 167 ? 5.512   5.887   -10.733 1.00   10.33 ? 184 TYR A CB  1 
ATOM   1146 C CG  . TYR A 1 167 ? 5.840   5.143   -9.460  1.00   10.04 ? 184 TYR A CG  1 
ATOM   1147 C CD1 . TYR A 1 167 ? 5.841   3.753   -9.444  1.00   10.02 ? 184 TYR A CD1 1 
ATOM   1148 C CD2 . TYR A 1 167 ? 6.196   5.823   -8.296  1.00   9.98  ? 184 TYR A CD2 1 
ATOM   1149 C CE1 . TYR A 1 167 ? 6.171   3.050   -8.301  1.00   10.01 ? 184 TYR A CE1 1 
ATOM   1150 C CE2 . TYR A 1 167 ? 6.531   5.122   -7.137  1.00   9.76  ? 184 TYR A CE2 1 
ATOM   1151 C CZ  . TYR A 1 167 ? 6.510   3.742   -7.151  1.00   9.99  ? 184 TYR A CZ  1 
ATOM   1152 O OH  . TYR A 1 167 ? 6.838   3.026   -6.026  1.00   10.14 ? 184 TYR A OH  1 
ATOM   1153 N N   . ASP A 1 168 ? 5.873   4.822   -13.665 1.00   11.38 ? 185 ASP A N   1 
ATOM   1154 C CA  . ASP A 1 168 ? 5.388   4.681   -15.035 1.00   11.88 ? 185 ASP A CA  1 
ATOM   1155 C C   . ASP A 1 168 ? 3.898   4.384   -14.943 1.00   11.90 ? 185 ASP A C   1 
ATOM   1156 O O   . ASP A 1 168 ? 3.490   3.283   -14.537 1.00   12.05 ? 185 ASP A O   1 
ATOM   1157 C CB  . ASP A 1 168 ? 6.162   3.539   -15.710 1.00   12.17 ? 185 ASP A CB  1 
ATOM   1158 C CG  . ASP A 1 168 ? 5.764   3.309   -17.164 1.00   12.69 ? 185 ASP A CG  1 
ATOM   1159 O OD1 . ASP A 1 168 ? 6.592   2.709   -17.889 1.00   13.54 ? 185 ASP A OD1 1 
ATOM   1160 O OD2 . ASP A 1 168 ? 4.643   3.674   -17.569 1.00   12.36 ? 185 ASP A OD2 1 
ATOM   1161 N N   . PHE A 1 169 ? 3.083   5.385   -15.287 1.00   11.89 ? 186 PHE A N   1 
ATOM   1162 C CA  . PHE A 1 169 ? 1.626   5.262   -15.197 1.00   12.12 ? 186 PHE A CA  1 
ATOM   1163 C C   . PHE A 1 169 ? 1.109   4.120   -16.077 1.00   12.34 ? 186 PHE A C   1 
ATOM   1164 O O   . PHE A 1 169 ? 0.342   3.279   -15.610 1.00   11.88 ? 186 PHE A O   1 
ATOM   1165 C CB  . PHE A 1 169 ? 0.933   6.594   -15.546 1.00   12.04 ? 186 PHE A CB  1 
ATOM   1166 C CG  . PHE A 1 169 ? -0.575  6.518   -15.564 1.00   12.03 ? 186 PHE A CG  1 
ATOM   1167 C CD1 . PHE A 1 169 ? -1.267  6.395   -16.770 1.00   12.18 ? 186 PHE A CD1 1 
ATOM   1168 C CD2 . PHE A 1 169 ? -1.303  6.558   -14.377 1.00   12.15 ? 186 PHE A CD2 1 
ATOM   1169 C CE1 . PHE A 1 169 ? -2.657  6.322   -16.789 1.00   12.53 ? 186 PHE A CE1 1 
ATOM   1170 C CE2 . PHE A 1 169 ? -2.694  6.492   -14.391 1.00   12.26 ? 186 PHE A CE2 1 
ATOM   1171 C CZ  . PHE A 1 169 ? -3.372  6.371   -15.599 1.00   12.52 ? 186 PHE A CZ  1 
ATOM   1172 N N   . ASP A 1 170 ? 1.550   4.070   -17.333 1.00   12.82 ? 187 ASP A N   1 
ATOM   1173 C CA  . ASP A 1 170 ? 1.096   3.004   -18.230 1.00   14.03 ? 187 ASP A CA  1 
ATOM   1174 C C   . ASP A 1 170 ? 1.446   1.600   -17.721 1.00   13.68 ? 187 ASP A C   1 
ATOM   1175 O O   . ASP A 1 170 ? 0.632   0.683   -17.831 1.00   13.58 ? 187 ASP A O   1 
ATOM   1176 C CB  . ASP A 1 170 ? 1.630   3.206   -19.652 1.00   16.05 ? 187 ASP A CB  1 
ATOM   1177 C CG  . ASP A 1 170 ? 1.010   2.237   -20.642 1.00   18.19 ? 187 ASP A CG  1 
ATOM   1178 O OD1 . ASP A 1 170 ? 1.687   1.257   -21.002 1.00   20.28 ? 187 ASP A OD1 1 
ATOM   1179 O OD2 . ASP A 1 170 ? -0.163  2.436   -21.025 1.00   19.86 ? 187 ASP A OD2 1 
ATOM   1180 N N   . LYS A 1 171 ? 2.648   1.445   -17.163 1.00   13.39 ? 188 LYS A N   1 
ATOM   1181 C CA  . LYS A 1 171 ? 3.075   0.173   -16.547 1.00   13.33 ? 188 LYS A CA  1 
ATOM   1182 C C   . LYS A 1 171 ? 2.145   -0.210  -15.393 1.00   12.87 ? 188 LYS A C   1 
ATOM   1183 O O   . LYS A 1 171 ? 1.685   -1.355  -15.309 1.00   12.98 ? 188 LYS A O   1 
ATOM   1184 C CB  . LYS A 1 171 ? 4.528   0.286   -16.070 1.00   13.90 ? 188 LYS A CB  1 
ATOM   1185 C CG  . LYS A 1 171 ? 5.131   -0.950  -15.407 1.00   14.28 ? 188 LYS A CG  1 
ATOM   1186 C CD  . LYS A 1 171 ? 6.600   -0.662  -15.085 1.00   14.98 ? 188 LYS A CD  1 
ATOM   1187 C CE  . LYS A 1 171 ? 7.308   -1.846  -14.452 1.00   15.66 ? 188 LYS A CE  1 
ATOM   1188 N NZ  . LYS A 1 171 ? 7.595   -2.916  -15.454 1.00   16.42 ? 188 LYS A NZ  1 
ATOM   1189 N N   . LEU A 1 172 ? 1.847   0.751   -14.524 1.00   12.36 ? 189 LEU A N   1 
ATOM   1190 C CA  . LEU A 1 172 ? 0.926   0.507   -13.409 1.00   12.01 ? 189 LEU A CA  1 
ATOM   1191 C C   . LEU A 1 172 ? -0.487  0.189   -13.912 1.00   11.75 ? 189 LEU A C   1 
ATOM   1192 O O   . LEU A 1 172 ? -1.112  -0.766  -13.440 1.00   11.12 ? 189 LEU A O   1 
ATOM   1193 C CB  . LEU A 1 172 ? 0.910   1.694   -12.426 1.00   12.08 ? 189 LEU A CB  1 
ATOM   1194 C CG  . LEU A 1 172 ? 2.199   1.947   -11.624 1.00   12.25 ? 189 LEU A CG  1 
ATOM   1195 C CD1 . LEU A 1 172 ? 2.073   3.199   -10.758 1.00   12.66 ? 189 LEU A CD1 1 
ATOM   1196 C CD2 . LEU A 1 172 ? 2.544   0.751   -10.743 1.00   12.32 ? 189 LEU A CD2 1 
ATOM   1197 N N   . ALA A 1 173 ? -0.963  0.977   -14.878 1.00   11.67 ? 190 ALA A N   1 
ATOM   1198 C CA  . ALA A 1 173 ? -2.324  0.824   -15.418 1.00   12.17 ? 190 ALA A CA  1 
ATOM   1199 C C   . ALA A 1 173 ? -2.525  -0.548  -16.054 1.00   12.50 ? 190 ALA A C   1 
ATOM   1200 O O   . ALA A 1 173 ? -3.566  -1.190  -15.865 1.00   12.28 ? 190 ALA A O   1 
ATOM   1201 C CB  . ALA A 1 173 ? -2.637  1.929   -16.422 1.00   12.35 ? 190 ALA A CB  1 
ATOM   1202 N N   . THR A 1 174 ? -1.524  -0.988  -16.811 1.00   12.87 ? 191 THR A N   1 
ATOM   1203 C CA  . THR A 1 174 ? -1.554  -2.298  -17.467 1.00   13.46 ? 191 THR A CA  1 
ATOM   1204 C C   . THR A 1 174 ? -1.775  -3.425  -16.460 1.00   13.38 ? 191 THR A C   1 
ATOM   1205 O O   . THR A 1 174 ? -2.635  -4.289  -16.671 1.00   13.14 ? 191 THR A O   1 
ATOM   1206 C CB  . THR A 1 174 ? -0.263  -2.534  -18.279 1.00   13.80 ? 191 THR A CB  1 
ATOM   1207 O OG1 . THR A 1 174 ? -0.233  -1.603  -19.366 1.00   14.18 ? 191 THR A OG1 1 
ATOM   1208 C CG2 . THR A 1 174 ? -0.196  -3.954  -18.838 1.00   14.14 ? 191 THR A CG2 1 
ATOM   1209 N N   . ARG A 1 175 ? -1.003  -3.409  -15.375 1.00   13.43 ? 192 ARG A N   1 
ATOM   1210 C CA  . ARG A 1 175 ? -1.136  -4.442  -14.344 1.00   13.69 ? 192 ARG A CA  1 
ATOM   1211 C C   . ARG A 1 175 ? -2.424  -4.292  -13.534 1.00   13.04 ? 192 ARG A C   1 
ATOM   1212 O O   . ARG A 1 175 ? -3.048  -5.284  -13.170 1.00   12.08 ? 192 ARG A O   1 
ATOM   1213 C CB  . ARG A 1 175 ? 0.101   -4.491  -13.434 1.00   14.79 ? 192 ARG A CB  1 
ATOM   1214 C CG  . ARG A 1 175 ? 0.029   -5.525  -12.309 1.00   16.32 ? 192 ARG A CG  1 
ATOM   1215 C CD  . ARG A 1 175 ? -0.126  -6.949  -12.831 1.00   18.30 ? 192 ARG A CD  1 
ATOM   1216 N NE  . ARG A 1 175 ? -0.175  -7.912  -11.730 1.00   20.14 ? 192 ARG A NE  1 
ATOM   1217 C CZ  . ARG A 1 175 ? -0.545  -9.190  -11.844 1.00   21.44 ? 192 ARG A CZ  1 
ATOM   1218 N NH1 . ARG A 1 175 ? -0.538  -9.966  -10.772 1.00   22.37 ? 192 ARG A NH1 1 
ATOM   1219 N NH2 . ARG A 1 175 ? -0.915  -9.699  -13.020 1.00   22.67 ? 192 ARG A NH2 1 
ATOM   1220 N N   . VAL A 1 176 ? -2.825  -3.055  -13.256 1.00   12.42 ? 193 VAL A N   1 
ATOM   1221 C CA  . VAL A 1 176 ? -4.102  -2.818  -12.566 1.00   12.47 ? 193 VAL A CA  1 
ATOM   1222 C C   . VAL A 1 176 ? -5.271  -3.414  -13.364 1.00   12.52 ? 193 VAL A C   1 
ATOM   1223 O O   . VAL A 1 176 ? -6.173  -4.033  -12.793 1.00   11.96 ? 193 VAL A O   1 
ATOM   1224 C CB  . VAL A 1 176 ? -4.313  -1.322  -12.259 1.00   12.42 ? 193 VAL A CB  1 
ATOM   1225 C CG1 . VAL A 1 176 ? -5.775  -1.012  -11.970 1.00   13.09 ? 193 VAL A CG1 1 
ATOM   1226 C CG2 . VAL A 1 176 ? -3.436  -0.916  -11.076 1.00   12.46 ? 193 VAL A CG2 1 
ATOM   1227 N N   . ARG A 1 177 ? -5.231  -3.252  -14.684 1.00   12.82 ? 194 ARG A N   1 
ATOM   1228 C CA  . ARG A 1 177 ? -6.270  -3.820  -15.550 1.00   13.37 ? 194 ARG A CA  1 
ATOM   1229 C C   . ARG A 1 177 ? -6.268  -5.343  -15.455 1.00   13.45 ? 194 ARG A C   1 
ATOM   1230 O O   . ARG A 1 177 ? -7.322  -5.961  -15.306 1.00   13.29 ? 194 ARG A O   1 
ATOM   1231 C CB  . ARG A 1 177 ? -6.066  -3.362  -17.000 1.00   14.13 ? 194 ARG A CB  1 
ATOM   1232 C CG  . ARG A 1 177 ? -7.068  -3.916  -18.008 1.00   15.19 ? 194 ARG A CG  1 
ATOM   1233 C CD  . ARG A 1 177 ? -6.860  -3.218  -19.350 1.00   16.30 ? 194 ARG A CD  1 
ATOM   1234 N NE  . ARG A 1 177 ? -7.688  -3.759  -20.431 1.00   17.69 ? 194 ARG A NE  1 
ATOM   1235 C CZ  . ARG A 1 177 ? -7.326  -4.766  -21.228 1.00   18.57 ? 194 ARG A CZ  1 
ATOM   1236 N NH1 . ARG A 1 177 ? -6.153  -5.372  -21.058 1.00   19.34 ? 194 ARG A NH1 1 
ATOM   1237 N NH2 . ARG A 1 177 ? -8.142  -5.177  -22.196 1.00   18.72 ? 194 ARG A NH2 1 
ATOM   1238 N N   . GLU A 1 178 ? -5.081  -5.940  -15.531 1.00   14.10 ? 195 GLU A N   1 
ATOM   1239 C CA  . GLU A 1 178 ? -4.919  -7.390  -15.375 1.00   14.99 ? 195 GLU A CA  1 
ATOM   1240 C C   . GLU A 1 178 ? -5.455  -7.864  -14.023 1.00   14.14 ? 195 GLU A C   1 
ATOM   1241 O O   . GLU A 1 178 ? -6.156  -8.877  -13.937 1.00   13.43 ? 195 GLU A O   1 
ATOM   1242 C CB  . GLU A 1 178 ? -3.447  -7.784  -15.550 1.00   17.56 ? 195 GLU A CB  1 
ATOM   1243 C CG  . GLU A 1 178 ? -2.932  -7.588  -16.974 1.00   20.95 ? 195 GLU A CG  1 
ATOM   1244 C CD  . GLU A 1 178 ? -1.419  -7.697  -17.114 1.00   23.57 ? 195 GLU A CD  1 
ATOM   1245 O OE1 . GLU A 1 178 ? -0.694  -7.753  -16.090 1.00   25.37 ? 195 GLU A OE1 1 
ATOM   1246 O OE2 . GLU A 1 178 ? -0.945  -7.713  -18.275 1.00   25.79 ? 195 GLU A OE2 1 
ATOM   1247 N N   . LEU A 1 179 ? -5.131  -7.115  -12.972 1.00   13.36 ? 196 LEU A N   1 
ATOM   1248 C CA  . LEU A 1 179 ? -5.613  -7.431  -11.626 1.00   12.91 ? 196 LEU A CA  1 
ATOM   1249 C C   . LEU A 1 179 ? -7.140  -7.355  -11.515 1.00   12.15 ? 196 LEU A C   1 
ATOM   1250 O O   . LEU A 1 179 ? -7.763  -8.189  -10.850 1.00   12.03 ? 196 LEU A O   1 
ATOM   1251 C CB  . LEU A 1 179 ? -4.942  -6.524  -10.586 1.00   13.20 ? 196 LEU A CB  1 
ATOM   1252 C CG  . LEU A 1 179 ? -3.470  -6.823  -10.278 1.00   13.80 ? 196 LEU A CG  1 
ATOM   1253 C CD1 . LEU A 1 179 ? -2.886  -5.765  -9.347  1.00   14.05 ? 196 LEU A CD1 1 
ATOM   1254 C CD2 . LEU A 1 179 ? -3.332  -8.208  -9.660  1.00   13.93 ? 196 LEU A CD2 1 
ATOM   1255 N N   . ALA A 1 180 ? -7.743  -6.360  -12.160 1.00   11.80 ? 197 ALA A N   1 
ATOM   1256 C CA  . ALA A 1 180 ? -9.207  -6.257  -12.198 1.00   11.46 ? 197 ALA A CA  1 
ATOM   1257 C C   . ALA A 1 180 ? -9.810  -7.501  -12.847 1.00   11.36 ? 197 ALA A C   1 
ATOM   1258 O O   . ALA A 1 180 ? -10.812 -8.039  -12.365 1.00   11.26 ? 197 ALA A O   1 
ATOM   1259 C CB  . ALA A 1 180 ? -9.644  -5.013  -12.956 1.00   11.80 ? 197 ALA A CB  1 
ATOM   1260 N N   . PHE A 1 181 ? -9.199  -7.948  -13.944 1.00   11.01 ? 198 PHE A N   1 
ATOM   1261 C CA  . PHE A 1 181 ? -9.675  -9.127  -14.676 1.00   11.03 ? 198 PHE A CA  1 
ATOM   1262 C C   . PHE A 1 181 ? -9.546  -10.408 -13.845 1.00   11.11 ? 198 PHE A C   1 
ATOM   1263 O O   . PHE A 1 181 ? -10.486 -11.211 -13.758 1.00   11.09 ? 198 PHE A O   1 
ATOM   1264 C CB  . PHE A 1 181 ? -8.919  -9.270  -16.004 1.00   11.16 ? 198 PHE A CB  1 
ATOM   1265 C CG  . PHE A 1 181 ? -9.374  -10.431 -16.841 1.00   11.29 ? 198 PHE A CG  1 
ATOM   1266 C CD1 . PHE A 1 181 ? -8.695  -11.649 -16.792 1.00   11.69 ? 198 PHE A CD1 1 
ATOM   1267 C CD2 . PHE A 1 181 ? -10.490 -10.315 -17.672 1.00   11.28 ? 198 PHE A CD2 1 
ATOM   1268 C CE1 . PHE A 1 181 ? -9.120  -12.730 -17.561 1.00   11.72 ? 198 PHE A CE1 1 
ATOM   1269 C CE2 . PHE A 1 181 ? -10.910 -11.392 -18.446 1.00   11.47 ? 198 PHE A CE2 1 
ATOM   1270 C CZ  . PHE A 1 181 ? -10.222 -12.597 -18.387 1.00   11.46 ? 198 PHE A CZ  1 
ATOM   1271 N N   . LEU A 1 182 ? -8.377  -10.599 -13.240 1.00   11.07 ? 199 LEU A N   1 
ATOM   1272 C CA  . LEU A 1 182 ? -8.135  -11.776 -12.401 1.00   11.35 ? 199 LEU A CA  1 
ATOM   1273 C C   . LEU A 1 182 ? -8.986  -11.773 -11.133 1.00   11.34 ? 199 LEU A C   1 
ATOM   1274 O O   . LEU A 1 182 ? -9.363  -12.830 -10.634 1.00   11.58 ? 199 LEU A O   1 
ATOM   1275 C CB  . LEU A 1 182 ? -6.650  -11.894 -12.059 1.00   11.61 ? 199 LEU A CB  1 
ATOM   1276 C CG  . LEU A 1 182 ? -5.734  -12.189 -13.247 1.00   12.07 ? 199 LEU A CG  1 
ATOM   1277 C CD1 . LEU A 1 182 ? -4.288  -12.015 -12.823 1.00   12.44 ? 199 LEU A CD1 1 
ATOM   1278 C CD2 . LEU A 1 182 ? -5.979  -13.606 -13.776 1.00   12.61 ? 199 LEU A CD2 1 
ATOM   1279 N N   . ASN A 1 183 ? -9.307  -10.582 -10.635 1.00   11.15 ? 200 ASN A N   1 
ATOM   1280 C CA  . ASN A 1 183 ? -10.197 -10.436 -9.487  1.00   10.99 ? 200 ASN A CA  1 
ATOM   1281 C C   . ASN A 1 183 ? -11.566 -9.906  -9.898  1.00   10.89 ? 200 ASN A C   1 
ATOM   1282 O O   . ASN A 1 183 ? -12.044 -8.897  -9.370  1.00   10.90 ? 200 ASN A O   1 
ATOM   1283 C CB  . ASN A 1 183 ? -9.539  -9.546  -8.431  1.00   11.05 ? 200 ASN A CB  1 
ATOM   1284 C CG  . ASN A 1 183 ? -8.241  -10.133 -7.937  1.00   11.26 ? 200 ASN A CG  1 
ATOM   1285 O OD1 . ASN A 1 183 ? -8.240  -10.998 -7.054  1.00   11.60 ? 200 ASN A OD1 1 
ATOM   1286 N ND2 . ASN A 1 183 ? -7.130  -9.698  -8.523  1.00   11.24 ? 200 ASN A ND2 1 
ATOM   1287 N N   . ARG A 1 184 ? -12.188 -10.604 -10.848 1.00   10.65 ? 201 ARG A N   1 
ATOM   1288 C CA  . ARG A 1 184 ? -13.486 -10.209 -11.398 1.00   10.46 ? 201 ARG A CA  1 
ATOM   1289 C C   . ARG A 1 184 ? -14.477 -9.809  -10.302 1.00   10.78 ? 201 ARG A C   1 
ATOM   1290 O O   . ARG A 1 184 ? -14.681 -10.557 -9.335  1.00   10.64 ? 201 ARG A O   1 
ATOM   1291 C CB  . ARG A 1 184 ? -14.053 -11.339 -12.272 1.00   10.56 ? 201 ARG A CB  1 
ATOM   1292 C CG  . ARG A 1 184 ? -15.422 -11.032 -12.874 1.00   10.33 ? 201 ARG A CG  1 
ATOM   1293 C CD  . ARG A 1 184 ? -15.800 -12.021 -13.966 1.00   10.51 ? 201 ARG A CD  1 
ATOM   1294 N NE  . ARG A 1 184 ? -14.927 -11.899 -15.137 1.00   10.38 ? 201 ARG A NE  1 
ATOM   1295 C CZ  . ARG A 1 184 ? -15.180 -11.136 -16.203 1.00   10.42 ? 201 ARG A CZ  1 
ATOM   1296 N NH1 . ARG A 1 184 ? -16.298 -10.411 -16.285 1.00   10.45 ? 201 ARG A NH1 1 
ATOM   1297 N NH2 . ARG A 1 184 ? -14.304 -11.098 -17.198 1.00   10.59 ? 201 ARG A NH2 1 
ATOM   1298 N N   . GLY A 1 185 ? -15.069 -8.623  -10.457 1.00   10.84 ? 202 GLY A N   1 
ATOM   1299 C CA  . GLY A 1 185 ? -15.984 -8.058  -9.464  1.00   11.32 ? 202 GLY A CA  1 
ATOM   1300 C C   . GLY A 1 185 ? -15.378 -6.876  -8.726  1.00   11.59 ? 202 GLY A C   1 
ATOM   1301 O O   . GLY A 1 185 ? -16.095 -5.974  -8.284  1.00   11.77 ? 202 GLY A O   1 
ATOM   1302 N N   . LEU A 1 186 ? -14.055 -6.878  -8.603  1.00   11.60 ? 203 LEU A N   1 
ATOM   1303 C CA  . LEU A 1 186 ? -13.333 -5.808  -7.913  1.00   12.15 ? 203 LEU A CA  1 
ATOM   1304 C C   . LEU A 1 186 ? -13.339 -4.520  -8.727  1.00   12.50 ? 203 LEU A C   1 
ATOM   1305 O O   . LEU A 1 186 ? -13.149 -4.553  -9.938  1.00   12.58 ? 203 LEU A O   1 
ATOM   1306 C CB  . LEU A 1 186 ? -11.880 -6.245  -7.673  1.00   12.59 ? 203 LEU A CB  1 
ATOM   1307 C CG  . LEU A 1 186 ? -10.920 -5.264  -7.002  1.00   13.10 ? 203 LEU A CG  1 
ATOM   1308 C CD1 . LEU A 1 186 ? -11.360 -4.985  -5.571  1.00   13.30 ? 203 LEU A CD1 1 
ATOM   1309 C CD2 . LEU A 1 186 ? -9.506  -5.835  -7.038  1.00   13.63 ? 203 LEU A CD2 1 
ATOM   1310 N N   . HIS A 1 187 ? -13.570 -3.389  -8.061  1.00   12.81 ? 204 HIS A N   1 
ATOM   1311 C CA  . HIS A 1 187 ? -13.289 -2.088  -8.660  1.00   13.41 ? 204 HIS A CA  1 
ATOM   1312 C C   . HIS A 1 187 ? -11.892 -1.704  -8.286  1.00   13.29 ? 204 HIS A C   1 
ATOM   1313 O O   . HIS A 1 187 ? -11.543 -1.695  -7.108  1.00   13.38 ? 204 HIS A O   1 
ATOM   1314 C CB  . HIS A 1 187 ? -14.251 -1.026  -8.143  1.00   14.12 ? 204 HIS A CB  1 
ATOM   1315 C CG  . HIS A 1 187 ? -15.678 -1.241  -8.563  1.00   15.38 ? 204 HIS A CG  1 
ATOM   1316 N ND1 . HIS A 1 187 ? -16.490 -2.111  -7.939  1.00   16.34 ? 204 HIS A ND1 1 
ATOM   1317 C CD2 . HIS A 1 187 ? -16.431 -0.651  -9.574  1.00   15.85 ? 204 HIS A CD2 1 
ATOM   1318 C CE1 . HIS A 1 187 ? -17.706 -2.083  -8.523  1.00   16.32 ? 204 HIS A CE1 1 
ATOM   1319 N NE2 . HIS A 1 187 ? -17.666 -1.191  -9.523  1.00   16.66 ? 204 HIS A NE2 1 
ATOM   1320 N N   . ILE A 1 188 ? -11.072 -1.398  -9.284  1.00   13.16 ? 205 ILE A N   1 
ATOM   1321 C CA  . ILE A 1 188 ? -9.717  -0.928  -9.028  1.00   13.42 ? 205 ILE A CA  1 
ATOM   1322 C C   . ILE A 1 188 ? -9.368  0.193   -10.006 1.00   13.32 ? 205 ILE A C   1 
ATOM   1323 O O   . ILE A 1 188 ? -9.638  0.097   -11.207 1.00   13.18 ? 205 ILE A O   1 
ATOM   1324 C CB  . ILE A 1 188 ? -8.671  -2.079  -9.046  1.00   13.97 ? 205 ILE A CB  1 
ATOM   1325 C CG1 . ILE A 1 188 ? -7.291  -1.561  -8.609  1.00   13.78 ? 205 ILE A CG1 1 
ATOM   1326 C CG2 . ILE A 1 188 ? -8.640  -2.786  -10.397 1.00   14.45 ? 205 ILE A CG2 1 
ATOM   1327 C CD1 . ILE A 1 188 ? -6.321  -2.660  -8.231  1.00   14.77 ? 205 ILE A CD1 1 
ATOM   1328 N N   . SER A 1 189 ? -8.788  1.263   -9.475  1.00   12.61 ? 206 SER A N   1 
ATOM   1329 C CA  . SER A 1 189 ? -8.421  2.394   -10.307 1.00   12.33 ? 206 SER A CA  1 
ATOM   1330 C C   . SER A 1 189 ? -6.959  2.761   -10.116 1.00   12.02 ? 206 SER A C   1 
ATOM   1331 O O   . SER A 1 189 ? -6.346  2.435   -9.099  1.00   11.58 ? 206 SER A O   1 
ATOM   1332 C CB  . SER A 1 189 ? -9.311  3.604   -10.011 1.00   12.57 ? 206 SER A CB  1 
ATOM   1333 O OG  . SER A 1 189 ? -9.213  3.991   -8.644  1.00   12.46 ? 206 SER A OG  1 
ATOM   1334 N N   . ILE A 1 190 ? -6.420  3.445   -11.116 1.00   12.02 ? 207 ILE A N   1 
ATOM   1335 C CA  . ILE A 1 190 ? -5.077  4.008   -11.047 1.00   12.25 ? 207 ILE A CA  1 
ATOM   1336 C C   . ILE A 1 190 ? -5.147  5.473   -11.459 1.00   12.21 ? 207 ILE A C   1 
ATOM   1337 O O   . ILE A 1 190 ? -5.767  5.816   -12.470 1.00   12.03 ? 207 ILE A O   1 
ATOM   1338 C CB  . ILE A 1 190 ? -4.075  3.217   -11.927 1.00   12.94 ? 207 ILE A CB  1 
ATOM   1339 C CG1 . ILE A 1 190 ? -2.699  3.894   -11.943 1.00   13.07 ? 207 ILE A CG1 1 
ATOM   1340 C CG2 . ILE A 1 190 ? -4.588  3.080   -13.360 1.00   13.01 ? 207 ILE A CG2 1 
ATOM   1341 C CD1 . ILE A 1 190 ? -1.901  3.779   -10.660 1.00   13.22 ? 207 ILE A CD1 1 
ATOM   1342 N N   . GLU A 1 191 ? -4.515  6.333   -10.664 1.00   11.95 ? 208 GLU A N   1 
ATOM   1343 C CA  . GLU A 1 191 ? -4.567  7.770   -10.907 1.00   12.37 ? 208 GLU A CA  1 
ATOM   1344 C C   . GLU A 1 191 ? -3.164  8.357   -10.863 1.00   11.95 ? 208 GLU A C   1 
ATOM   1345 O O   . GLU A 1 191 ? -2.364  7.988   -10.013 1.00   11.58 ? 208 GLU A O   1 
ATOM   1346 C CB  . GLU A 1 191 ? -5.475  8.470   -9.885  1.00   13.16 ? 208 GLU A CB  1 
ATOM   1347 C CG  . GLU A 1 191 ? -5.511  9.991   -10.065 1.00   14.12 ? 208 GLU A CG  1 
ATOM   1348 C CD  . GLU A 1 191 ? -6.351  10.737  -9.037  1.00   15.16 ? 208 GLU A CD  1 
ATOM   1349 O OE1 . GLU A 1 191 ? -6.392  11.980  -9.123  1.00   15.84 ? 208 GLU A OE1 1 
ATOM   1350 O OE2 . GLU A 1 191 ? -6.978  10.110  -8.158  1.00   15.59 ? 208 GLU A OE2 1 
ATOM   1351 N N   . ASP A 1 192 ? -2.883  9.261   -11.800 1.00   11.41 ? 209 ASP A N   1 
ATOM   1352 C CA  . ASP A 1 192 ? -1.643  10.016  -11.812 1.00   11.23 ? 209 ASP A CA  1 
ATOM   1353 C C   . ASP A 1 192 ? -1.978  11.465  -11.472 1.00   11.37 ? 209 ASP A C   1 
ATOM   1354 O O   . ASP A 1 192 ? -2.806  12.083  -12.148 1.00   11.62 ? 209 ASP A O   1 
ATOM   1355 C CB  . ASP A 1 192 ? -1.010  9.934   -13.209 1.00   11.08 ? 209 ASP A CB  1 
ATOM   1356 C CG  . ASP A 1 192 ? 0.464   10.317  -13.226 1.00   11.00 ? 209 ASP A CG  1 
ATOM   1357 O OD1 . ASP A 1 192 ? 0.955   10.945  -12.263 1.00   11.22 ? 209 ASP A OD1 1 
ATOM   1358 O OD2 . ASP A 1 192 ? 1.135   9.995   -14.227 1.00   11.08 ? 209 ASP A OD2 1 
ATOM   1359 N N   . ARG A 1 193 ? -1.348  11.992  -10.423 1.00   11.50 ? 210 ARG A N   1 
ATOM   1360 C CA  . ARG A 1 193 ? -1.541  13.387  -10.006 1.00   12.17 ? 210 ARG A CA  1 
ATOM   1361 C C   . ARG A 1 193 ? -0.347  14.286  -10.337 1.00   12.06 ? 210 ARG A C   1 
ATOM   1362 O O   . ARG A 1 193 ? -0.287  15.445  -9.911  1.00   11.80 ? 210 ARG A O   1 
ATOM   1363 C CB  . ARG A 1 193 ? -1.846  13.452  -8.508  1.00   12.71 ? 210 ARG A CB  1 
ATOM   1364 C CG  . ARG A 1 193 ? -3.175  12.820  -8.135  1.00   13.71 ? 210 ARG A CG  1 
ATOM   1365 C CD  . ARG A 1 193 ? -3.458  12.986  -6.650  1.00   14.76 ? 210 ARG A CD  1 
ATOM   1366 N NE  . ARG A 1 193 ? -4.832  12.603  -6.334  1.00   16.17 ? 210 ARG A NE  1 
ATOM   1367 C CZ  . ARG A 1 193 ? -5.275  12.349  -5.102  1.00   17.21 ? 210 ARG A CZ  1 
ATOM   1368 N NH1 . ARG A 1 193 ? -4.453  12.423  -4.063  1.00   17.43 ? 210 ARG A NH1 1 
ATOM   1369 N NH2 . ARG A 1 193 ? -6.544  12.012  -4.915  1.00   18.03 ? 210 ARG A NH2 1 
ATOM   1370 N N   . ARG A 1 194 ? 0.598   13.756  -11.106 1.00   11.92 ? 211 ARG A N   1 
ATOM   1371 C CA  . ARG A 1 194 ? 1.812   14.505  -11.410 1.00   12.22 ? 211 ARG A CA  1 
ATOM   1372 C C   . ARG A 1 194 ? 1.568   15.609  -12.441 1.00   12.89 ? 211 ARG A C   1 
ATOM   1373 O O   . ARG A 1 194 ? 0.702   15.491  -13.314 1.00   12.25 ? 211 ARG A O   1 
ATOM   1374 C CB  . ARG A 1 194 ? 2.937   13.570  -11.832 1.00   11.71 ? 211 ARG A CB  1 
ATOM   1375 C CG  . ARG A 1 194 ? 3.378   12.655  -10.699 1.00   10.98 ? 211 ARG A CG  1 
ATOM   1376 C CD  . ARG A 1 194 ? 4.352   11.589  -11.167 1.00   10.68 ? 211 ARG A CD  1 
ATOM   1377 N NE  . ARG A 1 194 ? 3.748   10.633  -12.095 1.00   10.42 ? 211 ARG A NE  1 
ATOM   1378 C CZ  . ARG A 1 194 ? 4.414   9.634   -12.661 1.00   10.26 ? 211 ARG A CZ  1 
ATOM   1379 N NH1 . ARG A 1 194 ? 5.711   9.463   -12.395 1.00   10.10 ? 211 ARG A NH1 1 
ATOM   1380 N NH2 . ARG A 1 194 ? 3.786   8.810   -13.502 1.00   10.18 ? 211 ARG A NH2 1 
ATOM   1381 N N   . GLU A 1 195 ? 2.354   16.674  -12.301 1.00   13.62 ? 212 GLU A N   1 
ATOM   1382 C CA  . GLU A 1 195 ? 2.215   17.913  -13.069 1.00   15.30 ? 212 GLU A CA  1 
ATOM   1383 C C   . GLU A 1 195 ? 2.172   17.675  -14.583 1.00   14.79 ? 212 GLU A C   1 
ATOM   1384 O O   . GLU A 1 195 ? 3.035   16.992  -15.133 1.00   14.49 ? 212 GLU A O   1 
ATOM   1385 C CB  . GLU A 1 195 ? 3.394   18.825  -12.710 1.00   17.26 ? 212 GLU A CB  1 
ATOM   1386 C CG  . GLU A 1 195 ? 3.411   20.184  -13.396 1.00   20.15 ? 212 GLU A CG  1 
ATOM   1387 C CD  . GLU A 1 195 ? 4.740   20.899  -13.225 1.00   22.22 ? 212 GLU A CD  1 
ATOM   1388 O OE1 . GLU A 1 195 ? 5.365   20.771  -12.148 1.00   23.83 ? 212 GLU A OE1 1 
ATOM   1389 O OE2 . GLU A 1 195 ? 5.166   21.599  -14.172 1.00   24.07 ? 212 GLU A OE2 1 
ATOM   1390 N N   . GLY A 1 196 ? 1.149   18.224  -15.236 1.00   14.64 ? 213 GLY A N   1 
ATOM   1391 C CA  . GLY A 1 196 ? 1.057   18.199  -16.705 1.00   14.40 ? 213 GLY A CA  1 
ATOM   1392 C C   . GLY A 1 196 ? 0.714   16.853  -17.324 1.00   14.22 ? 213 GLY A C   1 
ATOM   1393 O O   . GLY A 1 196 ? 0.804   16.685  -18.551 1.00   14.69 ? 213 GLY A O   1 
ATOM   1394 N N   . GLN A 1 197 ? 0.321   15.889  -16.494 1.00   13.78 ? 214 GLN A N   1 
ATOM   1395 C CA  . GLN A 1 197 ? 0.007   14.557  -17.005 1.00   13.72 ? 214 GLN A CA  1 
ATOM   1396 C C   . GLN A 1 197 ? -1.065  13.837  -16.200 1.00   14.04 ? 214 GLN A C   1 
ATOM   1397 O O   . GLN A 1 197 ? -1.155  12.601  -16.226 1.00   14.03 ? 214 GLN A O   1 
ATOM   1398 C CB  . GLN A 1 197 ? 1.276   13.713  -17.094 1.00   13.28 ? 214 GLN A CB  1 
ATOM   1399 C CG  . GLN A 1 197 ? 1.901   13.379  -15.742 1.00   12.89 ? 214 GLN A CG  1 
ATOM   1400 C CD  . GLN A 1 197 ? 3.264   12.759  -15.903 1.00   13.01 ? 214 GLN A CD  1 
ATOM   1401 O OE1 . GLN A 1 197 ? 4.182   13.393  -16.418 1.00   12.74 ? 214 GLN A OE1 1 
ATOM   1402 N NE2 . GLN A 1 197 ? 3.406   11.512  -15.466 1.00   12.67 ? 214 GLN A NE2 1 
ATOM   1403 N N   . GLU A 1 198 ? -1.883  14.605  -15.484 1.00   14.58 ? 215 GLU A N   1 
ATOM   1404 C CA  . GLU A 1 198 ? -2.945  14.032  -14.667 1.00   15.28 ? 215 GLU A CA  1 
ATOM   1405 C C   . GLU A 1 198 ? -3.832  13.117  -15.501 1.00   15.56 ? 215 GLU A C   1 
ATOM   1406 O O   . GLU A 1 198 ? -4.241  13.475  -16.606 1.00   15.46 ? 215 GLU A O   1 
ATOM   1407 C CB  . GLU A 1 198 ? -3.786  15.131  -14.021 1.00   16.43 ? 215 GLU A CB  1 
ATOM   1408 C CG  . GLU A 1 198 ? -3.011  15.988  -13.032 1.00   17.30 ? 215 GLU A CG  1 
ATOM   1409 C CD  . GLU A 1 198 ? -2.405  17.235  -13.653 1.00   18.88 ? 215 GLU A CD  1 
ATOM   1410 O OE1 . GLU A 1 198 ? -2.064  18.151  -12.871 1.00   20.23 ? 215 GLU A OE1 1 
ATOM   1411 O OE2 . GLU A 1 198 ? -2.266  17.318  -14.900 1.00   19.00 ? 215 GLU A OE2 1 
ATOM   1412 N N   . ASP A 1 199 ? -4.112  11.931  -14.971 1.00   15.43 ? 216 ASP A N   1 
ATOM   1413 C CA  . ASP A 1 199 ? -4.880  10.920  -15.702 1.00   15.78 ? 216 ASP A CA  1 
ATOM   1414 C C   . ASP A 1 199 ? -5.472  9.972   -14.671 1.00   15.75 ? 216 ASP A C   1 
ATOM   1415 O O   . ASP A 1 199 ? -4.999  9.910   -13.532 1.00   14.62 ? 216 ASP A O   1 
ATOM   1416 C CB  . ASP A 1 199 ? -3.979  10.165  -16.702 1.00   16.65 ? 216 ASP A CB  1 
ATOM   1417 C CG  . ASP A 1 199 ? -4.761  9.521   -17.864 1.00   17.46 ? 216 ASP A CG  1 
ATOM   1418 O OD1 . ASP A 1 199 ? -6.009  9.543   -17.862 1.00   18.05 ? 216 ASP A OD1 1 
ATOM   1419 O OD2 . ASP A 1 199 ? -4.109  8.993   -18.796 1.00   18.32 ? 216 ASP A OD2 1 
ATOM   1420 N N   . LYS A 1 200 ? -6.533  9.271   -15.055 1.00   15.81 ? 217 LYS A N   1 
ATOM   1421 C CA  . LYS A 1 200 ? -7.121  8.249   -14.201 1.00   16.17 ? 217 LYS A CA  1 
ATOM   1422 C C   . LYS A 1 200 ? -7.834  7.228   -15.071 1.00   16.81 ? 217 LYS A C   1 
ATOM   1423 O O   . LYS A 1 200 ? -8.516  7.585   -16.037 1.00   16.33 ? 217 LYS A O   1 
ATOM   1424 C CB  . LYS A 1 200 ? -8.083  8.866   -13.167 1.00   16.52 ? 217 LYS A CB  1 
ATOM   1425 C CG  . LYS A 1 200 ? -8.675  7.859   -12.194 1.00   17.01 ? 217 LYS A CG  1 
ATOM   1426 C CD  . LYS A 1 200 ? -9.447  8.515   -11.062 1.00   17.28 ? 217 LYS A CD  1 
ATOM   1427 C CE  . LYS A 1 200 ? -10.010 7.457   -10.128 1.00   17.96 ? 217 LYS A CE  1 
ATOM   1428 N NZ  . LYS A 1 200 ? -10.723 8.034   -8.951  1.00   18.96 ? 217 LYS A NZ  1 
ATOM   1429 N N   . LYS A 1 201 ? -7.642  5.955   -14.744 1.00   16.86 ? 218 LYS A N   1 
ATOM   1430 C CA  . LYS A 1 201 ? -8.328  4.869   -15.424 1.00   17.70 ? 218 LYS A CA  1 
ATOM   1431 C C   . LYS A 1 201 ? -8.964  4.015   -14.342 1.00   17.54 ? 218 LYS A C   1 
ATOM   1432 O O   . LYS A 1 201 ? -8.344  3.758   -13.304 1.00   16.78 ? 218 LYS A O   1 
ATOM   1433 C CB  . LYS A 1 201 ? -7.358  4.069   -16.305 1.00   18.93 ? 218 LYS A CB  1 
ATOM   1434 C CG  . LYS A 1 201 ? -6.807  4.914   -17.454 1.00   20.55 ? 218 LYS A CG  1 
ATOM   1435 C CD  . LYS A 1 201 ? -5.790  4.215   -18.340 1.00   22.73 ? 218 LYS A CD  1 
ATOM   1436 C CE  . LYS A 1 201 ? -5.651  4.993   -19.647 1.00   24.35 ? 218 LYS A CE  1 
ATOM   1437 N NZ  . LYS A 1 201 ? -4.524  4.553   -20.518 1.00   27.14 ? 218 LYS A NZ  1 
ATOM   1438 N N   . GLU A 1 202 ? -10.216 3.631   -14.572 1.00   17.55 ? 219 GLU A N   1 
ATOM   1439 C CA  . GLU A 1 202 ? -10.992 2.845   -13.611 1.00   17.80 ? 219 GLU A CA  1 
ATOM   1440 C C   . GLU A 1 202 ? -11.380 1.535   -14.271 1.00   17.20 ? 219 GLU A C   1 
ATOM   1441 O O   . GLU A 1 202 ? -11.816 1.527   -15.424 1.00   17.15 ? 219 GLU A O   1 
ATOM   1442 C CB  . GLU A 1 202 ? -12.242 3.614   -13.172 1.00   19.81 ? 219 GLU A CB  1 
ATOM   1443 C CG  . GLU A 1 202 ? -11.925 4.933   -12.476 1.00   22.14 ? 219 GLU A CG  1 
ATOM   1444 C CD  . GLU A 1 202 ? -13.158 5.683   -12.012 1.00   25.01 ? 219 GLU A CD  1 
ATOM   1445 O OE1 . GLU A 1 202 ? -13.246 6.892   -12.285 1.00   26.99 ? 219 GLU A OE1 1 
ATOM   1446 O OE2 . GLU A 1 202 ? -14.033 5.072   -11.364 1.00   27.67 ? 219 GLU A OE2 1 
ATOM   1447 N N   . TYR A 1 203 ? -11.207 0.428   -13.551 1.00   16.38 ? 220 TYR A N   1 
ATOM   1448 C CA  . TYR A 1 203 ? -11.503 -0.889  -14.112 1.00   15.90 ? 220 TYR A CA  1 
ATOM   1449 C C   . TYR A 1 203 ? -12.461 -1.659  -13.231 1.00   15.51 ? 220 TYR A C   1 
ATOM   1450 O O   . TYR A 1 203 ? -12.385 -1.588  -12.001 1.00   15.61 ? 220 TYR A O   1 
ATOM   1451 C CB  . TYR A 1 203 ? -10.216 -1.703  -14.325 1.00   16.76 ? 220 TYR A CB  1 
ATOM   1452 C CG  . TYR A 1 203 ? -9.242  -1.041  -15.260 1.00   17.33 ? 220 TYR A CG  1 
ATOM   1453 C CD1 . TYR A 1 203 ? -9.390  -1.148  -16.644 1.00   17.70 ? 220 TYR A CD1 1 
ATOM   1454 C CD2 . TYR A 1 203 ? -8.182  -0.279  -14.765 1.00   17.82 ? 220 TYR A CD2 1 
ATOM   1455 C CE1 . TYR A 1 203 ? -8.500  -0.523  -17.506 1.00   18.64 ? 220 TYR A CE1 1 
ATOM   1456 C CE2 . TYR A 1 203 ? -7.288  0.346   -15.623 1.00   18.53 ? 220 TYR A CE2 1 
ATOM   1457 C CZ  . TYR A 1 203 ? -7.453  0.221   -16.989 1.00   19.01 ? 220 TYR A CZ  1 
ATOM   1458 O OH  . TYR A 1 203 ? -6.570  0.845   -17.851 1.00   20.45 ? 220 TYR A OH  1 
ATOM   1459 N N   . HIS A 1 204 ? -13.362 -2.401  -13.872 1.00   15.23 ? 221 HIS A N   1 
ATOM   1460 C CA  . HIS A 1 204 ? -14.293 -3.281  -13.175 1.00   14.90 ? 221 HIS A CA  1 
ATOM   1461 C C   . HIS A 1 204 ? -14.855 -4.254  -14.163 1.00   14.88 ? 221 HIS A C   1 
ATOM   1462 O O   . HIS A 1 204 ? -15.536 -3.858  -15.125 1.00   15.14 ? 221 HIS A O   1 
ATOM   1463 C CB  . HIS A 1 204 ? -15.422 -2.491  -12.514 1.00   15.01 ? 221 HIS A CB  1 
ATOM   1464 C CG  . HIS A 1 204 ? -16.497 -3.357  -11.905 1.00   15.14 ? 221 HIS A CG  1 
ATOM   1465 N ND1 . HIS A 1 204 ? -17.765 -3.363  -12.354 1.00   15.68 ? 221 HIS A ND1 1 
ATOM   1466 C CD2 . HIS A 1 204 ? -16.445 -4.279  -10.861 1.00   15.27 ? 221 HIS A CD2 1 
ATOM   1467 C CE1 . HIS A 1 204 ? -18.493 -4.231  -11.623 1.00   15.62 ? 221 HIS A CE1 1 
ATOM   1468 N NE2 . HIS A 1 204 ? -17.684 -4.794  -10.715 1.00   15.38 ? 221 HIS A NE2 1 
ATOM   1469 N N   . TYR A 1 205 ? -14.541 -5.529  -13.958 1.00   14.09 ? 222 TYR A N   1 
ATOM   1470 C CA  . TYR A 1 205 ? -15.160 -6.612  -14.717 1.00   13.83 ? 222 TYR A CA  1 
ATOM   1471 C C   . TYR A 1 205 ? -16.336 -7.165  -13.916 1.00   14.18 ? 222 TYR A C   1 
ATOM   1472 O O   . TYR A 1 205 ? -16.205 -7.465  -12.723 1.00   13.39 ? 222 TYR A O   1 
ATOM   1473 C CB  . TYR A 1 205 ? -14.120 -7.685  -15.064 1.00   13.95 ? 222 TYR A CB  1 
ATOM   1474 C CG  . TYR A 1 205 ? -13.072 -7.137  -16.006 1.00   14.12 ? 222 TYR A CG  1 
ATOM   1475 C CD1 . TYR A 1 205 ? -11.907 -6.542  -15.518 1.00   14.14 ? 222 TYR A CD1 1 
ATOM   1476 C CD2 . TYR A 1 205 ? -13.267 -7.171  -17.390 1.00   14.34 ? 222 TYR A CD2 1 
ATOM   1477 C CE1 . TYR A 1 205 ? -10.950 -6.016  -16.384 1.00   14.42 ? 222 TYR A CE1 1 
ATOM   1478 C CE2 . TYR A 1 205 ? -12.316 -6.647  -18.263 1.00   14.64 ? 222 TYR A CE2 1 
ATOM   1479 C CZ  . TYR A 1 205 ? -11.167 -6.066  -17.759 1.00   14.72 ? 222 TYR A CZ  1 
ATOM   1480 O OH  . TYR A 1 205 ? -10.219 -5.545  -18.622 1.00   14.53 ? 222 TYR A OH  1 
ATOM   1481 N N   . GLU A 1 206 ? -17.494 -7.253  -14.567 1.00   14.57 ? 223 GLU A N   1 
ATOM   1482 C CA  . GLU A 1 206 ? -18.726 -7.603  -13.877 1.00   15.45 ? 223 GLU A CA  1 
ATOM   1483 C C   . GLU A 1 206 ? -18.812 -9.086  -13.533 1.00   15.06 ? 223 GLU A C   1 
ATOM   1484 O O   . GLU A 1 206 ? -18.306 -9.931  -14.268 1.00   14.55 ? 223 GLU A O   1 
ATOM   1485 C CB  . GLU A 1 206 ? -19.937 -7.203  -14.716 1.00   16.94 ? 223 GLU A CB  1 
ATOM   1486 C CG  . GLU A 1 206 ? -20.162 -5.700  -14.790 1.00   19.14 ? 223 GLU A CG  1 
ATOM   1487 C CD  . GLU A 1 206 ? -21.336 -5.327  -15.679 1.00   21.53 ? 223 GLU A CD  1 
ATOM   1488 O OE1 . GLU A 1 206 ? -21.612 -6.055  -16.651 1.00   23.21 ? 223 GLU A OE1 1 
ATOM   1489 O OE2 . GLU A 1 206 ? -21.979 -4.297  -15.409 1.00   24.28 ? 223 GLU A OE2 1 
ATOM   1490 N N   . GLY A 1 207 ? -19.465 -9.382  -12.414 1.00   14.91 ? 224 GLY A N   1 
ATOM   1491 C CA  . GLY A 1 207 ? -19.767 -10.766 -12.035 1.00   14.93 ? 224 GLY A CA  1 
ATOM   1492 C C   . GLY A 1 207 ? -21.061 -11.252 -12.671 1.00   15.22 ? 224 GLY A C   1 
ATOM   1493 O O   . GLY A 1 207 ? -21.351 -10.941 -13.825 1.00   14.94 ? 224 GLY A O   1 
ATOM   1494 N N   . LEU A 1 208 ? -21.852 -12.006 -11.912 1.00   15.41 ? 225 LEU A N   1 
ATOM   1495 C CA  . LEU A 1 208 ? -23.078 -12.627 -12.450 1.00   16.66 ? 225 LEU A CA  1 
ATOM   1496 C C   . LEU A 1 208 ? -24.163 -11.624 -12.866 1.00   17.71 ? 225 LEU A C   1 
ATOM   1497 O O   . LEU A 1 208 ? -25.097 -11.980 -13.590 1.00   18.71 ? 225 LEU A O   1 
ATOM   1498 C CB  . LEU A 1 208 ? -23.648 -13.644 -11.455 1.00   16.33 ? 225 LEU A CB  1 
ATOM   1499 C CG  . LEU A 1 208 ? -22.768 -14.854 -11.125 1.00   16.17 ? 225 LEU A CG  1 
ATOM   1500 C CD1 . LEU A 1 208 ? -23.400 -15.639 -9.991  1.00   15.89 ? 225 LEU A CD1 1 
ATOM   1501 C CD2 . LEU A 1 208 ? -22.541 -15.748 -12.339 1.00   16.31 ? 225 LEU A CD2 1 
ATOM   1502 N N   . GLU A 1 209 ? -24.036 -10.377 -12.411 1.00   18.53 ? 226 GLU A N   1 
ATOM   1503 C CA  . GLU A 1 209 ? -24.982 -9.313  -12.774 1.00   19.85 ? 226 GLU A CA  1 
ATOM   1504 C C   . GLU A 1 209 ? -24.881 -8.891  -14.246 1.00   21.72 ? 226 GLU A C   1 
ATOM   1505 O O   . GLU A 1 209 ? -25.758 -8.183  -14.748 1.00   23.25 ? 226 GLU A O   1 
ATOM   1506 C CB  . GLU A 1 209 ? -24.826 -8.093  -11.843 1.00   19.57 ? 226 GLU A CB  1 
ATOM   1507 C CG  . GLU A 1 209 ? -23.559 -7.261  -12.042 1.00   19.27 ? 226 GLU A CG  1 
ATOM   1508 C CD  . GLU A 1 209 ? -22.311 -7.830  -11.369 1.00   19.12 ? 226 GLU A CD  1 
ATOM   1509 O OE1 . GLU A 1 209 ? -21.260 -7.155  -11.427 1.00   18.68 ? 226 GLU A OE1 1 
ATOM   1510 O OE2 . GLU A 1 209 ? -22.361 -8.934  -10.788 1.00   18.78 ? 226 GLU A OE2 1 
ATOM   1511 N N   . HIS A 1 210 ? -23.830 -9.342  -14.933 1.00   22.90 ? 227 HIS A N   1 
ATOM   1512 C CA  . HIS A 1 210 ? -23.573 -8.947  -16.322 1.00   25.00 ? 227 HIS A CA  1 
ATOM   1513 C C   . HIS A 1 210 ? -24.671 -9.330  -17.287 1.00   26.24 ? 227 HIS A C   1 
ATOM   1514 O O   . HIS A 1 210 ? -25.163 -10.461 -17.281 1.00   27.11 ? 227 HIS A O   1 
ATOM   1515 C CB  . HIS A 1 210 ? -22.234 -9.498  -16.792 1.00   25.89 ? 227 HIS A CB  1 
ATOM   1516 C CG  . HIS A 1 210 ? -21.939 -9.207  -18.243 1.00   27.67 ? 227 HIS A CG  1 
ATOM   1517 N ND1 . HIS A 1 210 ? -21.971 -10.158 -19.189 1.00   28.28 ? 227 HIS A ND1 1 
ATOM   1518 C CD2 . HIS A 1 210 ? -21.619 -8.018  -18.889 1.00   27.80 ? 227 HIS A CD2 1 
ATOM   1519 C CE1 . HIS A 1 210 ? -21.677 -9.610  -20.380 1.00   28.53 ? 227 HIS A CE1 1 
ATOM   1520 N NE2 . HIS A 1 210 ? -21.464 -8.300  -20.198 1.00   29.28 ? 227 HIS A NE2 1 
HETATM 1521 F F31 . 920 B 2 .   ? -0.081  -3.165  3.773   1.00   13.65 ? 301 920 A F31 1 
HETATM 1522 C C6  . 920 B 2 .   ? -1.428  -3.259  3.757   1.00   12.73 ? 301 920 A C6  1 
HETATM 1523 C C1  . 920 B 2 .   ? -2.135  -2.380  2.916   1.00   12.47 ? 301 920 A C1  1 
HETATM 1524 C C5  . 920 B 2 .   ? -2.069  -4.205  4.590   1.00   12.74 ? 301 920 A C5  1 
HETATM 1525 C C4  . 920 B 2 .   ? -3.465  -4.258  4.576   1.00   12.40 ? 301 920 A C4  1 
HETATM 1526 C C9  . 920 B 2 .   ? -4.492  -5.068  5.260   1.00   12.35 ? 301 920 A C9  1 
HETATM 1527 C C10 . 920 B 2 .   ? -4.535  -6.149  6.290   1.00   12.53 ? 301 920 A C10 1 
HETATM 1528 N N22 . 920 B 2 .   ? -3.465  -6.835  6.857   1.00   12.82 ? 301 920 A N22 1 
HETATM 1529 C C26 . 920 B 2 .   ? -2.176  -7.005  6.196   1.00   13.07 ? 301 920 A C26 1 
HETATM 1530 C C25 . 920 B 2 .   ? -1.837  -8.455  6.577   1.00   13.40 ? 301 920 A C25 1 
HETATM 1531 C C28 . 920 B 2 .   ? -2.280  -9.589  5.645   1.00   13.71 ? 301 920 A C28 1 
HETATM 1532 N N29 . 920 B 2 .   ? -2.652  -9.260  4.275   1.00   14.35 ? 301 920 A N29 1 
HETATM 1533 C C27 . 920 B 2 .   ? -3.461  -9.864  6.573   1.00   13.94 ? 301 920 A C27 1 
HETATM 1534 C C24 . 920 B 2 .   ? -2.862  -8.900  7.605   1.00   13.38 ? 301 920 A C24 1 
HETATM 1535 C C30 . 920 B 2 .   ? -2.240  -9.629  8.800   1.00   13.84 ? 301 920 A C30 1 
HETATM 1536 C C23 . 920 B 2 .   ? -3.657  -7.674  8.031   1.00   13.16 ? 301 920 A C23 1 
HETATM 1537 N N11 . 920 B 2 .   ? -5.775  -6.584  6.630   1.00   12.35 ? 301 920 A N11 1 
HETATM 1538 C C12 . 920 B 2 .   ? -6.919  -6.065  6.117   1.00   12.62 ? 301 920 A C12 1 
HETATM 1539 N N13 . 920 B 2 .   ? -6.934  -5.098  5.191   1.00   12.26 ? 301 920 A N13 1 
HETATM 1540 C C8  . 920 B 2 .   ? -5.784  -4.569  4.756   1.00   12.28 ? 301 920 A C8  1 
HETATM 1541 N N7  . 920 B 2 .   ? -5.552  -3.603  3.861   1.00   12.04 ? 301 920 A N7  1 
HETATM 1542 C C3  . 920 B 2 .   ? -4.235  -3.353  3.711   1.00   12.31 ? 301 920 A C3  1 
HETATM 1543 C C2  . 920 B 2 .   ? -3.535  -2.384  2.864   1.00   12.22 ? 301 920 A C2  1 
HETATM 1544 N N32 . 920 B 2 .   ? -4.314  -1.578  2.099   1.00   12.32 ? 301 920 A N32 1 
HETATM 1545 C C33 . 920 B 2 .   ? -3.798  -0.407  1.412   1.00   11.95 ? 301 920 A C33 1 
HETATM 1546 O O14 . 920 B 2 .   ? -8.141  -6.508  6.511   1.00   13.00 ? 301 920 A O14 1 
HETATM 1547 C C15 . 920 B 2 .   ? -8.297  -7.398  7.535   1.00   13.15 ? 301 920 A C15 1 
HETATM 1548 C C20 . 920 B 2 .   ? -9.085  -7.070  8.635   1.00   13.53 ? 301 920 A C20 1 
HETATM 1549 N N19 . 920 B 2 .   ? -9.236  -7.991  9.607   1.00   13.76 ? 301 920 A N19 1 
HETATM 1550 C C18 . 920 B 2 .   ? -8.630  -9.201  9.517   1.00   13.91 ? 301 920 A C18 1 
HETATM 1551 C C21 . 920 B 2 .   ? -8.803  -10.221 10.614  1.00   14.43 ? 301 920 A C21 1 
HETATM 1552 N N17 . 920 B 2 .   ? -7.866  -9.525  8.452   1.00   14.03 ? 301 920 A N17 1 
HETATM 1553 C C16 . 920 B 2 .   ? -7.694  -8.646  7.459   1.00   13.67 ? 301 920 A C16 1 
HETATM 1554 O O   . TBU C 3 .   ? -13.022 -11.206 -7.037  1.00   12.88 ? 302 TBU A O   1 
HETATM 1555 C C   . TBU C 3 .   ? -13.632 -10.818 -5.796  1.00   13.65 ? 302 TBU A C   1 
HETATM 1556 C C1  . TBU C 3 .   ? -12.852 -11.439 -4.651  1.00   13.81 ? 302 TBU A C1  1 
HETATM 1557 C C2  . TBU C 3 .   ? -13.602 -9.293  -5.713  1.00   13.76 ? 302 TBU A C2  1 
HETATM 1558 C C3  . TBU C 3 .   ? -15.064 -11.347 -5.743  1.00   13.83 ? 302 TBU A C3  1 
HETATM 1559 O O   . HOH D 4 .   ? 9.165   7.406   -5.873  1.00   9.87  ? 401 HOH A O   1 
HETATM 1560 O O   . HOH D 4 .   ? -12.258 -12.469 -15.500 1.00   9.38  ? 402 HOH A O   1 
HETATM 1561 O O   . HOH D 4 .   ? -7.265  -9.503  4.406   1.00   13.10 ? 403 HOH A O   1 
HETATM 1562 O O   . HOH D 4 .   ? -13.037 -6.564  -11.762 1.00   10.09 ? 404 HOH A O   1 
HETATM 1563 O O   . HOH D 4 .   ? -0.015  10.179  -16.678 1.00   11.88 ? 405 HOH A O   1 
HETATM 1564 O O   . HOH D 4 .   ? 1.704   1.197   18.557  1.00   14.94 ? 406 HOH A O   1 
HETATM 1565 O O   . HOH D 4 .   ? 9.607   4.066   6.271   1.00   9.02  ? 407 HOH A O   1 
HETATM 1566 O O   . HOH D 4 .   ? -14.875 -8.555  -1.874  1.00   11.81 ? 408 HOH A O   1 
HETATM 1567 O O   . HOH D 4 .   ? -7.024  5.573   -8.397  1.00   11.39 ? 409 HOH A O   1 
HETATM 1568 O O   . HOH D 4 .   ? -8.778  -2.966  5.030   1.00   9.79  ? 410 HOH A O   1 
HETATM 1569 O O   . HOH D 4 .   ? 11.015  0.857   15.034  1.00   16.12 ? 411 HOH A O   1 
HETATM 1570 O O   . HOH D 4 .   ? -17.395 -11.370 -9.470  1.00   12.32 ? 412 HOH A O   1 
HETATM 1571 O O   . HOH D 4 .   ? 0.986   7.392   15.645  1.00   11.92 ? 413 HOH A O   1 
HETATM 1572 O O   . HOH D 4 .   ? 23.512  -1.789  0.836   1.00   12.84 ? 414 HOH A O   1 
HETATM 1573 O O   . HOH D 4 .   ? 8.485   13.443  -1.423  1.00   14.24 ? 415 HOH A O   1 
HETATM 1574 O O   . HOH D 4 .   ? 4.470   16.511  -10.316 1.00   14.01 ? 416 HOH A O   1 
HETATM 1575 O O   . HOH D 4 .   ? 3.458   7.538   14.204  1.00   10.99 ? 417 HOH A O   1 
HETATM 1576 O O   . HOH D 4 .   ? 13.926  5.989   -15.447 1.00   20.88 ? 418 HOH A O   1 
HETATM 1577 O O   . HOH D 4 .   ? -5.032  -8.125  3.744   1.00   13.58 ? 419 HOH A O   1 
HETATM 1578 O O   . HOH D 4 .   ? 15.767  2.790   -9.145  1.00   13.23 ? 420 HOH A O   1 
HETATM 1579 O O   . HOH D 4 .   ? 4.151   12.504  -0.027  1.00   14.79 ? 421 HOH A O   1 
HETATM 1580 O O   . HOH D 4 .   ? 10.601  8.875   -3.865  1.00   12.55 ? 422 HOH A O   1 
HETATM 1581 O O   . HOH D 4 .   ? 21.341  -8.557  -2.353  1.00   14.29 ? 423 HOH A O   1 
HETATM 1582 O O   . HOH D 4 .   ? -8.166  7.808   -7.294  1.00   14.99 ? 424 HOH A O   1 
HETATM 1583 O O   . HOH D 4 .   ? 5.894   11.779  11.638  1.00   15.53 ? 425 HOH A O   1 
HETATM 1584 O O   . HOH D 4 .   ? -9.033  3.331   3.628   1.00   12.55 ? 426 HOH A O   1 
HETATM 1585 O O   . HOH D 4 .   ? -2.282  6.789   5.164   1.00   14.96 ? 427 HOH A O   1 
HETATM 1586 O O   . HOH D 4 .   ? -0.649  10.192  3.444   1.00   15.76 ? 428 HOH A O   1 
HETATM 1587 O O   . HOH D 4 .   ? -14.445 -2.511  9.873   1.00   17.86 ? 429 HOH A O   1 
HETATM 1588 O O   . HOH D 4 .   ? -7.810  7.420   3.042   1.00   17.98 ? 430 HOH A O   1 
HETATM 1589 O O   . HOH D 4 .   ? -7.882  -13.311 2.035   1.00   19.23 ? 431 HOH A O   1 
HETATM 1590 O O   . HOH D 4 .   ? 2.726   -3.613  -16.351 1.00   16.47 ? 432 HOH A O   1 
HETATM 1591 O O   . HOH D 4 .   ? -21.216 9.627   12.491  1.00   17.55 ? 433 HOH A O   1 
HETATM 1592 O O   . HOH D 4 .   ? 14.639  9.583   -10.384 1.00   13.21 ? 434 HOH A O   1 
HETATM 1593 O O   . HOH D 4 .   ? 6.693   -3.684  16.247  1.00   20.25 ? 435 HOH A O   1 
HETATM 1594 O O   . HOH D 4 .   ? -4.560  -10.877 -7.740  1.00   20.41 ? 436 HOH A O   1 
HETATM 1595 O O   . HOH D 4 .   ? -17.674 -6.642  -17.314 1.00   19.36 ? 437 HOH A O   1 
HETATM 1596 O O   . HOH D 4 .   ? 10.463  -0.894  12.763  1.00   17.46 ? 438 HOH A O   1 
HETATM 1597 O O   . HOH D 4 .   ? 19.015  1.592   -8.349  1.00   19.49 ? 439 HOH A O   1 
HETATM 1598 O O   . HOH D 4 .   ? -19.249 -6.898  -9.492  1.00   16.73 ? 440 HOH A O   1 
HETATM 1599 O O   . HOH D 4 .   ? -15.819 2.898   10.938  1.00   21.71 ? 441 HOH A O   1 
HETATM 1600 O O   . HOH D 4 .   ? -1.836  9.753   0.898   1.00   20.41 ? 442 HOH A O   1 
HETATM 1601 O O   . HOH D 4 .   ? -5.324  13.209  -11.403 1.00   16.36 ? 443 HOH A O   1 
HETATM 1602 O O   . HOH D 4 .   ? 2.519   6.312   -18.833 1.00   18.42 ? 444 HOH A O   1 
HETATM 1603 O O   . HOH D 4 .   ? -21.402 -12.324 -9.093  1.00   15.78 ? 445 HOH A O   1 
HETATM 1604 O O   . HOH D 4 .   ? 3.879   10.265  13.133  1.00   15.87 ? 446 HOH A O   1 
HETATM 1605 O O   . HOH D 4 .   ? 7.208   15.449  8.437   1.00   20.93 ? 447 HOH A O   1 
HETATM 1606 O O   . HOH D 4 .   ? 0.828   10.099  16.374  1.00   17.06 ? 448 HOH A O   1 
HETATM 1607 O O   . HOH D 4 .   ? -15.637 2.142   3.493   1.00   15.95 ? 449 HOH A O   1 
HETATM 1608 O O   . HOH D 4 .   ? -15.840 -0.493  11.268  1.00   23.05 ? 450 HOH A O   1 
HETATM 1609 O O   . HOH D 4 .   ? 1.222   0.637   21.280  1.00   23.42 ? 451 HOH A O   1 
HETATM 1610 O O   . HOH D 4 .   ? -13.502 9.675   7.264   1.00   23.25 ? 452 HOH A O   1 
HETATM 1611 O O   . HOH D 4 .   ? 9.004   1.706   -17.030 1.00   18.34 ? 453 HOH A O   1 
HETATM 1612 O O   . HOH D 4 .   ? 5.073   -4.498  -15.160 1.00   20.66 ? 454 HOH A O   1 
HETATM 1613 O O   . HOH D 4 .   ? 20.289  0.117   -4.707  1.00   19.95 ? 455 HOH A O   1 
HETATM 1614 O O   . HOH D 4 .   ? -3.751  -5.042  -19.239 1.00   21.86 ? 456 HOH A O   1 
HETATM 1615 O O   . HOH D 4 .   ? 17.947  9.021   7.435   1.00   17.44 ? 457 HOH A O   1 
HETATM 1616 O O   . HOH D 4 .   ? 0.510   -7.569  -9.025  1.00   22.05 ? 458 HOH A O   1 
HETATM 1617 O O   . HOH D 4 .   ? 21.231  -1.448  -2.473  1.00   20.08 ? 459 HOH A O   1 
HETATM 1618 O O   . HOH D 4 .   ? -9.009  -4.492  15.248  1.00   20.12 ? 460 HOH A O   1 
HETATM 1619 O O   . HOH D 4 .   ? -11.322 2.177   -1.627  1.00   23.26 ? 461 HOH A O   1 
HETATM 1620 O O   . HOH D 4 .   ? 9.751   12.970  -3.725  1.00   20.03 ? 462 HOH A O   1 
HETATM 1621 O O   . HOH D 4 .   ? -13.786 -14.286 4.835   1.00   20.45 ? 463 HOH A O   1 
HETATM 1622 O O   . HOH D 4 .   ? 5.438   -3.629  -12.394 1.00   18.79 ? 464 HOH A O   1 
HETATM 1623 O O   . HOH D 4 .   ? -19.256 -12.142 -15.805 1.00   19.42 ? 465 HOH A O   1 
HETATM 1624 O O   . HOH D 4 .   ? -11.230 -5.247  -21.161 1.00   17.90 ? 466 HOH A O   1 
HETATM 1625 O O   . HOH D 4 .   ? 11.495  -3.302  12.954  1.00   20.54 ? 467 HOH A O   1 
HETATM 1626 O O   . HOH D 4 .   ? -11.581 5.456   -8.048  1.00   22.87 ? 468 HOH A O   1 
HETATM 1627 O O   . HOH D 4 .   ? -11.704 1.717   -7.340  1.00   23.07 ? 469 HOH A O   1 
HETATM 1628 O O   . HOH D 4 .   ? 10.810  11.362  -8.594  1.00   23.60 ? 470 HOH A O   1 
HETATM 1629 O O   . HOH D 4 .   ? -5.302  7.234   20.631  1.00   22.00 ? 471 HOH A O   1 
HETATM 1630 O O   . HOH D 4 .   ? 15.359  1.378   -13.950 1.00   21.88 ? 472 HOH A O   1 
HETATM 1631 O O   . HOH D 4 .   ? -0.508  20.077  -13.865 1.00   23.20 ? 473 HOH A O   1 
HETATM 1632 O O   . HOH D 4 .   ? -18.245 11.155  8.458   1.00   23.47 ? 474 HOH A O   1 
HETATM 1633 O O   . HOH D 4 .   ? -10.939 -7.109  11.621  1.00   26.22 ? 475 HOH A O   1 
HETATM 1634 O O   . HOH D 4 .   ? 3.673   -2.867  -18.885 1.00   23.48 ? 476 HOH A O   1 
HETATM 1635 O O   . HOH D 4 .   ? 7.615   -0.182  18.430  1.00   23.83 ? 477 HOH A O   1 
HETATM 1636 O O   . HOH D 4 .   ? -21.476 -9.885  -8.158  1.00   23.30 ? 478 HOH A O   1 
HETATM 1637 O O   . HOH D 4 .   ? 2.593   -8.183  -0.003  1.00   21.94 ? 479 HOH A O   1 
HETATM 1638 O O   . HOH D 4 .   ? -16.462 9.322   7.155   1.00   25.96 ? 480 HOH A O   1 
HETATM 1639 O O   . HOH D 4 .   ? 5.489   1.358   -19.914 1.00   22.34 ? 481 HOH A O   1 
HETATM 1640 O O   . HOH D 4 .   ? 4.640   9.782   5.201   1.00   24.99 ? 482 HOH A O   1 
HETATM 1641 O O   . HOH D 4 .   ? 19.734  6.836   5.820   1.00   25.11 ? 483 HOH A O   1 
HETATM 1642 O O   . HOH D 4 .   ? 7.944   -4.584  -11.433 1.00   21.60 ? 484 HOH A O   1 
HETATM 1643 O O   . HOH D 4 .   ? -15.340 4.196   1.627   1.00   27.43 ? 485 HOH A O   1 
HETATM 1644 O O   . HOH D 4 .   ? 22.552  2.738   -2.267  1.00   23.78 ? 486 HOH A O   1 
HETATM 1645 O O   . HOH D 4 .   ? 3.601   -0.304  -20.169 1.00   26.38 ? 487 HOH A O   1 
HETATM 1646 O O   . HOH D 4 .   ? -16.210 -3.573  7.759   1.00   26.38 ? 488 HOH A O   1 
HETATM 1647 O O   . HOH D 4 .   ? -7.755  -6.664  16.805  1.00   29.58 ? 489 HOH A O   1 
HETATM 1648 O O   . HOH D 4 .   ? -18.271 10.429  12.818  1.00   39.54 ? 490 HOH A O   1 
HETATM 1649 O O   . HOH D 4 .   ? -21.607 -4.400  -11.607 1.00   22.08 ? 491 HOH A O   1 
HETATM 1650 O O   . HOH D 4 .   ? 20.703  4.044   3.821   1.00   27.80 ? 492 HOH A O   1 
HETATM 1651 O O   . HOH D 4 .   ? -7.317  -12.242 4.728   1.00   25.32 ? 493 HOH A O   1 
HETATM 1652 O O   . HOH D 4 .   ? 16.903  8.257   -7.486  1.00   31.52 ? 494 HOH A O   1 
HETATM 1653 O O   . HOH D 4 .   ? -12.731 2.631   -9.637  1.00   26.25 ? 495 HOH A O   1 
HETATM 1654 O O   . HOH D 4 .   ? -9.769  -12.864 6.605   1.00   26.62 ? 496 HOH A O   1 
HETATM 1655 O O   . HOH D 4 .   ? 19.829  2.027   6.236   1.00   26.49 ? 497 HOH A O   1 
HETATM 1656 O O   . HOH D 4 .   ? -14.416 -13.910 7.415   1.00   27.52 ? 498 HOH A O   1 
HETATM 1657 O O   . HOH D 4 .   ? -16.676 -2.601  0.902   1.00   21.97 ? 499 HOH A O   1 
HETATM 1658 O O   . HOH D 4 .   ? 3.920   11.925  3.821   1.00   25.14 ? 500 HOH A O   1 
HETATM 1659 O O   . HOH D 4 .   ? -12.865 3.869   -0.339  1.00   22.69 ? 501 HOH A O   1 
HETATM 1660 O O   . HOH D 4 .   ? -16.689 -4.876  -5.840  1.00   25.94 ? 502 HOH A O   1 
HETATM 1661 O O   . HOH D 4 .   ? 21.099  -0.794  0.163   1.00   23.02 ? 503 HOH A O   1 
HETATM 1662 O O   . HOH D 4 .   ? 1.290   -7.762  5.201   1.00   23.37 ? 504 HOH A O   1 
HETATM 1663 O O   . HOH D 4 .   ? 21.174  1.536   2.866   1.00   33.07 ? 505 HOH A O   1 
HETATM 1664 O O   . HOH D 4 .   ? -13.976 0.696   -11.136 1.00   24.77 ? 506 HOH A O   1 
HETATM 1665 O O   . HOH D 4 .   ? -20.052 5.157   12.023  1.00   30.81 ? 507 HOH A O   1 
HETATM 1666 O O   . HOH D 4 .   ? 5.534   -6.258  16.780  1.00   25.57 ? 508 HOH A O   1 
HETATM 1667 O O   . HOH D 4 .   ? 4.399   11.915  17.775  1.00   27.33 ? 509 HOH A O   1 
HETATM 1668 O O   . HOH D 4 .   ? 8.335   6.238   19.288  1.00   27.94 ? 510 HOH A O   1 
HETATM 1669 O O   . HOH D 4 .   ? -11.412 4.775   -16.825 1.00   28.67 ? 511 HOH A O   1 
HETATM 1670 O O   . HOH D 4 .   ? -7.318  7.831   -19.818 1.00   28.61 ? 512 HOH A O   1 
HETATM 1671 O O   . HOH D 4 .   ? -10.662 7.603   2.358   1.00   30.71 ? 513 HOH A O   1 
HETATM 1672 O O   . HOH D 4 .   ? -7.402  12.902  -13.598 1.00   28.56 ? 514 HOH A O   1 
HETATM 1673 O O   . HOH D 4 .   ? 10.047  -0.632  16.987  1.00   30.42 ? 515 HOH A O   1 
HETATM 1674 O O   . HOH D 4 .   ? 0.838   10.981  7.236   1.00   25.57 ? 516 HOH A O   1 
HETATM 1675 O O   . HOH D 4 .   ? -5.849  11.836  8.065   1.00   29.50 ? 517 HOH A O   1 
HETATM 1676 O O   . HOH D 4 .   ? -12.794 13.670  13.449  1.00   28.86 ? 518 HOH A O   1 
HETATM 1677 O O   . HOH D 4 .   ? -0.302  12.099  0.270   1.00   37.49 ? 519 HOH A O   1 
HETATM 1678 O O   . HOH D 4 .   ? -3.655  8.974   3.782   1.00   26.48 ? 520 HOH A O   1 
HETATM 1679 O O   . HOH D 4 .   ? -8.578  10.604  6.796   1.00   29.34 ? 521 HOH A O   1 
HETATM 1680 O O   . HOH D 4 .   ? -12.181 11.302  9.167   1.00   26.95 ? 522 HOH A O   1 
HETATM 1681 O O   . HOH D 4 .   ? -21.017 -14.278 -15.504 1.00   28.66 ? 523 HOH A O   1 
HETATM 1682 O O   . HOH D 4 .   ? 1.687   13.397  -1.166  1.00   33.38 ? 524 HOH A O   1 
HETATM 1683 O O   . HOH D 4 .   ? -20.197 -1.323  4.685   1.00   29.57 ? 525 HOH A O   1 
HETATM 1684 O O   . HOH D 4 .   ? -12.738 0.386   -17.775 1.00   27.23 ? 526 HOH A O   1 
HETATM 1685 O O   . HOH D 4 .   ? -1.067  2.849   21.058  1.00   28.05 ? 527 HOH A O   1 
HETATM 1686 O O   . HOH D 4 .   ? -3.365  -12.049 3.736   1.00   27.12 ? 528 HOH A O   1 
HETATM 1687 O O   . HOH D 4 .   ? 11.655  -8.593  11.606  1.00   29.10 ? 529 HOH A O   1 
HETATM 1688 O O   . HOH D 4 .   ? 22.769  1.051   -4.396  1.00   15.00 ? 530 HOH A O   1 
HETATM 1689 O O   . HOH D 4 .   ? 17.254  7.089   9.433   1.00   15.48 ? 531 HOH A O   1 
HETATM 1690 O O   . HOH D 4 .   ? -17.210 -14.090 -16.397 1.00   19.86 ? 532 HOH A O   1 
HETATM 1691 O O   . HOH D 4 .   ? 2.485   -8.078  2.600   1.00   22.65 ? 533 HOH A O   1 
HETATM 1692 O O   . HOH D 4 .   ? 0.535   -10.244 3.260   1.00   32.83 ? 534 HOH A O   1 
HETATM 1693 O O   . HOH D 4 .   ? 0.040   -10.338 0.532   1.00   38.68 ? 535 HOH A O   1 
HETATM 1694 O O   . HOH D 4 .   ? -0.522  -6.612  -6.708  1.00   23.99 ? 536 HOH A O   1 
HETATM 1695 O O   . HOH D 4 .   ? -14.495 -9.827  10.463  1.00   27.99 ? 537 HOH A O   1 
HETATM 1696 O O   . HOH D 4 .   ? 11.425  2.634   -14.702 1.00   25.18 ? 538 HOH A O   1 
HETATM 1697 O O   . HOH D 4 .   ? 9.966   0.436   -14.763 1.00   29.73 ? 539 HOH A O   1 
HETATM 1698 O O   . HOH D 4 .   ? 16.468  -4.618  12.043  1.00   34.12 ? 540 HOH A O   1 
HETATM 1699 O O   . HOH D 4 .   ? 13.678  -4.598  12.200  1.00   30.51 ? 541 HOH A O   1 
HETATM 1700 O O   . HOH D 4 .   ? 3.017   11.437  15.432  1.00   21.06 ? 542 HOH A O   1 
HETATM 1701 O O   . HOH D 4 .   ? 3.504   13.160  8.946   1.00   29.77 ? 543 HOH A O   1 
HETATM 1702 O O   . HOH D 4 .   ? 4.791   14.122  2.143   1.00   29.02 ? 544 HOH A O   1 
HETATM 1703 O O   . HOH D 4 .   ? -3.888  11.053  -1.350  1.00   33.56 ? 545 HOH A O   1 
HETATM 1704 O O   . HOH D 4 .   ? -6.494  9.460   1.731   1.00   34.27 ? 546 HOH A O   1 
HETATM 1705 O O   . HOH D 4 .   ? -1.836  4.660   -20.387 1.00   29.73 ? 547 HOH A O   1 
HETATM 1706 O O   . HOH D 4 .   ? -2.828  0.701   -20.163 1.00   37.46 ? 548 HOH A O   1 
HETATM 1707 O O   . HOH D 4 .   ? -1.308  0.917   -23.148 1.00   39.24 ? 549 HOH A O   1 
HETATM 1708 O O   . HOH D 4 .   ? -6.919  0.409   -20.559 1.00   43.02 ? 550 HOH A O   1 
HETATM 1709 O O   . HOH D 4 .   ? 20.314  8.204   -4.598  1.00   31.60 ? 551 HOH A O   1 
HETATM 1710 O O   . HOH D 4 .   ? 11.707  -6.495  -9.231  1.00   33.74 ? 552 HOH A O   1 
HETATM 1711 O O   . HOH D 4 .   ? -6.016  -11.820 8.541   1.00   25.78 ? 553 HOH A O   1 
HETATM 1712 O O   . HOH D 4 .   ? -13.314 -2.176  -16.722 1.00   22.93 ? 554 HOH A O   1 
HETATM 1713 O O   . HOH D 4 .   ? -1.874  14.727  -3.357  1.00   32.22 ? 555 HOH A O   1 
HETATM 1714 O O   . HOH D 4 .   ? 3.029   -10.165 -2.761  1.00   37.92 ? 556 HOH A O   1 
HETATM 1715 O O   . HOH D 4 .   ? 3.632   -8.684  -5.433  1.00   36.15 ? 557 HOH A O   1 
HETATM 1716 O O   . HOH D 4 .   ? 4.661   -8.794  9.728   1.00   29.16 ? 558 HOH A O   1 
HETATM 1717 O O   . HOH D 4 .   ? 4.938   -7.843  6.635   1.00   30.45 ? 559 HOH A O   1 
HETATM 1718 O O   . HOH D 4 .   ? 5.774   18.950  -10.030 1.00   23.41 ? 560 HOH A O   1 
HETATM 1719 O O   . HOH D 4 .   ? -2.024  19.584  -16.769 1.00   32.43 ? 561 HOH A O   1 
HETATM 1720 O O   . HOH D 4 .   ? -7.713  13.809  -7.590  1.00   33.07 ? 562 HOH A O   1 
# 
